data_1Y5O
#
_entry.id   1Y5O
#
_cell.length_a   1.000
_cell.length_b   1.000
_cell.length_c   1.000
_cell.angle_alpha   90.00
_cell.angle_beta   90.00
_cell.angle_gamma   90.00
#
_symmetry.space_group_name_H-M   'P 1'
#
_entity_poly.entity_id   1
_entity_poly.type   'polypeptide(L)'
_entity_poly.pdbx_seq_one_letter_code
;PSHSGAAIFEKVSGIIAINEDVSPAELTWRSTDGDKVHTVVLSTIDKLQATPASSEKMMLRLIGKVDESKKRKDNEGNEV
VPKPQRHMFSFNNRTVMDNIKMTLQQIISRYKDAD
;
_entity_poly.pdbx_strand_id   A
#
# COMPACT_ATOMS: atom_id res chain seq x y z
N PRO A 1 7.83 -5.73 15.77
CA PRO A 1 7.61 -6.00 14.35
C PRO A 1 6.36 -5.29 13.82
N SER A 2 6.21 -4.02 14.17
CA SER A 2 5.06 -3.23 13.74
C SER A 2 5.21 -2.81 12.28
N HIS A 3 6.45 -2.56 11.86
CA HIS A 3 6.72 -2.14 10.49
C HIS A 3 6.67 -3.33 9.53
N SER A 4 6.87 -4.53 10.07
CA SER A 4 6.84 -5.74 9.26
C SER A 4 5.79 -6.72 9.77
N GLY A 5 4.95 -7.19 8.86
CA GLY A 5 3.90 -8.13 9.22
C GLY A 5 3.44 -8.94 8.04
N ALA A 6 2.88 -10.12 8.31
CA ALA A 6 2.40 -10.98 7.23
C ALA A 6 1.18 -10.40 6.55
N ALA A 7 1.13 -10.50 5.23
CA ALA A 7 0.02 -9.98 4.45
C ALA A 7 -0.10 -10.66 3.10
N ILE A 8 -1.33 -10.82 2.62
CA ILE A 8 -1.59 -11.46 1.33
C ILE A 8 -1.76 -10.42 0.23
N PHE A 9 -1.25 -10.75 -0.95
CA PHE A 9 -1.37 -9.88 -2.10
C PHE A 9 -1.55 -10.70 -3.37
N GLU A 10 -2.78 -10.70 -3.89
CA GLU A 10 -3.12 -11.45 -5.10
C GLU A 10 -3.31 -12.93 -4.79
N LYS A 11 -4.12 -13.22 -3.77
CA LYS A 11 -4.41 -14.59 -3.38
C LYS A 11 -3.17 -15.37 -2.93
N VAL A 12 -2.08 -14.65 -2.68
CA VAL A 12 -0.86 -15.28 -2.21
C VAL A 12 -0.43 -14.62 -0.92
N SER A 13 0.00 -15.42 0.04
CA SER A 13 0.41 -14.87 1.33
C SER A 13 1.92 -14.79 1.47
N GLY A 14 2.37 -13.75 2.15
CA GLY A 14 3.78 -13.53 2.36
C GLY A 14 4.03 -12.51 3.45
N ILE A 15 5.29 -12.23 3.74
CA ILE A 15 5.62 -11.27 4.78
C ILE A 15 5.77 -9.87 4.19
N ILE A 16 5.07 -8.92 4.79
CA ILE A 16 5.08 -7.54 4.36
C ILE A 16 5.99 -6.70 5.24
N ALA A 17 6.99 -6.07 4.63
CA ALA A 17 7.92 -5.22 5.36
C ALA A 17 7.87 -3.79 4.86
N ILE A 18 8.02 -2.84 5.77
CA ILE A 18 7.97 -1.43 5.40
C ILE A 18 9.38 -0.85 5.32
N ASN A 19 9.77 -0.44 4.12
CA ASN A 19 11.10 0.13 3.90
C ASN A 19 11.02 1.65 3.84
N GLU A 20 11.55 2.29 4.87
CA GLU A 20 11.56 3.75 4.94
C GLU A 20 12.98 4.29 4.84
N ASP A 21 13.96 3.40 4.83
CA ASP A 21 15.35 3.80 4.74
C ASP A 21 15.63 4.54 3.44
N VAL A 22 14.75 4.36 2.46
CA VAL A 22 14.91 5.02 1.18
C VAL A 22 14.07 6.30 1.12
N SER A 23 13.84 6.78 -0.09
CA SER A 23 13.05 7.99 -0.29
C SER A 23 12.63 8.14 -1.75
N PRO A 24 11.33 8.04 -2.05
CA PRO A 24 10.28 7.80 -1.04
C PRO A 24 10.29 6.37 -0.53
N ALA A 25 9.84 6.19 0.71
CA ALA A 25 9.78 4.86 1.32
C ALA A 25 9.00 3.89 0.44
N GLU A 26 9.01 2.62 0.80
CA GLU A 26 8.29 1.60 0.03
C GLU A 26 7.93 0.39 0.87
N LEU A 27 6.82 -0.25 0.54
CA LEU A 27 6.36 -1.43 1.26
C LEU A 27 6.72 -2.70 0.49
N THR A 28 7.55 -3.54 1.10
CA THR A 28 7.99 -4.76 0.49
C THR A 28 7.10 -5.94 0.88
N TRP A 29 6.91 -6.86 -0.05
CA TRP A 29 6.09 -8.05 0.18
C TRP A 29 6.80 -9.29 -0.34
N ARG A 30 7.21 -10.15 0.57
CA ARG A 30 7.89 -11.39 0.20
C ARG A 30 6.93 -12.57 0.38
N SER A 31 6.79 -13.38 -0.66
CA SER A 31 5.90 -14.53 -0.60
C SER A 31 6.35 -15.50 0.49
N THR A 32 5.44 -16.37 0.90
CA THR A 32 5.72 -17.36 1.91
C THR A 32 6.86 -18.27 1.45
N ASP A 33 6.90 -18.49 0.15
CA ASP A 33 7.92 -19.33 -0.45
C ASP A 33 9.28 -18.63 -0.46
N GLY A 34 9.25 -17.32 -0.60
CA GLY A 34 10.46 -16.55 -0.64
C GLY A 34 11.10 -16.53 -2.02
N ASP A 35 10.26 -16.72 -3.03
CA ASP A 35 10.73 -16.73 -4.41
C ASP A 35 10.24 -15.49 -5.17
N LYS A 36 9.20 -14.86 -4.65
CA LYS A 36 8.64 -13.66 -5.28
C LYS A 36 8.56 -12.52 -4.27
N VAL A 37 9.14 -11.38 -4.63
CA VAL A 37 9.12 -10.22 -3.76
C VAL A 37 8.52 -9.01 -4.47
N HIS A 38 7.48 -8.45 -3.87
CA HIS A 38 6.79 -7.29 -4.43
C HIS A 38 7.08 -6.04 -3.61
N THR A 39 7.24 -4.93 -4.30
CA THR A 39 7.50 -3.66 -3.63
C THR A 39 6.44 -2.62 -4.00
N VAL A 40 5.95 -1.90 -3.00
CA VAL A 40 4.92 -0.89 -3.21
C VAL A 40 5.43 0.50 -2.83
N VAL A 41 4.98 1.51 -3.55
CA VAL A 41 5.38 2.89 -3.29
C VAL A 41 4.38 3.56 -2.34
N LEU A 42 4.88 4.05 -1.22
CA LEU A 42 4.04 4.70 -0.22
C LEU A 42 3.86 6.18 -0.54
N SER A 43 4.65 6.70 -1.47
CA SER A 43 4.56 8.11 -1.86
C SER A 43 3.40 8.32 -2.82
N THR A 44 3.02 7.27 -3.54
CA THR A 44 1.93 7.35 -4.48
C THR A 44 0.61 6.91 -3.85
N ILE A 45 0.58 6.86 -2.52
CA ILE A 45 -0.62 6.47 -1.80
C ILE A 45 -1.38 7.69 -1.28
N ASP A 46 -2.37 8.11 -2.06
CA ASP A 46 -3.18 9.27 -1.69
C ASP A 46 -3.87 9.03 -0.35
N LYS A 47 -4.20 7.78 -0.07
CA LYS A 47 -4.86 7.42 1.17
C LYS A 47 -4.76 5.91 1.44
N LEU A 48 -5.16 5.50 2.63
CA LEU A 48 -5.12 4.09 3.01
C LEU A 48 -6.48 3.62 3.52
N GLN A 49 -7.09 2.69 2.78
CA GLN A 49 -8.40 2.17 3.16
C GLN A 49 -8.26 0.79 3.78
N ALA A 50 -9.15 0.49 4.73
CA ALA A 50 -9.13 -0.81 5.41
C ALA A 50 -10.55 -1.30 5.67
N THR A 51 -10.69 -2.61 5.85
CA THR A 51 -11.99 -3.21 6.11
C THR A 51 -12.49 -2.85 7.51
N PRO A 52 -13.82 -2.74 7.68
CA PRO A 52 -14.42 -2.39 8.97
C PRO A 52 -14.27 -3.50 10.00
N ALA A 53 -14.44 -3.15 11.28
CA ALA A 53 -14.32 -4.12 12.36
C ALA A 53 -15.47 -5.13 12.34
N SER A 54 -16.50 -4.84 11.54
CA SER A 54 -17.65 -5.73 11.44
C SER A 54 -17.46 -6.76 10.33
N SER A 55 -16.31 -6.71 9.66
CA SER A 55 -16.01 -7.64 8.58
C SER A 55 -14.97 -8.65 9.02
N GLU A 56 -15.38 -9.91 9.13
CA GLU A 56 -14.47 -10.98 9.53
C GLU A 56 -13.28 -11.06 8.59
N LYS A 57 -13.42 -10.48 7.40
CA LYS A 57 -12.37 -10.50 6.40
C LYS A 57 -11.44 -9.29 6.58
N MET A 58 -10.18 -9.55 6.91
CA MET A 58 -9.20 -8.49 7.11
C MET A 58 -8.48 -8.18 5.80
N MET A 59 -8.67 -6.97 5.30
CA MET A 59 -8.03 -6.54 4.06
C MET A 59 -7.79 -5.04 4.06
N LEU A 60 -6.59 -4.64 3.67
CA LEU A 60 -6.23 -3.21 3.61
C LEU A 60 -5.94 -2.79 2.17
N ARG A 61 -6.72 -1.83 1.69
CA ARG A 61 -6.56 -1.32 0.32
C ARG A 61 -5.89 0.05 0.32
N LEU A 62 -4.97 0.24 -0.61
CA LEU A 62 -4.25 1.51 -0.72
C LEU A 62 -4.54 2.17 -2.07
N ILE A 63 -4.95 3.43 -2.03
CA ILE A 63 -5.27 4.18 -3.24
C ILE A 63 -4.00 4.73 -3.88
N GLY A 64 -3.72 4.32 -5.11
CA GLY A 64 -2.54 4.78 -5.80
C GLY A 64 -2.79 6.04 -6.60
N LYS A 65 -3.41 7.04 -5.95
CA LYS A 65 -3.71 8.30 -6.62
C LYS A 65 -4.41 8.08 -7.95
N VAL A 66 -4.67 9.17 -8.67
CA VAL A 66 -5.34 9.09 -9.96
C VAL A 66 -4.36 9.38 -11.10
N ASP A 67 -3.90 10.62 -11.17
CA ASP A 67 -2.96 11.03 -12.22
C ASP A 67 -1.54 10.58 -11.88
N GLU A 68 -0.91 9.89 -12.82
CA GLU A 68 0.45 9.40 -12.63
C GLU A 68 1.21 9.38 -13.95
N SER A 69 0.99 10.41 -14.77
CA SER A 69 1.65 10.51 -16.06
C SER A 69 3.13 10.86 -15.90
N LYS A 70 3.44 11.54 -14.79
CA LYS A 70 4.82 11.94 -14.50
C LYS A 70 5.55 10.86 -13.72
N LYS A 71 4.81 10.08 -12.95
CA LYS A 71 5.40 9.02 -12.14
C LYS A 71 5.59 7.75 -12.98
N ARG A 72 6.70 7.06 -12.73
CA ARG A 72 7.00 5.83 -13.46
C ARG A 72 5.93 4.78 -13.23
N LYS A 73 5.45 4.17 -14.31
CA LYS A 73 4.42 3.14 -14.22
C LYS A 73 5.02 1.81 -13.78
N ASP A 74 4.24 1.04 -13.02
CA ASP A 74 4.71 -0.26 -12.53
C ASP A 74 4.97 -1.21 -13.69
N ASN A 75 4.31 -0.97 -14.81
CA ASN A 75 4.46 -1.80 -16.00
C ASN A 75 3.79 -3.16 -15.84
N GLU A 76 3.14 -3.37 -14.69
CA GLU A 76 2.46 -4.64 -14.42
C GLU A 76 0.97 -4.52 -14.70
N GLY A 77 0.63 -4.29 -15.97
CA GLY A 77 -0.77 -4.16 -16.34
C GLY A 77 -1.21 -2.72 -16.48
N ASN A 78 -0.25 -1.79 -16.42
CA ASN A 78 -0.55 -0.37 -16.54
C ASN A 78 -0.38 0.11 -17.98
N GLU A 79 -1.36 0.85 -18.47
CA GLU A 79 -1.31 1.37 -19.84
C GLU A 79 -1.15 2.88 -19.84
N VAL A 80 -0.91 3.44 -21.02
CA VAL A 80 -0.74 4.89 -21.16
C VAL A 80 -1.97 5.63 -20.67
N VAL A 81 -3.14 5.05 -20.90
CA VAL A 81 -4.40 5.67 -20.48
C VAL A 81 -4.39 5.97 -18.98
N PRO A 82 -4.31 7.26 -18.59
CA PRO A 82 -4.30 7.65 -17.19
C PRO A 82 -5.47 7.06 -16.40
N LYS A 83 -5.15 6.26 -15.39
CA LYS A 83 -6.18 5.63 -14.56
C LYS A 83 -5.66 5.39 -13.15
N PRO A 84 -6.55 5.47 -12.14
CA PRO A 84 -6.17 5.25 -10.74
C PRO A 84 -5.88 3.78 -10.44
N GLN A 85 -4.75 3.53 -9.78
CA GLN A 85 -4.36 2.18 -9.42
C GLN A 85 -4.47 1.96 -7.92
N ARG A 86 -5.19 0.92 -7.52
CA ARG A 86 -5.38 0.61 -6.11
C ARG A 86 -4.83 -0.77 -5.78
N HIS A 87 -4.17 -0.88 -4.63
CA HIS A 87 -3.60 -2.16 -4.19
C HIS A 87 -4.36 -2.70 -2.98
N MET A 88 -5.11 -3.78 -3.20
CA MET A 88 -5.89 -4.39 -2.12
C MET A 88 -5.12 -5.57 -1.52
N PHE A 89 -4.91 -5.52 -0.20
CA PHE A 89 -4.20 -6.59 0.48
C PHE A 89 -5.13 -7.37 1.40
N SER A 90 -4.77 -8.62 1.65
CA SER A 90 -5.57 -9.49 2.52
C SER A 90 -4.75 -9.91 3.73
N PHE A 91 -5.23 -9.55 4.92
CA PHE A 91 -4.54 -9.89 6.16
C PHE A 91 -5.13 -11.12 6.83
N ASN A 92 -4.25 -12.00 7.27
CA ASN A 92 -4.67 -13.21 7.96
C ASN A 92 -4.59 -13.04 9.47
N ASN A 93 -4.40 -11.79 9.90
CA ASN A 93 -4.30 -11.48 11.33
C ASN A 93 -4.78 -10.07 11.62
N ARG A 94 -5.77 -9.98 12.51
CA ARG A 94 -6.33 -8.68 12.88
C ARG A 94 -5.25 -7.80 13.52
N THR A 95 -4.48 -8.38 14.43
CA THR A 95 -3.42 -7.67 15.10
C THR A 95 -2.33 -7.27 14.13
N VAL A 96 -2.10 -8.13 13.14
CA VAL A 96 -1.09 -7.88 12.13
C VAL A 96 -1.52 -6.76 11.20
N MET A 97 -2.80 -6.73 10.88
CA MET A 97 -3.33 -5.69 10.00
C MET A 97 -3.40 -4.36 10.74
N ASP A 98 -3.66 -4.42 12.04
CA ASP A 98 -3.74 -3.22 12.85
C ASP A 98 -2.36 -2.64 13.10
N ASN A 99 -1.36 -3.51 13.13
CA ASN A 99 0.01 -3.10 13.36
C ASN A 99 0.56 -2.38 12.13
N ILE A 100 0.09 -2.80 10.97
CA ILE A 100 0.52 -2.20 9.71
C ILE A 100 -0.32 -0.98 9.36
N LYS A 101 -1.63 -1.10 9.54
CA LYS A 101 -2.55 -0.01 9.25
C LYS A 101 -2.14 1.28 9.97
N MET A 102 -1.92 1.17 11.27
CA MET A 102 -1.53 2.34 12.07
C MET A 102 -0.15 2.83 11.68
N THR A 103 0.72 1.90 11.31
CA THR A 103 2.08 2.23 10.91
C THR A 103 2.07 2.89 9.53
N LEU A 104 1.21 2.41 8.64
CA LEU A 104 1.11 2.96 7.31
C LEU A 104 0.53 4.38 7.37
N GLN A 105 -0.35 4.62 8.33
CA GLN A 105 -0.97 5.93 8.49
C GLN A 105 0.07 6.96 8.91
N GLN A 106 1.05 6.52 9.68
CA GLN A 106 2.11 7.40 10.14
C GLN A 106 2.94 7.90 8.96
N ILE A 107 3.23 7.00 8.03
CA ILE A 107 4.00 7.36 6.85
C ILE A 107 3.29 8.48 6.09
N ILE A 108 1.97 8.35 5.97
CA ILE A 108 1.16 9.36 5.30
C ILE A 108 1.42 10.73 5.89
N SER A 109 1.30 10.78 7.20
CA SER A 109 1.50 12.01 7.94
C SER A 109 2.88 12.61 7.66
N ARG A 110 3.84 11.73 7.38
CA ARG A 110 5.20 12.17 7.09
C ARG A 110 5.28 12.83 5.73
N TYR A 111 4.44 12.37 4.81
CA TYR A 111 4.41 12.92 3.46
C TYR A 111 3.79 14.32 3.47
N LYS A 112 2.90 14.54 4.42
CA LYS A 112 2.22 15.83 4.55
C LYS A 112 3.20 16.90 5.03
N ASP A 113 4.15 16.49 5.86
CA ASP A 113 5.16 17.42 6.39
C ASP A 113 5.96 18.06 5.26
N ALA A 114 6.24 17.27 4.23
CA ALA A 114 7.01 17.75 3.09
C ALA A 114 6.29 18.90 2.40
N ASP A 115 4.96 18.86 2.40
CA ASP A 115 4.16 19.89 1.78
C ASP A 115 2.68 19.69 2.06
N PRO A 1 8.03 -5.75 17.16
CA PRO A 1 7.67 -5.99 15.75
C PRO A 1 6.33 -5.35 15.39
N SER A 2 6.32 -4.55 14.34
CA SER A 2 5.11 -3.88 13.89
C SER A 2 5.23 -3.43 12.44
N HIS A 3 6.36 -2.83 12.11
CA HIS A 3 6.60 -2.35 10.76
C HIS A 3 6.52 -3.50 9.74
N SER A 4 6.77 -4.71 10.22
CA SER A 4 6.72 -5.88 9.36
C SER A 4 5.63 -6.84 9.81
N GLY A 5 4.76 -7.23 8.88
CA GLY A 5 3.68 -8.15 9.19
C GLY A 5 3.23 -8.91 7.96
N ALA A 6 2.79 -10.14 8.16
CA ALA A 6 2.32 -10.96 7.04
C ALA A 6 1.10 -10.34 6.38
N ALA A 7 1.09 -10.39 5.05
CA ALA A 7 -0.02 -9.85 4.28
C ALA A 7 -0.13 -10.50 2.91
N ILE A 8 -1.37 -10.61 2.40
CA ILE A 8 -1.61 -11.21 1.11
C ILE A 8 -1.72 -10.16 0.01
N PHE A 9 -1.20 -10.50 -1.16
CA PHE A 9 -1.26 -9.62 -2.31
C PHE A 9 -1.43 -10.42 -3.58
N GLU A 10 -2.64 -10.38 -4.14
CA GLU A 10 -2.98 -11.10 -5.35
C GLU A 10 -3.22 -12.58 -5.07
N LYS A 11 -4.06 -12.86 -4.07
CA LYS A 11 -4.41 -14.22 -3.69
C LYS A 11 -3.20 -15.03 -3.22
N VAL A 12 -2.09 -14.35 -2.94
CA VAL A 12 -0.91 -15.02 -2.45
C VAL A 12 -0.48 -14.37 -1.14
N SER A 13 -0.08 -15.19 -0.18
CA SER A 13 0.31 -14.67 1.13
C SER A 13 1.82 -14.61 1.28
N GLY A 14 2.28 -13.58 1.98
CA GLY A 14 3.69 -13.39 2.22
C GLY A 14 3.94 -12.39 3.33
N ILE A 15 5.19 -12.14 3.63
CA ILE A 15 5.54 -11.19 4.68
C ILE A 15 5.73 -9.79 4.11
N ILE A 16 5.01 -8.84 4.71
CA ILE A 16 5.06 -7.44 4.28
C ILE A 16 5.93 -6.63 5.23
N ALA A 17 6.99 -6.04 4.70
CA ALA A 17 7.90 -5.23 5.50
C ALA A 17 7.86 -3.77 5.06
N ILE A 18 7.94 -2.88 6.04
CA ILE A 18 7.91 -1.45 5.75
C ILE A 18 9.31 -0.84 5.91
N ASN A 19 9.92 -0.48 4.79
CA ASN A 19 11.24 0.11 4.81
C ASN A 19 11.17 1.61 4.56
N GLU A 20 11.44 2.39 5.59
CA GLU A 20 11.41 3.85 5.48
C GLU A 20 12.78 4.40 5.09
N ASP A 21 13.81 3.58 5.21
CA ASP A 21 15.16 4.01 4.86
C ASP A 21 15.20 4.57 3.44
N VAL A 22 14.24 4.13 2.62
CA VAL A 22 14.14 4.59 1.25
C VAL A 22 13.42 5.93 1.17
N SER A 23 13.71 6.69 0.12
CA SER A 23 13.08 7.99 -0.07
C SER A 23 12.71 8.21 -1.53
N PRO A 24 11.41 8.16 -1.87
CA PRO A 24 10.33 7.92 -0.90
C PRO A 24 10.36 6.49 -0.36
N ALA A 25 9.90 6.32 0.88
CA ALA A 25 9.86 5.01 1.51
C ALA A 25 9.09 4.01 0.65
N GLU A 26 9.13 2.74 1.05
CA GLU A 26 8.44 1.69 0.30
C GLU A 26 8.12 0.49 1.19
N LEU A 27 7.11 -0.28 0.81
CA LEU A 27 6.70 -1.46 1.55
C LEU A 27 6.97 -2.73 0.75
N THR A 28 7.84 -3.58 1.26
CA THR A 28 8.22 -4.81 0.60
C THR A 28 7.26 -5.95 0.95
N TRP A 29 7.07 -6.84 -0.02
CA TRP A 29 6.20 -8.00 0.17
C TRP A 29 6.88 -9.27 -0.32
N ARG A 30 7.25 -10.13 0.60
CA ARG A 30 7.90 -11.40 0.24
C ARG A 30 6.92 -12.55 0.37
N SER A 31 6.76 -13.34 -0.69
CA SER A 31 5.84 -14.45 -0.67
C SER A 31 6.23 -15.45 0.41
N THR A 32 5.27 -16.28 0.81
CA THR A 32 5.50 -17.29 1.81
C THR A 32 6.59 -18.25 1.36
N ASP A 33 6.65 -18.44 0.06
CA ASP A 33 7.64 -19.34 -0.54
C ASP A 33 9.03 -18.71 -0.49
N GLY A 34 9.08 -17.39 -0.61
CA GLY A 34 10.34 -16.69 -0.58
C GLY A 34 11.00 -16.67 -1.94
N ASP A 35 10.18 -16.80 -2.98
CA ASP A 35 10.68 -16.79 -4.35
C ASP A 35 10.25 -15.54 -5.10
N LYS A 36 9.21 -14.88 -4.59
CA LYS A 36 8.70 -13.67 -5.21
C LYS A 36 8.65 -12.53 -4.21
N VAL A 37 9.27 -11.40 -4.55
CA VAL A 37 9.31 -10.24 -3.69
C VAL A 37 8.78 -9.00 -4.40
N HIS A 38 7.72 -8.43 -3.84
CA HIS A 38 7.10 -7.24 -4.42
C HIS A 38 7.38 -6.00 -3.57
N THR A 39 7.61 -4.89 -4.23
CA THR A 39 7.88 -3.63 -3.55
C THR A 39 6.76 -2.63 -3.82
N VAL A 40 6.25 -2.02 -2.76
CA VAL A 40 5.17 -1.05 -2.86
C VAL A 40 5.66 0.36 -2.56
N VAL A 41 5.24 1.32 -3.37
CA VAL A 41 5.62 2.71 -3.17
C VAL A 41 4.59 3.43 -2.33
N LEU A 42 5.03 4.05 -1.24
CA LEU A 42 4.14 4.76 -0.34
C LEU A 42 3.94 6.21 -0.76
N SER A 43 4.76 6.68 -1.71
CA SER A 43 4.65 8.05 -2.19
C SER A 43 3.51 8.18 -3.18
N THR A 44 3.23 7.09 -3.90
CA THR A 44 2.16 7.08 -4.89
C THR A 44 0.80 6.88 -4.23
N ILE A 45 0.81 6.33 -3.02
CA ILE A 45 -0.43 6.07 -2.29
C ILE A 45 -1.13 7.37 -1.91
N ASP A 46 -2.12 7.76 -2.71
CA ASP A 46 -2.87 8.99 -2.45
C ASP A 46 -3.64 8.87 -1.13
N LYS A 47 -4.00 7.64 -0.77
CA LYS A 47 -4.73 7.40 0.47
C LYS A 47 -4.66 5.93 0.84
N LEU A 48 -5.11 5.61 2.06
CA LEU A 48 -5.09 4.23 2.54
C LEU A 48 -6.32 3.94 3.38
N GLN A 49 -6.94 2.77 3.13
CA GLN A 49 -8.13 2.37 3.86
C GLN A 49 -7.99 0.94 4.37
N ALA A 50 -8.83 0.57 5.33
CA ALA A 50 -8.80 -0.76 5.92
C ALA A 50 -10.20 -1.27 6.20
N THR A 51 -10.33 -2.59 6.38
CA THR A 51 -11.62 -3.19 6.65
C THR A 51 -12.10 -2.84 8.06
N PRO A 52 -13.43 -2.71 8.26
CA PRO A 52 -14.00 -2.38 9.56
C PRO A 52 -13.81 -3.48 10.59
N ALA A 53 -13.92 -3.11 11.86
CA ALA A 53 -13.75 -4.07 12.96
C ALA A 53 -14.91 -5.08 13.00
N SER A 54 -15.97 -4.80 12.25
CA SER A 54 -17.13 -5.68 12.22
C SER A 54 -16.99 -6.75 11.13
N SER A 55 -15.89 -6.70 10.38
CA SER A 55 -15.65 -7.67 9.33
C SER A 55 -14.60 -8.67 9.74
N GLU A 56 -15.01 -9.93 9.88
CA GLU A 56 -14.10 -10.99 10.28
C GLU A 56 -12.95 -11.12 9.28
N LYS A 57 -13.15 -10.56 8.09
CA LYS A 57 -12.13 -10.60 7.05
C LYS A 57 -11.24 -9.36 7.10
N MET A 58 -9.94 -9.57 7.19
CA MET A 58 -8.99 -8.47 7.25
C MET A 58 -8.44 -8.15 5.87
N MET A 59 -8.65 -6.91 5.42
CA MET A 59 -8.18 -6.47 4.12
C MET A 59 -7.89 -4.98 4.11
N LEU A 60 -6.69 -4.62 3.66
CA LEU A 60 -6.28 -3.22 3.59
C LEU A 60 -6.07 -2.78 2.15
N ARG A 61 -6.86 -1.80 1.71
CA ARG A 61 -6.76 -1.29 0.36
C ARG A 61 -6.02 0.04 0.32
N LEU A 62 -5.18 0.22 -0.69
CA LEU A 62 -4.40 1.45 -0.83
C LEU A 62 -4.63 2.08 -2.21
N ILE A 63 -5.05 3.34 -2.21
CA ILE A 63 -5.31 4.06 -3.46
C ILE A 63 -4.12 4.93 -3.85
N GLY A 64 -3.76 4.89 -5.12
CA GLY A 64 -2.64 5.67 -5.60
C GLY A 64 -3.03 7.11 -5.93
N LYS A 65 -2.09 7.87 -6.47
CA LYS A 65 -2.33 9.26 -6.82
C LYS A 65 -2.13 9.49 -8.32
N VAL A 66 -2.27 10.74 -8.74
CA VAL A 66 -2.10 11.10 -10.15
C VAL A 66 -0.90 12.02 -10.34
N ASP A 67 -0.14 11.77 -11.40
CA ASP A 67 1.04 12.58 -11.70
C ASP A 67 0.64 13.96 -12.21
N GLU A 68 -0.02 14.74 -11.35
CA GLU A 68 -0.46 16.08 -11.71
C GLU A 68 -0.63 16.95 -10.46
N SER A 69 0.34 16.85 -9.55
CA SER A 69 0.29 17.63 -8.31
C SER A 69 0.24 19.12 -8.59
N LYS A 70 0.73 19.51 -9.76
CA LYS A 70 0.74 20.91 -10.16
C LYS A 70 -0.68 21.47 -10.25
N LYS A 71 -1.61 20.62 -10.68
CA LYS A 71 -3.01 21.02 -10.80
C LYS A 71 -3.86 20.36 -9.73
N ARG A 72 -4.81 21.11 -9.19
CA ARG A 72 -5.70 20.59 -8.15
C ARG A 72 -7.13 20.51 -8.65
N LYS A 73 -7.73 19.33 -8.54
CA LYS A 73 -9.10 19.11 -8.98
C LYS A 73 -10.09 19.76 -8.01
N ASP A 74 -11.33 19.92 -8.46
CA ASP A 74 -12.37 20.53 -7.64
C ASP A 74 -13.41 19.49 -7.22
N ASN A 75 -14.44 19.94 -6.52
CA ASN A 75 -15.50 19.06 -6.06
C ASN A 75 -16.86 19.48 -6.60
N GLU A 76 -16.87 20.54 -7.41
CA GLU A 76 -18.11 21.04 -7.99
C GLU A 76 -18.44 20.30 -9.29
N GLY A 77 -18.55 18.98 -9.19
CA GLY A 77 -18.85 18.16 -10.35
C GLY A 77 -17.63 17.79 -11.15
N ASN A 78 -16.45 17.94 -10.54
CA ASN A 78 -15.20 17.60 -11.21
C ASN A 78 -14.96 16.09 -11.18
N GLU A 79 -14.73 15.51 -12.36
CA GLU A 79 -14.48 14.08 -12.46
C GLU A 79 -12.99 13.80 -12.60
N VAL A 80 -12.60 12.56 -12.30
CA VAL A 80 -11.20 12.16 -12.40
C VAL A 80 -11.02 11.06 -13.44
N VAL A 81 -10.01 11.21 -14.29
CA VAL A 81 -9.73 10.23 -15.33
C VAL A 81 -8.77 9.14 -14.82
N PRO A 82 -8.76 7.97 -15.48
CA PRO A 82 -7.88 6.86 -15.08
C PRO A 82 -6.42 7.29 -14.95
N LYS A 83 -5.76 6.82 -13.89
CA LYS A 83 -4.37 7.15 -13.64
C LYS A 83 -3.86 6.48 -12.37
N PRO A 84 -4.48 6.80 -11.22
CA PRO A 84 -4.08 6.23 -9.92
C PRO A 84 -4.40 4.74 -9.83
N GLN A 85 -3.48 3.97 -9.28
CA GLN A 85 -3.66 2.52 -9.13
C GLN A 85 -4.08 2.19 -7.71
N ARG A 86 -4.86 1.12 -7.56
CA ARG A 86 -5.32 0.68 -6.25
C ARG A 86 -4.74 -0.67 -5.88
N HIS A 87 -4.27 -0.79 -4.64
CA HIS A 87 -3.69 -2.03 -4.15
C HIS A 87 -4.53 -2.61 -3.02
N MET A 88 -5.10 -3.78 -3.25
CA MET A 88 -5.93 -4.44 -2.25
C MET A 88 -5.16 -5.56 -1.55
N PHE A 89 -4.89 -5.36 -0.27
CA PHE A 89 -4.16 -6.35 0.52
C PHE A 89 -5.09 -7.15 1.42
N SER A 90 -4.81 -8.44 1.56
CA SER A 90 -5.61 -9.32 2.40
C SER A 90 -4.81 -9.80 3.60
N PHE A 91 -5.36 -9.58 4.80
CA PHE A 91 -4.67 -9.98 6.02
C PHE A 91 -5.28 -11.23 6.63
N ASN A 92 -4.42 -12.10 7.13
CA ASN A 92 -4.85 -13.34 7.76
C ASN A 92 -4.85 -13.18 9.28
N ASN A 93 -4.63 -11.95 9.76
CA ASN A 93 -4.60 -11.69 11.18
C ASN A 93 -5.03 -10.26 11.49
N ARG A 94 -6.02 -10.12 12.37
CA ARG A 94 -6.52 -8.80 12.75
C ARG A 94 -5.41 -7.97 13.40
N THR A 95 -4.62 -8.60 14.26
CA THR A 95 -3.54 -7.94 14.94
C THR A 95 -2.48 -7.47 13.95
N VAL A 96 -2.18 -8.34 13.00
CA VAL A 96 -1.19 -8.04 11.98
C VAL A 96 -1.71 -6.97 11.01
N MET A 97 -3.02 -6.98 10.79
CA MET A 97 -3.65 -6.02 9.91
C MET A 97 -3.79 -4.66 10.60
N ASP A 98 -3.97 -4.69 11.92
CA ASP A 98 -4.11 -3.47 12.68
C ASP A 98 -2.75 -2.86 12.99
N ASN A 99 -1.72 -3.70 13.04
CA ASN A 99 -0.37 -3.26 13.33
C ASN A 99 0.23 -2.55 12.12
N ILE A 100 -0.19 -2.98 10.93
CA ILE A 100 0.29 -2.38 9.69
C ILE A 100 -0.52 -1.16 9.32
N LYS A 101 -1.83 -1.25 9.49
CA LYS A 101 -2.73 -0.14 9.15
C LYS A 101 -2.27 1.17 9.79
N MET A 102 -1.85 1.10 11.05
CA MET A 102 -1.39 2.29 11.76
C MET A 102 -0.09 2.81 11.19
N THR A 103 0.85 1.91 10.97
CA THR A 103 2.15 2.26 10.43
C THR A 103 2.00 2.92 9.07
N LEU A 104 1.14 2.36 8.23
CA LEU A 104 0.91 2.90 6.90
C LEU A 104 0.30 4.29 6.99
N GLN A 105 -0.59 4.49 7.97
CA GLN A 105 -1.23 5.78 8.15
C GLN A 105 -0.23 6.83 8.61
N GLN A 106 0.75 6.39 9.39
CA GLN A 106 1.78 7.29 9.88
C GLN A 106 2.64 7.79 8.73
N ILE A 107 2.95 6.91 7.79
CA ILE A 107 3.74 7.28 6.63
C ILE A 107 3.04 8.39 5.86
N ILE A 108 1.73 8.26 5.71
CA ILE A 108 0.93 9.26 5.02
C ILE A 108 1.17 10.63 5.61
N SER A 109 1.03 10.69 6.92
CA SER A 109 1.21 11.92 7.68
C SER A 109 2.59 12.52 7.41
N ARG A 110 3.56 11.66 7.14
CA ARG A 110 4.92 12.10 6.88
C ARG A 110 5.01 12.76 5.50
N TYR A 111 4.20 12.27 4.57
CA TYR A 111 4.20 12.81 3.22
C TYR A 111 3.51 14.16 3.19
N LYS A 112 2.53 14.33 4.06
CA LYS A 112 1.78 15.58 4.15
C LYS A 112 2.63 16.67 4.80
N ASP A 113 3.46 16.27 5.77
CA ASP A 113 4.32 17.22 6.46
C ASP A 113 5.27 17.90 5.50
N ALA A 114 5.79 17.14 4.54
CA ALA A 114 6.72 17.67 3.55
C ALA A 114 6.06 18.76 2.71
N ASP A 115 4.77 18.61 2.46
CA ASP A 115 4.01 19.58 1.67
C ASP A 115 2.75 20.02 2.40
N PRO A 1 6.30 -7.07 17.01
CA PRO A 1 6.04 -7.15 15.55
C PRO A 1 5.54 -5.81 14.99
N SER A 2 6.46 -4.88 14.82
CA SER A 2 6.12 -3.56 14.29
C SER A 2 6.89 -3.27 13.00
N HIS A 3 6.27 -2.50 12.12
CA HIS A 3 6.89 -2.14 10.85
C HIS A 3 7.18 -3.39 10.02
N SER A 4 6.39 -4.44 10.22
CA SER A 4 6.56 -5.69 9.50
C SER A 4 5.52 -6.72 9.93
N GLY A 5 4.73 -7.19 8.97
CA GLY A 5 3.71 -8.17 9.26
C GLY A 5 3.28 -8.92 8.02
N ALA A 6 2.79 -10.14 8.19
CA ALA A 6 2.35 -10.95 7.07
C ALA A 6 1.13 -10.35 6.40
N ALA A 7 1.13 -10.37 5.07
CA ALA A 7 0.02 -9.82 4.30
C ALA A 7 -0.11 -10.50 2.94
N ILE A 8 -1.34 -10.60 2.44
CA ILE A 8 -1.59 -11.21 1.14
C ILE A 8 -1.70 -10.17 0.04
N PHE A 9 -1.19 -10.53 -1.13
CA PHE A 9 -1.25 -9.64 -2.28
C PHE A 9 -1.41 -10.47 -3.55
N GLU A 10 -2.63 -10.43 -4.11
CA GLU A 10 -2.95 -11.17 -5.33
C GLU A 10 -3.18 -12.66 -5.03
N LYS A 11 -4.03 -12.93 -4.02
CA LYS A 11 -4.36 -14.29 -3.65
C LYS A 11 -3.15 -15.09 -3.18
N VAL A 12 -2.05 -14.40 -2.90
CA VAL A 12 -0.85 -15.05 -2.40
C VAL A 12 -0.44 -14.40 -1.09
N SER A 13 0.00 -15.20 -0.13
CA SER A 13 0.40 -14.68 1.17
C SER A 13 1.91 -14.59 1.30
N GLY A 14 2.35 -13.59 2.04
CA GLY A 14 3.76 -13.38 2.27
C GLY A 14 4.00 -12.37 3.37
N ILE A 15 5.27 -12.10 3.67
CA ILE A 15 5.60 -11.14 4.70
C ILE A 15 5.78 -9.75 4.13
N ILE A 16 5.07 -8.79 4.71
CA ILE A 16 5.13 -7.41 4.27
C ILE A 16 6.01 -6.58 5.20
N ALA A 17 7.08 -6.01 4.64
CA ALA A 17 8.00 -5.19 5.41
C ALA A 17 7.95 -3.74 4.97
N ILE A 18 8.07 -2.82 5.92
CA ILE A 18 8.03 -1.40 5.62
C ILE A 18 9.45 -0.83 5.54
N ASN A 19 9.84 -0.39 4.35
CA ASN A 19 11.16 0.18 4.15
C ASN A 19 11.09 1.70 4.05
N GLU A 20 11.59 2.39 5.07
CA GLU A 20 11.59 3.84 5.10
C GLU A 20 13.00 4.39 4.94
N ASP A 21 13.99 3.51 4.94
CA ASP A 21 15.39 3.90 4.79
C ASP A 21 15.61 4.62 3.46
N VAL A 22 14.71 4.41 2.51
CA VAL A 22 14.82 5.04 1.21
C VAL A 22 13.99 6.32 1.16
N SER A 23 13.71 6.79 -0.05
CA SER A 23 12.94 8.01 -0.24
C SER A 23 12.48 8.14 -1.69
N PRO A 24 11.17 8.06 -1.94
CA PRO A 24 10.15 7.84 -0.90
C PRO A 24 10.17 6.42 -0.36
N ALA A 25 9.75 6.28 0.90
CA ALA A 25 9.72 4.96 1.55
C ALA A 25 8.93 3.96 0.71
N GLU A 26 9.20 2.68 0.91
CA GLU A 26 8.52 1.63 0.16
C GLU A 26 8.21 0.42 1.05
N LEU A 27 7.12 -0.28 0.73
CA LEU A 27 6.72 -1.46 1.50
C LEU A 27 6.99 -2.72 0.69
N THR A 28 7.88 -3.57 1.21
CA THR A 28 8.24 -4.80 0.56
C THR A 28 7.30 -5.94 0.93
N TRP A 29 7.10 -6.85 -0.03
CA TRP A 29 6.23 -8.00 0.17
C TRP A 29 6.92 -9.27 -0.32
N ARG A 30 7.30 -10.13 0.61
CA ARG A 30 7.95 -11.38 0.25
C ARG A 30 6.97 -12.54 0.39
N SER A 31 6.81 -13.34 -0.66
CA SER A 31 5.89 -14.46 -0.63
C SER A 31 6.28 -15.45 0.45
N THR A 32 5.33 -16.28 0.86
CA THR A 32 5.56 -17.27 1.88
C THR A 32 6.66 -18.24 1.42
N ASP A 33 6.71 -18.44 0.12
CA ASP A 33 7.70 -19.33 -0.47
C ASP A 33 9.10 -18.74 -0.41
N GLY A 34 9.15 -17.41 -0.49
CA GLY A 34 10.43 -16.72 -0.45
C GLY A 34 11.11 -16.69 -1.80
N ASP A 35 10.32 -16.79 -2.86
CA ASP A 35 10.83 -16.78 -4.22
C ASP A 35 10.39 -15.52 -4.97
N LYS A 36 9.32 -14.90 -4.48
CA LYS A 36 8.80 -13.70 -5.11
C LYS A 36 8.72 -12.55 -4.11
N VAL A 37 9.32 -11.42 -4.48
CA VAL A 37 9.32 -10.24 -3.61
C VAL A 37 8.79 -9.02 -4.34
N HIS A 38 7.73 -8.43 -3.80
CA HIS A 38 7.14 -7.23 -4.42
C HIS A 38 7.40 -6.00 -3.57
N THR A 39 7.64 -4.89 -4.25
CA THR A 39 7.92 -3.63 -3.58
C THR A 39 6.80 -2.62 -3.85
N VAL A 40 6.30 -1.99 -2.80
CA VAL A 40 5.24 -1.02 -2.91
C VAL A 40 5.74 0.40 -2.62
N VAL A 41 5.29 1.35 -3.42
CA VAL A 41 5.69 2.74 -3.24
C VAL A 41 4.70 3.48 -2.35
N LEU A 42 5.13 3.84 -1.15
CA LEU A 42 4.29 4.55 -0.21
C LEU A 42 4.02 5.99 -0.64
N SER A 43 4.77 6.46 -1.64
CA SER A 43 4.62 7.81 -2.15
C SER A 43 3.38 7.91 -3.03
N THR A 44 3.04 6.81 -3.68
CA THR A 44 1.88 6.76 -4.56
C THR A 44 0.59 6.64 -3.76
N ILE A 45 0.70 6.08 -2.56
CA ILE A 45 -0.45 5.89 -1.69
C ILE A 45 -0.95 7.22 -1.15
N ASP A 46 -2.04 7.72 -1.72
CA ASP A 46 -2.62 8.98 -1.29
C ASP A 46 -3.60 8.78 -0.14
N LYS A 47 -4.14 7.57 -0.04
CA LYS A 47 -5.09 7.25 1.03
C LYS A 47 -4.98 5.78 1.43
N LEU A 48 -5.52 5.46 2.60
CA LEU A 48 -5.49 4.10 3.11
C LEU A 48 -6.86 3.68 3.65
N GLN A 49 -7.47 2.69 3.01
CA GLN A 49 -8.78 2.21 3.42
C GLN A 49 -8.68 0.78 3.94
N ALA A 50 -9.16 0.58 5.17
CA ALA A 50 -9.12 -0.74 5.80
C ALA A 50 -10.54 -1.27 6.05
N THR A 51 -10.64 -2.57 6.26
CA THR A 51 -11.93 -3.20 6.51
C THR A 51 -12.47 -2.80 7.88
N PRO A 52 -13.82 -2.74 8.03
CA PRO A 52 -14.46 -2.38 9.29
C PRO A 52 -14.23 -3.40 10.39
N ALA A 53 -14.26 -2.95 11.63
CA ALA A 53 -14.05 -3.83 12.78
C ALA A 53 -15.17 -4.86 12.89
N SER A 54 -16.28 -4.61 12.21
CA SER A 54 -17.43 -5.52 12.24
C SER A 54 -17.32 -6.58 11.14
N SER A 55 -16.27 -6.51 10.34
CA SER A 55 -16.06 -7.47 9.27
C SER A 55 -14.94 -8.44 9.61
N GLU A 56 -15.31 -9.70 9.79
CA GLU A 56 -14.33 -10.73 10.12
C GLU A 56 -13.24 -10.81 9.05
N LYS A 57 -13.53 -10.27 7.87
CA LYS A 57 -12.58 -10.26 6.76
C LYS A 57 -11.49 -9.22 6.99
N MET A 58 -10.25 -9.68 7.17
CA MET A 58 -9.14 -8.78 7.38
C MET A 58 -8.42 -8.46 6.07
N MET A 59 -8.63 -7.24 5.58
CA MET A 59 -8.02 -6.80 4.32
C MET A 59 -7.80 -5.29 4.32
N LEU A 60 -6.64 -4.88 3.81
CA LEU A 60 -6.31 -3.46 3.74
C LEU A 60 -6.19 -3.00 2.30
N ARG A 61 -6.90 -1.92 1.96
CA ARG A 61 -6.87 -1.38 0.61
C ARG A 61 -6.14 -0.05 0.56
N LEU A 62 -5.25 0.09 -0.43
CA LEU A 62 -4.49 1.32 -0.59
C LEU A 62 -4.75 1.95 -1.95
N ILE A 63 -5.06 3.24 -1.93
CA ILE A 63 -5.34 3.97 -3.17
C ILE A 63 -4.14 4.80 -3.61
N GLY A 64 -3.87 4.81 -4.90
CA GLY A 64 -2.75 5.56 -5.43
C GLY A 64 -3.04 7.05 -5.51
N LYS A 65 -2.10 7.80 -6.07
CA LYS A 65 -2.26 9.25 -6.20
C LYS A 65 -3.27 9.59 -7.29
N VAL A 66 -3.42 10.88 -7.56
CA VAL A 66 -4.35 11.34 -8.59
C VAL A 66 -3.61 11.99 -9.75
N ASP A 67 -4.00 11.63 -10.97
CA ASP A 67 -3.37 12.18 -12.17
C ASP A 67 -3.82 13.61 -12.42
N GLU A 68 -3.19 14.27 -13.39
CA GLU A 68 -3.53 15.64 -13.73
C GLU A 68 -4.06 15.74 -15.15
N SER A 69 -4.87 14.75 -15.54
CA SER A 69 -5.46 14.72 -16.88
C SER A 69 -6.25 15.99 -17.17
N LYS A 70 -6.70 16.65 -16.11
CA LYS A 70 -7.47 17.88 -16.25
C LYS A 70 -6.67 18.94 -16.99
N LYS A 71 -5.36 18.95 -16.77
CA LYS A 71 -4.48 19.91 -17.43
C LYS A 71 -3.82 19.30 -18.65
N ARG A 72 -3.57 20.13 -19.66
CA ARG A 72 -2.95 19.67 -20.90
C ARG A 72 -1.53 20.19 -21.01
N LYS A 73 -0.58 19.27 -21.17
CA LYS A 73 0.83 19.63 -21.29
C LYS A 73 1.24 19.74 -22.75
N ASP A 74 2.34 20.43 -23.00
CA ASP A 74 2.85 20.62 -24.36
C ASP A 74 3.15 19.28 -25.01
N ASN A 75 3.46 18.28 -24.19
CA ASN A 75 3.77 16.94 -24.68
C ASN A 75 5.18 16.87 -25.27
N GLU A 76 5.90 17.99 -25.24
CA GLU A 76 7.26 18.05 -25.78
C GLU A 76 8.27 17.51 -24.77
N GLY A 77 8.09 16.25 -24.37
CA GLY A 77 8.99 15.64 -23.41
C GLY A 77 8.56 15.88 -21.97
N ASN A 78 7.34 16.39 -21.80
CA ASN A 78 6.83 16.67 -20.45
C ASN A 78 6.47 15.37 -19.74
N GLU A 79 6.70 15.33 -18.44
CA GLU A 79 6.39 14.16 -17.63
C GLU A 79 5.07 14.33 -16.88
N VAL A 80 4.34 13.23 -16.72
CA VAL A 80 3.06 13.25 -16.03
C VAL A 80 3.02 12.21 -14.91
N VAL A 81 2.22 12.48 -13.90
CA VAL A 81 2.09 11.56 -12.77
C VAL A 81 1.28 10.31 -13.16
N PRO A 82 1.72 9.13 -12.71
CA PRO A 82 1.04 7.87 -13.03
C PRO A 82 -0.44 7.90 -12.63
N LYS A 83 -1.25 7.13 -13.34
CA LYS A 83 -2.68 7.06 -13.07
C LYS A 83 -2.94 6.58 -11.64
N PRO A 84 -4.15 6.84 -11.11
CA PRO A 84 -4.52 6.43 -9.75
C PRO A 84 -4.65 4.92 -9.63
N GLN A 85 -3.57 4.27 -9.22
CA GLN A 85 -3.56 2.82 -9.05
C GLN A 85 -3.82 2.44 -7.60
N ARG A 86 -4.68 1.46 -7.39
CA ARG A 86 -5.00 1.00 -6.04
C ARG A 86 -4.47 -0.41 -5.80
N HIS A 87 -4.01 -0.66 -4.57
CA HIS A 87 -3.48 -1.97 -4.22
C HIS A 87 -4.35 -2.64 -3.16
N MET A 88 -5.01 -3.72 -3.55
CA MET A 88 -5.88 -4.45 -2.64
C MET A 88 -5.11 -5.58 -1.95
N PHE A 89 -5.01 -5.50 -0.63
CA PHE A 89 -4.29 -6.51 0.14
C PHE A 89 -5.24 -7.31 1.01
N SER A 90 -4.82 -8.51 1.39
CA SER A 90 -5.62 -9.39 2.23
C SER A 90 -4.81 -9.84 3.45
N PHE A 91 -5.30 -9.51 4.64
CA PHE A 91 -4.61 -9.88 5.87
C PHE A 91 -5.21 -11.13 6.49
N ASN A 92 -4.34 -11.99 6.99
CA ASN A 92 -4.78 -13.22 7.63
C ASN A 92 -4.72 -13.06 9.15
N ASN A 93 -4.57 -11.82 9.62
CA ASN A 93 -4.51 -11.55 11.05
C ASN A 93 -4.99 -10.14 11.37
N ARG A 94 -5.93 -10.05 12.31
CA ARG A 94 -6.46 -8.76 12.72
C ARG A 94 -5.38 -7.88 13.33
N THR A 95 -4.58 -8.47 14.20
CA THR A 95 -3.50 -7.77 14.85
C THR A 95 -2.44 -7.37 13.85
N VAL A 96 -2.23 -8.24 12.86
CA VAL A 96 -1.24 -7.99 11.82
C VAL A 96 -1.69 -6.86 10.90
N MET A 97 -2.98 -6.82 10.63
CA MET A 97 -3.53 -5.78 9.76
C MET A 97 -3.58 -4.45 10.50
N ASP A 98 -3.83 -4.51 11.80
CA ASP A 98 -3.90 -3.32 12.62
C ASP A 98 -2.51 -2.77 12.91
N ASN A 99 -1.53 -3.68 12.94
CA ASN A 99 -0.15 -3.29 13.21
C ASN A 99 0.44 -2.56 12.01
N ILE A 100 0.00 -2.97 10.83
CA ILE A 100 0.48 -2.37 9.59
C ILE A 100 -0.34 -1.13 9.23
N LYS A 101 -1.65 -1.23 9.38
CA LYS A 101 -2.55 -0.13 9.06
C LYS A 101 -2.14 1.15 9.80
N MET A 102 -1.63 0.99 11.01
CA MET A 102 -1.20 2.14 11.81
C MET A 102 0.09 2.72 11.27
N THR A 103 1.07 1.87 11.05
CA THR A 103 2.35 2.27 10.54
C THR A 103 2.20 2.90 9.16
N LEU A 104 1.31 2.33 8.36
CA LEU A 104 1.07 2.83 7.02
C LEU A 104 0.43 4.21 7.06
N GLN A 105 -0.43 4.44 8.05
CA GLN A 105 -1.09 5.72 8.21
C GLN A 105 -0.10 6.80 8.62
N GLN A 106 0.88 6.40 9.41
CA GLN A 106 1.91 7.32 9.86
C GLN A 106 2.75 7.80 8.69
N ILE A 107 3.04 6.88 7.77
CA ILE A 107 3.81 7.21 6.59
C ILE A 107 3.11 8.31 5.79
N ILE A 108 1.80 8.15 5.65
CA ILE A 108 0.98 9.14 4.95
C ILE A 108 1.22 10.52 5.51
N SER A 109 1.09 10.61 6.81
CA SER A 109 1.28 11.86 7.53
C SER A 109 2.63 12.49 7.21
N ARG A 110 3.60 11.65 6.90
CA ARG A 110 4.94 12.11 6.57
C ARG A 110 4.97 12.79 5.21
N TYR A 111 4.16 12.28 4.30
CA TYR A 111 4.09 12.84 2.95
C TYR A 111 3.38 14.18 2.96
N LYS A 112 2.44 14.32 3.89
CA LYS A 112 1.68 15.57 4.03
C LYS A 112 2.54 16.66 4.64
N ASP A 113 3.36 16.29 5.62
CA ASP A 113 4.24 17.23 6.30
C ASP A 113 5.18 17.90 5.30
N ALA A 114 5.65 17.13 4.32
CA ALA A 114 6.56 17.65 3.31
C ALA A 114 5.91 18.79 2.52
N ASP A 115 4.60 18.71 2.34
CA ASP A 115 3.86 19.72 1.60
C ASP A 115 3.00 20.56 2.55
N PRO A 1 6.79 -1.31 18.01
CA PRO A 1 7.23 -1.77 16.67
C PRO A 1 6.06 -2.29 15.84
N SER A 2 5.36 -1.38 15.17
CA SER A 2 4.22 -1.74 14.34
C SER A 2 4.63 -1.85 12.87
N HIS A 3 5.92 -2.10 12.64
CA HIS A 3 6.42 -2.23 11.28
C HIS A 3 6.44 -3.69 10.83
N SER A 4 6.51 -3.91 9.52
CA SER A 4 6.52 -5.26 8.97
C SER A 4 5.27 -6.03 9.39
N GLY A 5 5.08 -7.19 8.79
CA GLY A 5 3.93 -8.02 9.10
C GLY A 5 3.46 -8.82 7.90
N ALA A 6 3.02 -10.05 8.13
CA ALA A 6 2.55 -10.90 7.06
C ALA A 6 1.31 -10.34 6.39
N ALA A 7 1.28 -10.42 5.07
CA ALA A 7 0.14 -9.92 4.30
C ALA A 7 0.02 -10.63 2.95
N ILE A 8 -1.22 -10.79 2.49
CA ILE A 8 -1.47 -11.45 1.21
C ILE A 8 -1.65 -10.44 0.09
N PHE A 9 -1.15 -10.78 -1.08
CA PHE A 9 -1.28 -9.92 -2.24
C PHE A 9 -1.45 -10.77 -3.50
N GLU A 10 -2.68 -10.78 -4.02
CA GLU A 10 -3.02 -11.54 -5.20
C GLU A 10 -3.21 -13.03 -4.88
N LYS A 11 -4.02 -13.30 -3.85
CA LYS A 11 -4.31 -14.66 -3.44
C LYS A 11 -3.06 -15.43 -2.98
N VAL A 12 -1.97 -14.71 -2.76
CA VAL A 12 -0.75 -15.33 -2.28
C VAL A 12 -0.32 -14.65 -1.00
N SER A 13 0.13 -15.43 -0.02
CA SER A 13 0.53 -14.87 1.27
C SER A 13 2.04 -14.78 1.39
N GLY A 14 2.48 -13.72 2.04
CA GLY A 14 3.90 -13.50 2.26
C GLY A 14 4.13 -12.46 3.33
N ILE A 15 5.39 -12.16 3.61
CA ILE A 15 5.74 -11.18 4.62
C ILE A 15 5.89 -9.80 4.02
N ILE A 16 5.17 -8.83 4.59
CA ILE A 16 5.20 -7.46 4.12
C ILE A 16 6.09 -6.61 5.02
N ALA A 17 7.15 -6.06 4.44
CA ALA A 17 8.08 -5.22 5.19
C ALA A 17 7.98 -3.76 4.75
N ILE A 18 8.10 -2.86 5.70
CA ILE A 18 8.01 -1.44 5.42
C ILE A 18 9.39 -0.78 5.52
N ASN A 19 9.86 -0.25 4.39
CA ASN A 19 11.17 0.40 4.36
C ASN A 19 11.02 1.90 4.17
N GLU A 20 11.33 2.65 5.22
CA GLU A 20 11.24 4.10 5.18
C GLU A 20 12.64 4.73 5.17
N ASP A 21 13.67 3.89 5.25
CA ASP A 21 15.04 4.36 5.26
C ASP A 21 15.41 5.00 3.92
N VAL A 22 14.64 4.69 2.87
CA VAL A 22 14.91 5.23 1.56
C VAL A 22 14.07 6.49 1.33
N SER A 23 13.93 6.87 0.06
CA SER A 23 13.16 8.05 -0.29
C SER A 23 12.86 8.08 -1.79
N PRO A 24 11.57 7.93 -2.17
CA PRO A 24 10.46 7.76 -1.24
C PRO A 24 10.42 6.36 -0.63
N ALA A 25 9.90 6.27 0.60
CA ALA A 25 9.81 4.99 1.30
C ALA A 25 9.07 3.96 0.44
N GLU A 26 9.09 2.70 0.87
CA GLU A 26 8.41 1.64 0.12
C GLU A 26 8.07 0.46 1.02
N LEU A 27 7.13 -0.37 0.58
CA LEU A 27 6.70 -1.54 1.33
C LEU A 27 6.95 -2.81 0.52
N THR A 28 7.87 -3.65 1.01
CA THR A 28 8.23 -4.87 0.34
C THR A 28 7.32 -6.03 0.74
N TRP A 29 7.08 -6.93 -0.21
CA TRP A 29 6.24 -8.10 0.03
C TRP A 29 6.93 -9.36 -0.47
N ARG A 30 7.35 -10.20 0.46
CA ARG A 30 8.01 -11.45 0.09
C ARG A 30 7.05 -12.62 0.29
N SER A 31 6.88 -13.43 -0.74
CA SER A 31 5.97 -14.57 -0.65
C SER A 31 6.41 -15.53 0.45
N THR A 32 5.50 -16.38 0.88
CA THR A 32 5.78 -17.36 1.92
C THR A 32 6.90 -18.28 1.46
N ASP A 33 6.94 -18.52 0.17
CA ASP A 33 7.94 -19.39 -0.42
C ASP A 33 9.31 -18.71 -0.46
N GLY A 34 9.28 -17.40 -0.62
CA GLY A 34 10.52 -16.64 -0.68
C GLY A 34 11.12 -16.65 -2.06
N ASP A 35 10.29 -16.85 -3.07
CA ASP A 35 10.74 -16.88 -4.45
C ASP A 35 10.27 -15.65 -5.21
N LYS A 36 9.23 -14.99 -4.70
CA LYS A 36 8.70 -13.80 -5.33
C LYS A 36 8.64 -12.64 -4.35
N VAL A 37 9.23 -11.51 -4.73
CA VAL A 37 9.25 -10.34 -3.87
C VAL A 37 8.68 -9.13 -4.59
N HIS A 38 7.64 -8.55 -4.01
CA HIS A 38 6.98 -7.38 -4.59
C HIS A 38 7.26 -6.13 -3.77
N THR A 39 7.45 -5.02 -4.46
CA THR A 39 7.72 -3.75 -3.81
C THR A 39 6.59 -2.76 -4.05
N VAL A 40 6.13 -2.11 -2.98
CA VAL A 40 5.05 -1.14 -3.08
C VAL A 40 5.55 0.26 -2.73
N VAL A 41 5.06 1.25 -3.49
CA VAL A 41 5.44 2.64 -3.26
C VAL A 41 4.45 3.32 -2.33
N LEU A 42 4.94 3.87 -1.23
CA LEU A 42 4.10 4.55 -0.25
C LEU A 42 3.90 6.03 -0.60
N SER A 43 4.69 6.52 -1.55
CA SER A 43 4.59 7.93 -1.96
C SER A 43 3.42 8.12 -2.90
N THR A 44 3.08 7.08 -3.65
CA THR A 44 1.97 7.15 -4.59
C THR A 44 0.63 6.92 -3.89
N ILE A 45 0.69 6.30 -2.72
CA ILE A 45 -0.52 6.03 -1.94
C ILE A 45 -1.19 7.32 -1.49
N ASP A 46 -2.16 7.78 -2.27
CA ASP A 46 -2.87 9.01 -1.95
C ASP A 46 -3.65 8.86 -0.64
N LYS A 47 -4.06 7.62 -0.34
CA LYS A 47 -4.80 7.35 0.88
C LYS A 47 -4.75 5.86 1.22
N LEU A 48 -5.14 5.53 2.45
CA LEU A 48 -5.14 4.14 2.90
C LEU A 48 -6.46 3.78 3.55
N GLN A 49 -7.07 2.69 3.10
CA GLN A 49 -8.36 2.25 3.65
C GLN A 49 -8.27 0.80 4.13
N ALA A 50 -9.10 0.47 5.11
CA ALA A 50 -9.12 -0.88 5.67
C ALA A 50 -10.54 -1.34 5.95
N THR A 51 -10.72 -2.64 6.15
CA THR A 51 -12.03 -3.20 6.43
C THR A 51 -12.51 -2.80 7.83
N PRO A 52 -13.83 -2.60 8.00
CA PRO A 52 -14.41 -2.21 9.29
C PRO A 52 -14.34 -3.32 10.32
N ALA A 53 -14.43 -2.95 11.60
CA ALA A 53 -14.37 -3.91 12.69
C ALA A 53 -15.56 -4.87 12.64
N SER A 54 -16.60 -4.49 11.90
CA SER A 54 -17.80 -5.32 11.78
C SER A 54 -17.68 -6.29 10.60
N SER A 55 -16.56 -6.23 9.89
CA SER A 55 -16.33 -7.10 8.75
C SER A 55 -15.31 -8.18 9.09
N GLU A 56 -15.76 -9.42 9.14
CA GLU A 56 -14.89 -10.54 9.44
C GLU A 56 -13.72 -10.61 8.46
N LYS A 57 -13.88 -9.96 7.32
CA LYS A 57 -12.84 -9.93 6.29
C LYS A 57 -11.84 -8.81 6.56
N MET A 58 -10.79 -9.14 7.28
CA MET A 58 -9.75 -8.18 7.61
C MET A 58 -8.81 -7.96 6.42
N MET A 59 -8.96 -6.83 5.74
CA MET A 59 -8.13 -6.52 4.59
C MET A 59 -7.87 -5.02 4.50
N LEU A 60 -6.65 -4.66 4.09
CA LEU A 60 -6.28 -3.26 3.96
C LEU A 60 -6.00 -2.90 2.50
N ARG A 61 -6.71 -1.88 2.01
CA ARG A 61 -6.55 -1.43 0.62
C ARG A 61 -5.92 -0.05 0.56
N LEU A 62 -4.96 0.13 -0.34
CA LEU A 62 -4.29 1.41 -0.50
C LEU A 62 -4.52 1.98 -1.89
N ILE A 63 -4.96 3.24 -1.93
CA ILE A 63 -5.22 3.91 -3.20
C ILE A 63 -4.01 4.72 -3.66
N GLY A 64 -3.66 4.58 -4.92
CA GLY A 64 -2.53 5.31 -5.46
C GLY A 64 -2.94 6.48 -6.34
N LYS A 65 -3.43 7.54 -5.70
CA LYS A 65 -3.87 8.73 -6.42
C LYS A 65 -4.91 8.39 -7.48
N VAL A 66 -5.57 9.42 -8.01
CA VAL A 66 -6.59 9.23 -9.03
C VAL A 66 -6.42 10.23 -10.16
N ASP A 67 -6.58 9.75 -11.40
CA ASP A 67 -6.44 10.60 -12.57
C ASP A 67 -7.69 11.44 -12.79
N GLU A 68 -7.64 12.70 -12.36
CA GLU A 68 -8.77 13.60 -12.50
C GLU A 68 -8.42 14.77 -13.43
N SER A 69 -7.67 14.47 -14.48
CA SER A 69 -7.26 15.49 -15.44
C SER A 69 -8.26 15.60 -16.59
N LYS A 70 -9.44 15.00 -16.42
CA LYS A 70 -10.47 15.03 -17.46
C LYS A 70 -11.51 16.10 -17.15
N LYS A 71 -11.89 16.20 -15.89
CA LYS A 71 -12.88 17.19 -15.46
C LYS A 71 -14.19 16.99 -16.21
N ARG A 72 -15.18 16.43 -15.52
CA ARG A 72 -16.49 16.19 -16.11
C ARG A 72 -16.39 15.20 -17.27
N LYS A 73 -17.22 14.17 -17.25
CA LYS A 73 -17.23 13.16 -18.29
C LYS A 73 -18.32 13.45 -19.32
N ASP A 74 -18.05 13.12 -20.57
CA ASP A 74 -19.00 13.34 -21.65
C ASP A 74 -20.27 12.52 -21.43
N ASN A 75 -20.12 11.40 -20.73
CA ASN A 75 -21.24 10.51 -20.44
C ASN A 75 -21.71 9.75 -21.69
N GLU A 76 -21.04 9.98 -22.82
CA GLU A 76 -21.40 9.32 -24.06
C GLU A 76 -20.75 7.95 -24.16
N GLY A 77 -21.03 7.09 -23.17
CA GLY A 77 -20.46 5.75 -23.16
C GLY A 77 -19.20 5.67 -22.32
N ASN A 78 -18.53 6.80 -22.15
CA ASN A 78 -17.30 6.84 -21.36
C ASN A 78 -17.57 7.34 -19.94
N GLU A 79 -18.78 7.09 -19.45
CA GLU A 79 -19.17 7.51 -18.11
C GLU A 79 -18.24 6.90 -17.06
N VAL A 80 -17.85 5.66 -17.27
CA VAL A 80 -16.97 4.97 -16.35
C VAL A 80 -15.87 4.20 -17.09
N VAL A 81 -14.66 4.26 -16.57
CA VAL A 81 -13.53 3.57 -17.18
C VAL A 81 -12.40 3.37 -16.18
N PRO A 82 -11.64 2.27 -16.31
CA PRO A 82 -10.52 1.96 -15.42
C PRO A 82 -9.35 2.91 -15.62
N LYS A 83 -8.59 3.15 -14.55
CA LYS A 83 -7.43 4.03 -14.61
C LYS A 83 -6.75 4.13 -13.24
N PRO A 84 -7.51 4.51 -12.19
CA PRO A 84 -6.97 4.64 -10.84
C PRO A 84 -6.24 3.39 -10.38
N GLN A 85 -5.07 3.57 -9.76
CA GLN A 85 -4.29 2.45 -9.28
C GLN A 85 -4.51 2.24 -7.79
N ARG A 86 -5.03 1.07 -7.43
CA ARG A 86 -5.30 0.74 -6.04
C ARG A 86 -4.74 -0.64 -5.69
N HIS A 87 -4.10 -0.73 -4.54
CA HIS A 87 -3.53 -1.99 -4.08
C HIS A 87 -4.37 -2.60 -2.96
N MET A 88 -5.03 -3.72 -3.25
CA MET A 88 -5.87 -4.38 -2.26
C MET A 88 -5.12 -5.53 -1.59
N PHE A 89 -4.83 -5.38 -0.31
CA PHE A 89 -4.12 -6.41 0.45
C PHE A 89 -5.06 -7.15 1.39
N SER A 90 -4.74 -8.40 1.66
CA SER A 90 -5.55 -9.21 2.56
C SER A 90 -4.71 -9.71 3.73
N PHE A 91 -5.18 -9.44 4.95
CA PHE A 91 -4.46 -9.86 6.15
C PHE A 91 -5.04 -11.12 6.75
N ASN A 92 -4.15 -12.01 7.16
CA ASN A 92 -4.56 -13.27 7.78
C ASN A 92 -4.57 -13.14 9.30
N ASN A 93 -4.35 -11.91 9.79
CA ASN A 93 -4.33 -11.66 11.22
C ASN A 93 -4.78 -10.24 11.54
N ARG A 94 -5.81 -10.12 12.37
CA ARG A 94 -6.34 -8.82 12.75
C ARG A 94 -5.29 -8.02 13.51
N THR A 95 -4.43 -8.71 14.23
CA THR A 95 -3.37 -8.06 14.99
C THR A 95 -2.30 -7.54 14.06
N VAL A 96 -1.89 -8.39 13.13
CA VAL A 96 -0.87 -8.02 12.16
C VAL A 96 -1.40 -6.96 11.20
N MET A 97 -2.70 -6.97 10.97
CA MET A 97 -3.33 -6.01 10.09
C MET A 97 -3.43 -4.65 10.77
N ASP A 98 -3.61 -4.66 12.08
CA ASP A 98 -3.72 -3.43 12.85
C ASP A 98 -2.36 -2.75 13.00
N ASN A 99 -1.32 -3.57 13.00
CA ASN A 99 0.04 -3.07 13.13
C ASN A 99 0.49 -2.36 11.86
N ILE A 100 -0.04 -2.82 10.73
CA ILE A 100 0.29 -2.23 9.43
C ILE A 100 -0.60 -1.04 9.13
N LYS A 101 -1.89 -1.17 9.41
CA LYS A 101 -2.85 -0.10 9.16
C LYS A 101 -2.48 1.17 9.91
N MET A 102 -1.92 0.99 11.11
CA MET A 102 -1.52 2.12 11.94
C MET A 102 -0.16 2.66 11.52
N THR A 103 0.76 1.74 11.28
CA THR A 103 2.11 2.13 10.88
C THR A 103 2.09 2.79 9.51
N LEU A 104 1.27 2.26 8.61
CA LEU A 104 1.14 2.82 7.27
C LEU A 104 0.53 4.21 7.33
N GLN A 105 -0.35 4.44 8.31
CA GLN A 105 -1.00 5.73 8.46
C GLN A 105 0.02 6.79 8.86
N GLN A 106 1.02 6.38 9.62
CA GLN A 106 2.06 7.30 10.06
C GLN A 106 2.85 7.82 8.88
N ILE A 107 3.16 6.93 7.94
CA ILE A 107 3.89 7.32 6.74
C ILE A 107 3.14 8.42 6.00
N ILE A 108 1.82 8.25 5.91
CA ILE A 108 0.97 9.22 5.24
C ILE A 108 1.20 10.60 5.82
N SER A 109 1.10 10.65 7.14
CA SER A 109 1.30 11.89 7.88
C SER A 109 2.66 12.52 7.57
N ARG A 110 3.63 11.66 7.29
CA ARG A 110 4.98 12.11 6.99
C ARG A 110 5.04 12.75 5.61
N TYR A 111 4.21 12.25 4.70
CA TYR A 111 4.17 12.77 3.34
C TYR A 111 3.46 14.12 3.31
N LYS A 112 2.54 14.31 4.25
CA LYS A 112 1.80 15.56 4.35
C LYS A 112 2.69 16.68 4.87
N ASP A 113 3.65 16.32 5.73
CA ASP A 113 4.56 17.30 6.30
C ASP A 113 5.34 18.03 5.20
N ALA A 114 5.70 17.29 4.17
CA ALA A 114 6.45 17.87 3.05
C ALA A 114 5.67 18.98 2.37
N ASP A 115 4.35 18.85 2.38
CA ASP A 115 3.47 19.86 1.76
C ASP A 115 2.29 20.19 2.67
N PRO A 1 8.77 -5.68 17.57
CA PRO A 1 7.32 -5.45 17.52
C PRO A 1 6.95 -4.33 16.54
N SER A 2 5.74 -4.38 16.00
CA SER A 2 5.27 -3.38 15.06
C SER A 2 6.18 -3.32 13.83
N HIS A 3 5.71 -2.64 12.79
CA HIS A 3 6.47 -2.51 11.55
C HIS A 3 6.70 -3.87 10.90
N SER A 4 6.37 -3.96 9.62
CA SER A 4 6.53 -5.22 8.88
C SER A 4 5.64 -6.31 9.46
N GLY A 5 4.85 -6.94 8.59
CA GLY A 5 3.96 -8.00 9.01
C GLY A 5 3.47 -8.81 7.84
N ALA A 6 2.91 -9.99 8.12
CA ALA A 6 2.41 -10.85 7.06
C ALA A 6 1.19 -10.24 6.39
N ALA A 7 1.15 -10.35 5.06
CA ALA A 7 0.03 -9.82 4.29
C ALA A 7 -0.10 -10.52 2.94
N ILE A 8 -1.34 -10.64 2.47
CA ILE A 8 -1.61 -11.29 1.19
C ILE A 8 -1.75 -10.27 0.07
N PHE A 9 -1.24 -10.64 -1.10
CA PHE A 9 -1.33 -9.78 -2.27
C PHE A 9 -1.52 -10.62 -3.52
N GLU A 10 -2.74 -10.59 -4.05
CA GLU A 10 -3.09 -11.36 -5.25
C GLU A 10 -3.32 -12.84 -4.91
N LYS A 11 -4.13 -13.09 -3.89
CA LYS A 11 -4.46 -14.44 -3.48
C LYS A 11 -3.25 -15.23 -3.01
N VAL A 12 -2.13 -14.54 -2.77
CA VAL A 12 -0.93 -15.18 -2.29
C VAL A 12 -0.49 -14.51 -1.01
N SER A 13 -0.07 -15.30 -0.03
CA SER A 13 0.34 -14.75 1.26
C SER A 13 1.85 -14.69 1.38
N GLY A 14 2.31 -13.65 2.07
CA GLY A 14 3.73 -13.45 2.27
C GLY A 14 3.99 -12.41 3.34
N ILE A 15 5.25 -12.14 3.62
CA ILE A 15 5.61 -11.16 4.63
C ILE A 15 5.76 -9.77 4.02
N ILE A 16 5.07 -8.81 4.60
CA ILE A 16 5.12 -7.44 4.13
C ILE A 16 6.02 -6.60 5.04
N ALA A 17 7.11 -6.09 4.47
CA ALA A 17 8.05 -5.27 5.22
C ALA A 17 7.98 -3.82 4.79
N ILE A 18 8.12 -2.91 5.76
CA ILE A 18 8.08 -1.50 5.47
C ILE A 18 9.48 -0.90 5.48
N ASN A 19 9.94 -0.44 4.32
CA ASN A 19 11.26 0.15 4.19
C ASN A 19 11.17 1.66 4.10
N GLU A 20 11.61 2.34 5.15
CA GLU A 20 11.59 3.80 5.19
C GLU A 20 13.01 4.37 5.10
N ASP A 21 14.01 3.49 5.12
CA ASP A 21 15.40 3.89 5.05
C ASP A 21 15.71 4.59 3.73
N VAL A 22 14.85 4.37 2.73
CA VAL A 22 15.04 4.99 1.44
C VAL A 22 14.22 6.28 1.33
N SER A 23 14.01 6.73 0.10
CA SER A 23 13.24 7.94 -0.15
C SER A 23 12.87 8.06 -1.62
N PRO A 24 11.57 7.97 -1.96
CA PRO A 24 10.49 7.76 -0.98
C PRO A 24 10.50 6.33 -0.42
N ALA A 25 10.01 6.18 0.80
CA ALA A 25 9.94 4.87 1.44
C ALA A 25 9.19 3.87 0.57
N GLU A 26 9.23 2.60 0.93
CA GLU A 26 8.55 1.56 0.17
C GLU A 26 8.21 0.35 1.04
N LEU A 27 7.16 -0.36 0.64
CA LEU A 27 6.72 -1.54 1.38
C LEU A 27 6.97 -2.81 0.57
N THR A 28 7.86 -3.67 1.05
CA THR A 28 8.21 -4.88 0.37
C THR A 28 7.28 -6.03 0.77
N TRP A 29 7.03 -6.93 -0.18
CA TRP A 29 6.18 -8.08 0.04
C TRP A 29 6.86 -9.35 -0.44
N ARG A 30 7.27 -10.20 0.49
CA ARG A 30 7.91 -11.45 0.14
C ARG A 30 6.94 -12.60 0.31
N SER A 31 6.78 -13.43 -0.73
CA SER A 31 5.87 -14.55 -0.67
C SER A 31 6.28 -15.53 0.41
N THR A 32 5.35 -16.36 0.84
CA THR A 32 5.60 -17.37 1.85
C THR A 32 6.67 -18.33 1.37
N ASP A 33 6.68 -18.55 0.07
CA ASP A 33 7.63 -19.45 -0.56
C ASP A 33 9.03 -18.86 -0.55
N GLY A 34 9.11 -17.53 -0.64
CA GLY A 34 10.38 -16.86 -0.65
C GLY A 34 11.00 -16.82 -2.03
N ASP A 35 10.16 -16.93 -3.05
CA ASP A 35 10.62 -16.92 -4.44
C ASP A 35 10.13 -15.68 -5.16
N LYS A 36 9.08 -15.06 -4.64
CA LYS A 36 8.51 -13.86 -5.25
C LYS A 36 8.53 -12.69 -4.28
N VAL A 37 9.11 -11.58 -4.70
CA VAL A 37 9.20 -10.39 -3.86
C VAL A 37 8.64 -9.17 -4.57
N HIS A 38 7.60 -8.58 -4.00
CA HIS A 38 6.97 -7.40 -4.58
C HIS A 38 7.26 -6.16 -3.76
N THR A 39 7.46 -5.05 -4.44
CA THR A 39 7.75 -3.78 -3.77
C THR A 39 6.62 -2.78 -4.02
N VAL A 40 6.15 -2.16 -2.95
CA VAL A 40 5.07 -1.18 -3.04
C VAL A 40 5.54 0.21 -2.67
N VAL A 41 5.05 1.22 -3.38
CA VAL A 41 5.42 2.60 -3.11
C VAL A 41 4.43 3.24 -2.16
N LEU A 42 4.95 3.74 -1.03
CA LEU A 42 4.11 4.38 -0.03
C LEU A 42 3.92 5.87 -0.31
N SER A 43 4.71 6.42 -1.23
CA SER A 43 4.61 7.82 -1.58
C SER A 43 3.45 8.08 -2.53
N THR A 44 3.12 7.06 -3.32
CA THR A 44 2.02 7.17 -4.28
C THR A 44 0.68 6.94 -3.60
N ILE A 45 0.70 6.27 -2.46
CA ILE A 45 -0.51 5.98 -1.71
C ILE A 45 -1.20 7.26 -1.24
N ASP A 46 -2.14 7.74 -2.05
CA ASP A 46 -2.87 8.95 -1.72
C ASP A 46 -3.64 8.81 -0.41
N LYS A 47 -4.04 7.58 -0.11
CA LYS A 47 -4.79 7.31 1.12
C LYS A 47 -4.67 5.84 1.53
N LEU A 48 -5.13 5.53 2.74
CA LEU A 48 -5.08 4.17 3.24
C LEU A 48 -6.46 3.73 3.74
N GLN A 49 -6.91 2.58 3.27
CA GLN A 49 -8.21 2.05 3.67
C GLN A 49 -8.08 0.63 4.21
N ALA A 50 -9.01 0.25 5.08
CA ALA A 50 -8.99 -1.08 5.69
C ALA A 50 -10.40 -1.63 5.83
N THR A 51 -10.51 -2.93 6.06
CA THR A 51 -11.80 -3.58 6.22
C THR A 51 -12.46 -3.17 7.54
N PRO A 52 -13.79 -3.18 7.59
CA PRO A 52 -14.54 -2.82 8.81
C PRO A 52 -14.35 -3.83 9.94
N ALA A 53 -14.54 -3.37 11.17
CA ALA A 53 -14.40 -4.23 12.33
C ALA A 53 -15.50 -5.29 12.40
N SER A 54 -16.54 -5.10 11.58
CA SER A 54 -17.66 -6.04 11.56
C SER A 54 -17.42 -7.16 10.53
N SER A 55 -16.28 -7.11 9.87
CA SER A 55 -15.94 -8.12 8.88
C SER A 55 -14.84 -9.04 9.40
N GLU A 56 -15.20 -10.31 9.59
CA GLU A 56 -14.25 -11.30 10.09
C GLU A 56 -13.04 -11.40 9.17
N LYS A 57 -13.20 -10.92 7.94
CA LYS A 57 -12.12 -10.94 6.96
C LYS A 57 -11.29 -9.66 7.03
N MET A 58 -10.03 -9.79 7.41
CA MET A 58 -9.13 -8.64 7.51
C MET A 58 -8.45 -8.36 6.18
N MET A 59 -8.60 -7.13 5.69
CA MET A 59 -8.00 -6.72 4.43
C MET A 59 -7.69 -5.24 4.42
N LEU A 60 -6.54 -4.88 3.85
CA LEU A 60 -6.13 -3.48 3.78
C LEU A 60 -6.06 -3.00 2.33
N ARG A 61 -6.77 -1.92 2.04
CA ARG A 61 -6.80 -1.35 0.70
C ARG A 61 -6.02 -0.04 0.64
N LEU A 62 -5.13 0.06 -0.34
CA LEU A 62 -4.32 1.26 -0.51
C LEU A 62 -4.60 1.92 -1.86
N ILE A 63 -4.86 3.22 -1.82
CA ILE A 63 -5.14 3.97 -3.04
C ILE A 63 -3.97 4.85 -3.43
N GLY A 64 -3.60 4.80 -4.71
CA GLY A 64 -2.49 5.59 -5.20
C GLY A 64 -2.90 7.01 -5.54
N LYS A 65 -1.97 7.78 -6.11
CA LYS A 65 -2.25 9.16 -6.49
C LYS A 65 -3.23 9.23 -7.65
N VAL A 66 -3.76 10.42 -7.89
CA VAL A 66 -4.71 10.62 -8.98
C VAL A 66 -4.28 11.77 -9.89
N ASP A 67 -4.30 12.98 -9.36
CA ASP A 67 -3.91 14.16 -10.13
C ASP A 67 -2.40 14.38 -10.05
N GLU A 68 -1.74 14.30 -11.19
CA GLU A 68 -0.29 14.49 -11.26
C GLU A 68 0.07 15.47 -12.37
N SER A 69 -0.73 16.52 -12.51
CA SER A 69 -0.50 17.53 -13.55
C SER A 69 0.77 18.33 -13.25
N LYS A 70 1.18 18.33 -11.98
CA LYS A 70 2.38 19.05 -11.57
C LYS A 70 3.61 18.54 -12.32
N LYS A 71 3.64 17.24 -12.60
CA LYS A 71 4.75 16.63 -13.30
C LYS A 71 4.57 16.76 -14.82
N ARG A 72 5.67 17.03 -15.52
CA ARG A 72 5.63 17.16 -16.96
C ARG A 72 5.58 15.80 -17.64
N LYS A 73 4.63 15.63 -18.56
CA LYS A 73 4.47 14.37 -19.28
C LYS A 73 5.50 14.27 -20.41
N ASP A 74 5.96 13.06 -20.67
CA ASP A 74 6.93 12.81 -21.72
C ASP A 74 6.40 13.26 -23.08
N ASN A 75 5.08 13.21 -23.23
CA ASN A 75 4.41 13.61 -24.47
C ASN A 75 4.57 12.54 -25.56
N GLU A 76 5.24 11.43 -25.22
CA GLU A 76 5.44 10.35 -26.17
C GLU A 76 4.39 9.26 -26.01
N GLY A 77 3.15 9.68 -25.75
CA GLY A 77 2.07 8.72 -25.58
C GLY A 77 2.25 7.87 -24.34
N ASN A 78 2.78 8.47 -23.28
CA ASN A 78 3.01 7.75 -22.03
C ASN A 78 1.87 8.00 -21.04
N GLU A 79 0.70 8.35 -21.57
CA GLU A 79 -0.47 8.62 -20.72
C GLU A 79 -1.57 7.59 -20.98
N VAL A 80 -2.14 7.06 -19.91
CA VAL A 80 -3.20 6.07 -20.02
C VAL A 80 -3.72 5.66 -18.64
N VAL A 81 -3.92 6.64 -17.77
CA VAL A 81 -4.41 6.38 -16.42
C VAL A 81 -5.64 7.22 -16.10
N PRO A 82 -6.82 6.80 -16.61
CA PRO A 82 -8.07 7.53 -16.39
C PRO A 82 -8.50 7.48 -14.92
N LYS A 83 -8.09 6.43 -14.22
CA LYS A 83 -8.43 6.28 -12.81
C LYS A 83 -7.19 5.95 -11.97
N PRO A 84 -7.22 6.24 -10.66
CA PRO A 84 -6.10 5.98 -9.77
C PRO A 84 -5.88 4.49 -9.54
N GLN A 85 -4.65 4.12 -9.20
CA GLN A 85 -4.30 2.73 -8.95
C GLN A 85 -4.27 2.43 -7.45
N ARG A 86 -5.00 1.39 -7.06
CA ARG A 86 -5.07 1.00 -5.65
C ARG A 86 -4.64 -0.45 -5.48
N HIS A 87 -3.95 -0.74 -4.38
CA HIS A 87 -3.50 -2.10 -4.09
C HIS A 87 -4.34 -2.74 -3.00
N MET A 88 -5.04 -3.81 -3.35
CA MET A 88 -5.89 -4.52 -2.40
C MET A 88 -5.13 -5.66 -1.74
N PHE A 89 -5.01 -5.59 -0.42
CA PHE A 89 -4.31 -6.62 0.34
C PHE A 89 -5.26 -7.40 1.24
N SER A 90 -4.84 -8.59 1.64
CA SER A 90 -5.65 -9.44 2.50
C SER A 90 -4.86 -9.87 3.73
N PHE A 91 -5.35 -9.53 4.91
CA PHE A 91 -4.68 -9.86 6.16
C PHE A 91 -5.32 -11.07 6.83
N ASN A 92 -4.49 -11.90 7.44
CA ASN A 92 -4.95 -13.08 8.14
C ASN A 92 -4.99 -12.82 9.65
N ASN A 93 -4.81 -11.56 10.05
CA ASN A 93 -4.82 -11.20 11.46
C ASN A 93 -5.15 -9.73 11.64
N ARG A 94 -6.09 -9.44 12.52
CA ARG A 94 -6.50 -8.07 12.80
C ARG A 94 -5.33 -7.26 13.34
N THR A 95 -4.54 -7.88 14.21
CA THR A 95 -3.40 -7.23 14.81
C THR A 95 -2.36 -6.89 13.75
N VAL A 96 -2.16 -7.82 12.82
CA VAL A 96 -1.21 -7.63 11.74
C VAL A 96 -1.75 -6.61 10.74
N MET A 97 -3.06 -6.61 10.56
CA MET A 97 -3.71 -5.69 9.64
C MET A 97 -3.82 -4.30 10.25
N ASP A 98 -3.96 -4.26 11.58
CA ASP A 98 -4.08 -3.00 12.29
C ASP A 98 -2.71 -2.41 12.59
N ASN A 99 -1.70 -3.28 12.65
CA ASN A 99 -0.34 -2.84 12.92
C ASN A 99 0.26 -2.16 11.70
N ILE A 100 -0.15 -2.62 10.52
CA ILE A 100 0.34 -2.05 9.26
C ILE A 100 -0.47 -0.82 8.88
N LYS A 101 -1.79 -0.92 9.02
CA LYS A 101 -2.67 0.20 8.68
C LYS A 101 -2.32 1.43 9.52
N MET A 102 -1.87 1.20 10.74
CA MET A 102 -1.50 2.29 11.64
C MET A 102 -0.14 2.86 11.28
N THR A 103 0.82 1.97 11.10
CA THR A 103 2.17 2.38 10.74
C THR A 103 2.18 3.07 9.38
N LEU A 104 1.39 2.53 8.45
CA LEU A 104 1.29 3.09 7.12
C LEU A 104 0.67 4.48 7.17
N GLN A 105 -0.23 4.69 8.12
CA GLN A 105 -0.90 5.97 8.27
C GLN A 105 0.09 7.05 8.71
N GLN A 106 1.07 6.64 9.50
CA GLN A 106 2.09 7.56 9.97
C GLN A 106 2.91 8.08 8.81
N ILE A 107 3.24 7.19 7.88
CA ILE A 107 4.00 7.58 6.70
C ILE A 107 3.28 8.69 5.94
N ILE A 108 1.97 8.52 5.81
CA ILE A 108 1.13 9.51 5.13
C ILE A 108 1.36 10.88 5.73
N SER A 109 1.24 10.92 7.04
CA SER A 109 1.41 12.16 7.79
C SER A 109 2.75 12.82 7.49
N ARG A 110 3.74 12.00 7.16
CA ARG A 110 5.07 12.50 6.84
C ARG A 110 5.08 13.19 5.49
N TYR A 111 4.30 12.66 4.56
CA TYR A 111 4.22 13.23 3.22
C TYR A 111 3.39 14.50 3.24
N LYS A 112 2.43 14.56 4.15
CA LYS A 112 1.57 15.71 4.28
C LYS A 112 2.30 16.86 4.98
N ASP A 113 3.22 16.51 5.87
CA ASP A 113 3.98 17.51 6.61
C ASP A 113 4.77 18.42 5.65
N ALA A 114 5.27 17.83 4.57
CA ALA A 114 6.03 18.58 3.58
C ALA A 114 5.18 19.67 2.95
N ASP A 115 3.88 19.40 2.81
CA ASP A 115 2.96 20.37 2.22
C ASP A 115 2.33 21.24 3.30
N PRO A 1 6.11 -4.72 16.96
CA PRO A 1 4.64 -4.61 17.05
C PRO A 1 4.13 -3.31 16.43
N SER A 2 4.67 -2.96 15.27
CA SER A 2 4.27 -1.75 14.56
C SER A 2 4.66 -1.82 13.09
N HIS A 3 5.89 -2.25 12.83
CA HIS A 3 6.39 -2.36 11.46
C HIS A 3 6.38 -3.81 10.99
N SER A 4 6.44 -4.01 9.68
CA SER A 4 6.45 -5.35 9.10
C SER A 4 5.21 -6.13 9.53
N GLY A 5 5.02 -7.30 8.93
CA GLY A 5 3.88 -8.13 9.25
C GLY A 5 3.40 -8.93 8.05
N ALA A 6 2.83 -10.10 8.29
CA ALA A 6 2.35 -10.94 7.21
C ALA A 6 1.13 -10.33 6.54
N ALA A 7 1.08 -10.43 5.21
CA ALA A 7 -0.03 -9.89 4.45
C ALA A 7 -0.16 -10.58 3.08
N ILE A 8 -1.39 -10.69 2.59
CA ILE A 8 -1.66 -11.31 1.31
C ILE A 8 -1.77 -10.27 0.21
N PHE A 9 -1.27 -10.63 -0.97
CA PHE A 9 -1.34 -9.75 -2.13
C PHE A 9 -1.54 -10.57 -3.40
N GLU A 10 -2.76 -10.52 -3.93
CA GLU A 10 -3.10 -11.26 -5.14
C GLU A 10 -3.35 -12.73 -4.84
N LYS A 11 -4.17 -13.00 -3.83
CA LYS A 11 -4.52 -14.37 -3.45
C LYS A 11 -3.30 -15.18 -3.01
N VAL A 12 -2.19 -14.49 -2.74
CA VAL A 12 -0.98 -15.15 -2.27
C VAL A 12 -0.54 -14.51 -0.97
N SER A 13 -0.09 -15.32 -0.03
CA SER A 13 0.34 -14.80 1.27
C SER A 13 1.85 -14.71 1.38
N GLY A 14 2.29 -13.72 2.13
CA GLY A 14 3.72 -13.51 2.33
C GLY A 14 3.97 -12.49 3.43
N ILE A 15 5.22 -12.22 3.71
CA ILE A 15 5.57 -11.26 4.75
C ILE A 15 5.75 -9.86 4.18
N ILE A 16 5.04 -8.91 4.77
CA ILE A 16 5.08 -7.52 4.34
C ILE A 16 5.99 -6.70 5.25
N ALA A 17 7.02 -6.11 4.66
CA ALA A 17 7.95 -5.29 5.42
C ALA A 17 7.95 -3.85 4.91
N ILE A 18 8.06 -2.91 5.83
CA ILE A 18 8.06 -1.50 5.48
C ILE A 18 9.47 -0.91 5.60
N ASN A 19 10.08 -0.63 4.46
CA ASN A 19 11.42 -0.07 4.44
C ASN A 19 11.37 1.45 4.26
N GLU A 20 11.72 2.18 5.31
CA GLU A 20 11.70 3.63 5.27
C GLU A 20 13.06 4.18 4.83
N ASP A 21 14.09 3.34 4.89
CA ASP A 21 15.43 3.75 4.47
C ASP A 21 15.41 4.34 3.07
N VAL A 22 14.40 3.95 2.30
CA VAL A 22 14.25 4.44 0.93
C VAL A 22 13.54 5.79 0.93
N SER A 23 13.80 6.58 -0.11
CA SER A 23 13.18 7.89 -0.25
C SER A 23 12.77 8.16 -1.69
N PRO A 24 11.45 8.12 -1.98
CA PRO A 24 10.40 7.86 -1.00
C PRO A 24 10.45 6.42 -0.47
N ALA A 25 10.02 6.23 0.78
CA ALA A 25 10.00 4.91 1.39
C ALA A 25 9.22 3.91 0.53
N GLU A 26 9.28 2.65 0.91
CA GLU A 26 8.58 1.60 0.16
C GLU A 26 8.14 0.45 1.07
N LEU A 27 7.18 -0.33 0.57
CA LEU A 27 6.66 -1.48 1.31
C LEU A 27 6.94 -2.78 0.55
N THR A 28 7.77 -3.64 1.14
CA THR A 28 8.13 -4.88 0.52
C THR A 28 7.20 -6.02 0.92
N TRP A 29 6.99 -6.95 0.00
CA TRP A 29 6.14 -8.10 0.22
C TRP A 29 6.82 -9.37 -0.28
N ARG A 30 7.23 -10.23 0.65
CA ARG A 30 7.88 -11.48 0.29
C ARG A 30 6.89 -12.63 0.43
N SER A 31 6.73 -13.42 -0.63
CA SER A 31 5.81 -14.54 -0.60
C SER A 31 6.21 -15.54 0.48
N THR A 32 5.26 -16.39 0.86
CA THR A 32 5.50 -17.40 1.87
C THR A 32 6.60 -18.33 1.41
N ASP A 33 6.66 -18.55 0.11
CA ASP A 33 7.66 -19.42 -0.50
C ASP A 33 9.04 -18.81 -0.41
N GLY A 34 9.10 -17.50 -0.49
CA GLY A 34 10.37 -16.79 -0.43
C GLY A 34 11.06 -16.75 -1.78
N ASP A 35 10.27 -16.84 -2.83
CA ASP A 35 10.81 -16.82 -4.19
C ASP A 35 10.35 -15.58 -4.95
N LYS A 36 9.29 -14.94 -4.46
CA LYS A 36 8.76 -13.74 -5.09
C LYS A 36 8.66 -12.60 -4.09
N VAL A 37 9.24 -11.46 -4.44
CA VAL A 37 9.22 -10.29 -3.57
C VAL A 37 8.65 -9.07 -4.29
N HIS A 38 7.59 -8.51 -3.75
CA HIS A 38 6.95 -7.33 -4.35
C HIS A 38 7.21 -6.09 -3.53
N THR A 39 7.41 -4.98 -4.21
CA THR A 39 7.66 -3.70 -3.55
C THR A 39 6.57 -2.69 -3.90
N VAL A 40 6.06 -2.01 -2.89
CA VAL A 40 5.00 -1.01 -3.09
C VAL A 40 5.47 0.38 -2.68
N VAL A 41 5.03 1.39 -3.42
CA VAL A 41 5.40 2.77 -3.12
C VAL A 41 4.38 3.40 -2.18
N LEU A 42 4.88 3.91 -1.05
CA LEU A 42 4.01 4.53 -0.06
C LEU A 42 3.81 6.02 -0.34
N SER A 43 4.59 6.57 -1.27
CA SER A 43 4.48 7.98 -1.61
C SER A 43 3.33 8.21 -2.58
N THR A 44 3.04 7.20 -3.39
CA THR A 44 1.95 7.30 -4.36
C THR A 44 0.60 7.06 -3.69
N ILE A 45 0.62 6.36 -2.56
CA ILE A 45 -0.61 6.07 -1.82
C ILE A 45 -1.30 7.36 -1.39
N ASP A 46 -2.23 7.82 -2.20
CA ASP A 46 -2.98 9.04 -1.90
C ASP A 46 -3.74 8.91 -0.59
N LYS A 47 -4.15 7.69 -0.26
CA LYS A 47 -4.88 7.44 0.98
C LYS A 47 -4.81 5.96 1.37
N LEU A 48 -5.20 5.67 2.61
CA LEU A 48 -5.20 4.31 3.11
C LEU A 48 -6.60 3.85 3.46
N GLN A 49 -6.95 2.63 3.05
CA GLN A 49 -8.28 2.08 3.32
C GLN A 49 -8.18 0.71 3.97
N ALA A 50 -9.09 0.42 4.89
CA ALA A 50 -9.09 -0.86 5.58
C ALA A 50 -10.52 -1.36 5.80
N THR A 51 -10.66 -2.68 5.96
CA THR A 51 -11.97 -3.28 6.17
C THR A 51 -12.48 -2.99 7.59
N PRO A 52 -13.80 -2.99 7.78
CA PRO A 52 -14.41 -2.72 9.08
C PRO A 52 -14.16 -3.84 10.08
N ALA A 53 -14.24 -3.51 11.37
CA ALA A 53 -14.02 -4.50 12.42
C ALA A 53 -15.14 -5.53 12.48
N SER A 54 -16.22 -5.27 11.76
CA SER A 54 -17.37 -6.18 11.74
C SER A 54 -17.23 -7.21 10.62
N SER A 55 -16.14 -7.12 9.86
CA SER A 55 -15.90 -8.04 8.76
C SER A 55 -14.79 -9.02 9.11
N GLU A 56 -15.16 -10.29 9.23
CA GLU A 56 -14.19 -11.34 9.57
C GLU A 56 -13.06 -11.37 8.55
N LYS A 57 -13.30 -10.79 7.37
CA LYS A 57 -12.31 -10.76 6.30
C LYS A 57 -11.43 -9.53 6.43
N MET A 58 -10.24 -9.71 6.98
CA MET A 58 -9.29 -8.61 7.15
C MET A 58 -8.59 -8.28 5.84
N MET A 59 -8.75 -7.05 5.38
CA MET A 59 -8.12 -6.62 4.12
C MET A 59 -7.83 -5.12 4.15
N LEU A 60 -6.64 -4.75 3.68
CA LEU A 60 -6.24 -3.35 3.64
C LEU A 60 -6.07 -2.87 2.21
N ARG A 61 -6.89 -1.90 1.81
CA ARG A 61 -6.83 -1.36 0.45
C ARG A 61 -6.14 0.00 0.43
N LEU A 62 -5.19 0.16 -0.48
CA LEU A 62 -4.45 1.41 -0.61
C LEU A 62 -4.72 2.06 -1.96
N ILE A 63 -5.08 3.34 -1.93
CA ILE A 63 -5.36 4.07 -3.16
C ILE A 63 -4.23 5.02 -3.51
N GLY A 64 -3.78 4.96 -4.76
CA GLY A 64 -2.70 5.82 -5.20
C GLY A 64 -3.20 7.18 -5.66
N LYS A 65 -2.26 8.09 -5.91
CA LYS A 65 -2.62 9.43 -6.36
C LYS A 65 -2.47 9.55 -7.87
N VAL A 66 -2.74 10.75 -8.39
CA VAL A 66 -2.64 10.99 -9.83
C VAL A 66 -1.31 11.65 -10.19
N ASP A 67 -0.64 11.09 -11.19
CA ASP A 67 0.64 11.62 -11.64
C ASP A 67 0.70 11.69 -13.16
N GLU A 68 1.14 12.84 -13.67
CA GLU A 68 1.24 13.02 -15.12
C GLU A 68 2.70 13.08 -15.55
N SER A 69 3.53 12.28 -14.89
CA SER A 69 4.96 12.23 -15.21
C SER A 69 5.23 11.22 -16.31
N LYS A 70 4.35 10.26 -16.48
CA LYS A 70 4.50 9.23 -17.50
C LYS A 70 4.55 9.84 -18.89
N LYS A 71 3.80 10.93 -19.08
CA LYS A 71 3.78 11.62 -20.37
C LYS A 71 3.29 10.68 -21.48
N ARG A 72 2.04 10.84 -21.88
CA ARG A 72 1.46 10.01 -22.93
C ARG A 72 2.25 10.16 -24.23
N LYS A 73 2.58 9.03 -24.85
CA LYS A 73 3.33 9.04 -26.09
C LYS A 73 2.40 8.83 -27.29
N ASP A 74 2.94 9.01 -28.49
CA ASP A 74 2.16 8.84 -29.71
C ASP A 74 2.05 7.37 -30.10
N ASN A 75 2.95 6.55 -29.58
CA ASN A 75 2.96 5.13 -29.86
C ASN A 75 1.94 4.38 -29.00
N GLU A 76 1.24 5.11 -28.13
CA GLU A 76 0.25 4.51 -27.25
C GLU A 76 -1.17 4.69 -27.81
N GLY A 77 -1.26 4.71 -29.14
CA GLY A 77 -2.54 4.89 -29.79
C GLY A 77 -3.27 6.14 -29.34
N ASN A 78 -2.55 7.05 -28.70
CA ASN A 78 -3.14 8.31 -28.22
C ASN A 78 -4.46 8.06 -27.50
N GLU A 79 -5.17 9.15 -27.18
CA GLU A 79 -6.45 9.05 -26.49
C GLU A 79 -6.29 8.34 -25.15
N VAL A 80 -5.32 8.78 -24.36
CA VAL A 80 -5.07 8.19 -23.05
C VAL A 80 -5.08 9.24 -21.95
N VAL A 81 -5.42 8.82 -20.73
CA VAL A 81 -5.47 9.73 -19.60
C VAL A 81 -4.95 9.06 -18.33
N PRO A 82 -4.36 9.84 -17.40
CA PRO A 82 -3.83 9.31 -16.15
C PRO A 82 -4.92 8.84 -15.21
N LYS A 83 -4.63 7.81 -14.42
CA LYS A 83 -5.59 7.26 -13.49
C LYS A 83 -4.89 6.70 -12.25
N PRO A 84 -5.45 6.95 -11.05
CA PRO A 84 -4.86 6.46 -9.79
C PRO A 84 -4.92 4.95 -9.67
N GLN A 85 -3.85 4.35 -9.16
CA GLN A 85 -3.78 2.91 -8.99
C GLN A 85 -4.12 2.51 -7.55
N ARG A 86 -4.92 1.46 -7.40
CA ARG A 86 -5.32 0.99 -6.08
C ARG A 86 -4.81 -0.42 -5.83
N HIS A 87 -4.30 -0.65 -4.63
CA HIS A 87 -3.76 -1.96 -4.25
C HIS A 87 -4.60 -2.56 -3.11
N MET A 88 -5.16 -3.74 -3.37
CA MET A 88 -5.97 -4.43 -2.38
C MET A 88 -5.20 -5.57 -1.73
N PHE A 89 -5.07 -5.52 -0.41
CA PHE A 89 -4.35 -6.55 0.33
C PHE A 89 -5.29 -7.34 1.24
N SER A 90 -4.88 -8.55 1.59
CA SER A 90 -5.67 -9.41 2.46
C SER A 90 -4.85 -9.84 3.67
N PHE A 91 -5.34 -9.51 4.86
CA PHE A 91 -4.64 -9.85 6.09
C PHE A 91 -5.23 -11.08 6.75
N ASN A 92 -4.35 -11.91 7.29
CA ASN A 92 -4.76 -13.13 7.98
C ASN A 92 -4.70 -12.91 9.49
N ASN A 93 -4.54 -11.66 9.91
CA ASN A 93 -4.46 -11.35 11.33
C ASN A 93 -4.93 -9.92 11.61
N ARG A 94 -5.81 -9.78 12.60
CA ARG A 94 -6.34 -8.46 12.96
C ARG A 94 -5.23 -7.58 13.53
N THR A 95 -4.46 -8.13 14.46
CA THR A 95 -3.38 -7.40 15.07
C THR A 95 -2.32 -7.06 14.04
N VAL A 96 -2.12 -7.96 13.09
CA VAL A 96 -1.14 -7.76 12.04
C VAL A 96 -1.58 -6.67 11.08
N MET A 97 -2.87 -6.64 10.79
CA MET A 97 -3.41 -5.63 9.89
C MET A 97 -3.45 -4.27 10.57
N ASP A 98 -3.66 -4.27 11.88
CA ASP A 98 -3.72 -3.05 12.65
C ASP A 98 -2.32 -2.47 12.85
N ASN A 99 -1.34 -3.36 12.89
CA ASN A 99 0.05 -2.95 13.08
C ASN A 99 0.58 -2.29 11.82
N ILE A 100 0.11 -2.77 10.68
CA ILE A 100 0.52 -2.23 9.39
C ILE A 100 -0.32 -1.02 8.99
N LYS A 101 -1.63 -1.12 9.21
CA LYS A 101 -2.55 -0.04 8.88
C LYS A 101 -2.19 1.23 9.64
N MET A 102 -1.69 1.07 10.86
CA MET A 102 -1.32 2.22 11.69
C MET A 102 0.04 2.77 11.28
N THR A 103 0.98 1.89 11.04
CA THR A 103 2.32 2.30 10.64
C THR A 103 2.29 2.97 9.27
N LEU A 104 1.47 2.44 8.38
CA LEU A 104 1.34 3.00 7.03
C LEU A 104 0.71 4.38 7.09
N GLN A 105 -0.21 4.57 8.03
CA GLN A 105 -0.89 5.86 8.19
C GLN A 105 0.10 6.93 8.64
N GLN A 106 1.08 6.51 9.43
CA GLN A 106 2.09 7.43 9.93
C GLN A 106 2.94 7.97 8.78
N ILE A 107 3.27 7.09 7.84
CA ILE A 107 4.06 7.50 6.69
C ILE A 107 3.33 8.61 5.93
N ILE A 108 2.02 8.43 5.77
CA ILE A 108 1.19 9.42 5.09
C ILE A 108 1.40 10.79 5.70
N SER A 109 1.26 10.82 7.01
CA SER A 109 1.42 12.05 7.77
C SER A 109 2.74 12.72 7.48
N ARG A 110 3.75 11.92 7.15
CA ARG A 110 5.07 12.44 6.84
C ARG A 110 5.08 13.16 5.50
N TYR A 111 4.27 12.67 4.58
CA TYR A 111 4.16 13.28 3.25
C TYR A 111 3.38 14.58 3.32
N LYS A 112 2.44 14.63 4.23
CA LYS A 112 1.60 15.80 4.41
C LYS A 112 2.37 16.92 5.12
N ASP A 113 3.30 16.52 5.99
CA ASP A 113 4.11 17.49 6.72
C ASP A 113 4.91 18.37 5.76
N ALA A 114 5.40 17.77 4.69
CA ALA A 114 6.18 18.50 3.69
C ALA A 114 5.35 19.60 3.05
N ASP A 115 4.06 19.36 2.90
CA ASP A 115 3.15 20.33 2.30
C ASP A 115 1.90 20.51 3.16
N PRO A 1 5.19 -7.11 16.63
CA PRO A 1 6.00 -6.65 15.48
C PRO A 1 5.41 -5.40 14.84
N SER A 2 6.27 -4.41 14.60
CA SER A 2 5.85 -3.16 13.98
C SER A 2 6.61 -2.89 12.69
N HIS A 3 5.97 -2.19 11.76
CA HIS A 3 6.60 -1.88 10.48
C HIS A 3 6.96 -3.15 9.71
N SER A 4 6.24 -4.22 9.97
CA SER A 4 6.48 -5.50 9.31
C SER A 4 5.49 -6.55 9.77
N GLY A 5 4.70 -7.06 8.83
CA GLY A 5 3.71 -8.07 9.15
C GLY A 5 3.29 -8.86 7.93
N ALA A 6 2.82 -10.09 8.13
CA ALA A 6 2.39 -10.92 7.03
C ALA A 6 1.16 -10.36 6.35
N ALA A 7 1.16 -10.42 5.02
CA ALA A 7 0.04 -9.92 4.24
C ALA A 7 -0.06 -10.63 2.89
N ILE A 8 -1.31 -10.79 2.40
CA ILE A 8 -1.53 -11.45 1.13
C ILE A 8 -1.68 -10.45 0.00
N PHE A 9 -1.16 -10.81 -1.16
CA PHE A 9 -1.25 -9.96 -2.34
C PHE A 9 -1.39 -10.82 -3.59
N GLU A 10 -2.60 -10.83 -4.14
CA GLU A 10 -2.90 -11.61 -5.34
C GLU A 10 -3.09 -13.09 -5.00
N LYS A 11 -3.92 -13.37 -3.99
CA LYS A 11 -4.21 -14.73 -3.59
C LYS A 11 -2.97 -15.48 -3.10
N VAL A 12 -1.90 -14.75 -2.84
CA VAL A 12 -0.68 -15.35 -2.33
C VAL A 12 -0.28 -14.66 -1.03
N SER A 13 0.17 -15.42 -0.06
CA SER A 13 0.55 -14.86 1.23
C SER A 13 2.05 -14.74 1.37
N GLY A 14 2.46 -13.68 2.07
CA GLY A 14 3.87 -13.43 2.29
C GLY A 14 4.09 -12.39 3.37
N ILE A 15 5.34 -12.08 3.67
CA ILE A 15 5.64 -11.09 4.69
C ILE A 15 5.80 -9.71 4.07
N ILE A 16 5.06 -8.76 4.62
CA ILE A 16 5.09 -7.39 4.15
C ILE A 16 5.93 -6.51 5.07
N ALA A 17 7.00 -5.93 4.52
CA ALA A 17 7.88 -5.07 5.28
C ALA A 17 7.82 -3.63 4.78
N ILE A 18 7.90 -2.68 5.70
CA ILE A 18 7.85 -1.27 5.34
C ILE A 18 9.25 -0.66 5.37
N ASN A 19 9.70 -0.18 4.22
CA ASN A 19 11.02 0.45 4.12
C ASN A 19 10.89 1.95 3.95
N GLU A 20 11.29 2.68 4.98
CA GLU A 20 11.24 4.14 4.94
C GLU A 20 12.63 4.74 4.91
N ASP A 21 13.65 3.89 5.05
CA ASP A 21 15.03 4.34 5.03
C ASP A 21 15.37 5.00 3.70
N VAL A 22 14.59 4.71 2.67
CA VAL A 22 14.83 5.29 1.36
C VAL A 22 13.96 6.52 1.14
N SER A 23 13.79 6.92 -0.12
CA SER A 23 13.00 8.08 -0.45
C SER A 23 12.69 8.12 -1.95
N PRO A 24 11.41 7.94 -2.34
CA PRO A 24 10.30 7.74 -1.41
C PRO A 24 10.32 6.34 -0.79
N ALA A 25 9.79 6.23 0.42
CA ALA A 25 9.72 4.95 1.12
C ALA A 25 9.03 3.90 0.26
N GLU A 26 9.08 2.64 0.69
CA GLU A 26 8.46 1.56 -0.05
C GLU A 26 8.14 0.37 0.84
N LEU A 27 7.05 -0.33 0.53
CA LEU A 27 6.64 -1.49 1.30
C LEU A 27 6.90 -2.78 0.52
N THR A 28 7.81 -3.60 1.02
CA THR A 28 8.19 -4.83 0.37
C THR A 28 7.27 -5.98 0.78
N TRP A 29 7.05 -6.90 -0.15
CA TRP A 29 6.22 -8.06 0.09
C TRP A 29 6.92 -9.33 -0.38
N ARG A 30 7.33 -10.16 0.56
CA ARG A 30 8.01 -11.40 0.22
C ARG A 30 7.05 -12.58 0.41
N SER A 31 6.90 -13.40 -0.62
CA SER A 31 6.01 -14.55 -0.55
C SER A 31 6.43 -15.49 0.56
N THR A 32 5.50 -16.34 0.98
CA THR A 32 5.76 -17.30 2.02
C THR A 32 6.86 -18.26 1.58
N ASP A 33 6.92 -18.50 0.28
CA ASP A 33 7.92 -19.39 -0.30
C ASP A 33 9.30 -18.76 -0.25
N GLY A 34 9.34 -17.45 -0.38
CA GLY A 34 10.60 -16.74 -0.35
C GLY A 34 11.27 -16.72 -1.71
N ASP A 35 10.47 -16.85 -2.75
CA ASP A 35 10.99 -16.86 -4.12
C ASP A 35 10.53 -15.63 -4.89
N LYS A 36 9.46 -14.99 -4.41
CA LYS A 36 8.93 -13.81 -5.07
C LYS A 36 8.85 -12.64 -4.09
N VAL A 37 9.34 -11.48 -4.51
CA VAL A 37 9.32 -10.28 -3.67
C VAL A 37 8.75 -9.09 -4.43
N HIS A 38 7.68 -8.52 -3.89
CA HIS A 38 7.04 -7.36 -4.50
C HIS A 38 7.30 -6.10 -3.70
N THR A 39 7.49 -5.00 -4.40
CA THR A 39 7.74 -3.72 -3.76
C THR A 39 6.59 -2.74 -4.03
N VAL A 40 6.18 -2.03 -2.99
CA VAL A 40 5.09 -1.07 -3.11
C VAL A 40 5.55 0.35 -2.75
N VAL A 41 5.05 1.32 -3.49
CA VAL A 41 5.41 2.72 -3.25
C VAL A 41 4.42 3.37 -2.28
N LEU A 42 4.94 3.89 -1.18
CA LEU A 42 4.10 4.53 -0.17
C LEU A 42 3.90 6.02 -0.47
N SER A 43 4.67 6.55 -1.42
CA SER A 43 4.56 7.96 -1.78
C SER A 43 3.39 8.18 -2.73
N THR A 44 3.07 7.16 -3.52
CA THR A 44 1.98 7.24 -4.47
C THR A 44 0.64 7.02 -3.78
N ILE A 45 0.66 6.33 -2.64
CA ILE A 45 -0.54 6.05 -1.88
C ILE A 45 -1.25 7.33 -1.48
N ASP A 46 -2.18 7.77 -2.33
CA ASP A 46 -2.94 8.99 -2.05
C ASP A 46 -3.69 8.87 -0.73
N LYS A 47 -4.11 7.65 -0.40
CA LYS A 47 -4.84 7.41 0.84
C LYS A 47 -4.81 5.94 1.21
N LEU A 48 -5.28 5.61 2.41
CA LEU A 48 -5.31 4.23 2.87
C LEU A 48 -6.73 3.82 3.27
N GLN A 49 -7.11 2.61 2.90
CA GLN A 49 -8.44 2.11 3.22
C GLN A 49 -8.36 0.73 3.88
N ALA A 50 -8.67 0.69 5.17
CA ALA A 50 -8.63 -0.57 5.93
C ALA A 50 -10.03 -1.05 6.26
N THR A 51 -10.17 -2.36 6.41
CA THR A 51 -11.47 -2.96 6.73
C THR A 51 -11.87 -2.63 8.17
N PRO A 52 -13.19 -2.47 8.41
CA PRO A 52 -13.70 -2.15 9.76
C PRO A 52 -13.60 -3.32 10.72
N ALA A 53 -13.62 -3.02 12.01
CA ALA A 53 -13.52 -4.05 13.03
C ALA A 53 -14.76 -4.94 13.05
N SER A 54 -15.81 -4.50 12.39
CA SER A 54 -17.07 -5.25 12.33
C SER A 54 -17.08 -6.22 11.14
N SER A 55 -15.99 -6.22 10.37
CA SER A 55 -15.89 -7.10 9.20
C SER A 55 -14.92 -8.23 9.48
N GLU A 56 -15.44 -9.44 9.54
CA GLU A 56 -14.60 -10.62 9.79
C GLU A 56 -13.51 -10.74 8.73
N LYS A 57 -13.71 -10.06 7.61
CA LYS A 57 -12.73 -10.10 6.52
C LYS A 57 -11.71 -8.98 6.67
N MET A 58 -10.55 -9.32 7.25
CA MET A 58 -9.49 -8.35 7.45
C MET A 58 -8.68 -8.14 6.17
N MET A 59 -8.79 -6.96 5.59
CA MET A 59 -8.06 -6.63 4.37
C MET A 59 -7.67 -5.16 4.34
N LEU A 60 -6.50 -4.88 3.78
CA LEU A 60 -6.00 -3.50 3.69
C LEU A 60 -5.89 -3.05 2.24
N ARG A 61 -6.60 -1.97 1.91
CA ARG A 61 -6.59 -1.44 0.54
C ARG A 61 -5.92 -0.07 0.50
N LEU A 62 -5.04 0.12 -0.48
CA LEU A 62 -4.35 1.39 -0.63
C LEU A 62 -4.54 1.96 -2.02
N ILE A 63 -4.95 3.22 -2.09
CA ILE A 63 -5.20 3.90 -3.35
C ILE A 63 -4.05 4.82 -3.72
N GLY A 64 -3.61 4.75 -4.97
CA GLY A 64 -2.52 5.59 -5.43
C GLY A 64 -2.99 6.90 -6.01
N LYS A 65 -2.07 7.84 -6.18
CA LYS A 65 -2.40 9.15 -6.72
C LYS A 65 -2.58 9.09 -8.24
N VAL A 66 -2.82 10.24 -8.84
CA VAL A 66 -3.01 10.32 -10.28
C VAL A 66 -1.73 10.77 -10.98
N ASP A 67 -1.32 10.02 -12.01
CA ASP A 67 -0.12 10.34 -12.76
C ASP A 67 -0.32 11.59 -13.61
N GLU A 68 0.66 12.48 -13.60
CA GLU A 68 0.59 13.71 -14.38
C GLU A 68 1.94 14.06 -14.98
N SER A 69 2.67 13.03 -15.43
CA SER A 69 3.99 13.22 -16.02
C SER A 69 3.90 13.23 -17.55
N LYS A 70 2.87 12.58 -18.08
CA LYS A 70 2.67 12.51 -19.52
C LYS A 70 1.74 13.61 -20.00
N LYS A 71 0.88 14.08 -19.11
CA LYS A 71 -0.07 15.14 -19.44
C LYS A 71 -1.01 14.70 -20.56
N ARG A 72 -1.48 13.46 -20.48
CA ARG A 72 -2.39 12.92 -21.48
C ARG A 72 -3.75 13.60 -21.41
N LYS A 73 -4.29 13.94 -22.57
CA LYS A 73 -5.59 14.61 -22.64
C LYS A 73 -6.48 13.95 -23.69
N ASP A 74 -7.79 14.11 -23.54
CA ASP A 74 -8.75 13.54 -24.47
C ASP A 74 -9.51 14.63 -25.20
N ASN A 75 -9.96 14.33 -26.43
CA ASN A 75 -10.70 15.29 -27.22
C ASN A 75 -12.21 15.19 -26.96
N GLU A 76 -12.60 14.27 -26.07
CA GLU A 76 -14.00 14.09 -25.74
C GLU A 76 -14.38 14.89 -24.49
N GLY A 77 -13.82 16.09 -24.36
CA GLY A 77 -14.11 16.93 -23.22
C GLY A 77 -13.85 16.22 -21.89
N ASN A 78 -12.82 15.40 -21.86
CA ASN A 78 -12.48 14.67 -20.65
C ASN A 78 -11.57 15.50 -19.73
N GLU A 79 -12.19 16.25 -18.83
CA GLU A 79 -11.44 17.09 -17.90
C GLU A 79 -11.34 16.43 -16.53
N VAL A 80 -11.36 15.10 -16.51
CA VAL A 80 -11.26 14.36 -15.27
C VAL A 80 -10.18 13.28 -15.35
N VAL A 81 -9.72 12.82 -14.19
CA VAL A 81 -8.68 11.80 -14.14
C VAL A 81 -9.18 10.48 -14.72
N PRO A 82 -8.31 9.72 -15.40
CA PRO A 82 -8.67 8.44 -16.00
C PRO A 82 -9.19 7.44 -14.98
N LYS A 83 -8.28 6.94 -14.13
CA LYS A 83 -8.65 5.97 -13.10
C LYS A 83 -7.44 5.60 -12.25
N PRO A 84 -7.26 6.26 -11.09
CA PRO A 84 -6.13 5.99 -10.19
C PRO A 84 -5.99 4.50 -9.88
N GLN A 85 -4.76 4.07 -9.64
CA GLN A 85 -4.48 2.66 -9.33
C GLN A 85 -4.41 2.45 -7.83
N ARG A 86 -5.00 1.34 -7.36
CA ARG A 86 -4.99 1.01 -5.94
C ARG A 86 -4.59 -0.45 -5.73
N HIS A 87 -3.93 -0.70 -4.60
CA HIS A 87 -3.49 -2.05 -4.26
C HIS A 87 -4.35 -2.64 -3.15
N MET A 88 -4.99 -3.77 -3.45
CA MET A 88 -5.84 -4.44 -2.48
C MET A 88 -5.11 -5.61 -1.83
N PHE A 89 -4.94 -5.54 -0.51
CA PHE A 89 -4.25 -6.58 0.24
C PHE A 89 -5.22 -7.35 1.12
N SER A 90 -4.86 -8.59 1.44
CA SER A 90 -5.69 -9.44 2.29
C SER A 90 -4.89 -9.93 3.48
N PHE A 91 -5.38 -9.65 4.69
CA PHE A 91 -4.71 -10.05 5.91
C PHE A 91 -5.32 -11.31 6.49
N ASN A 92 -4.47 -12.13 7.10
CA ASN A 92 -4.92 -13.37 7.72
C ASN A 92 -4.99 -13.20 9.24
N ASN A 93 -4.86 -11.96 9.72
CA ASN A 93 -4.89 -11.69 11.14
C ASN A 93 -5.26 -10.23 11.41
N ARG A 94 -6.25 -10.03 12.28
CA ARG A 94 -6.70 -8.69 12.64
C ARG A 94 -5.58 -7.90 13.28
N THR A 95 -4.80 -8.56 14.13
CA THR A 95 -3.70 -7.92 14.81
C THR A 95 -2.63 -7.48 13.82
N VAL A 96 -2.33 -8.36 12.89
CA VAL A 96 -1.33 -8.07 11.86
C VAL A 96 -1.85 -7.03 10.90
N MET A 97 -3.15 -7.04 10.66
CA MET A 97 -3.77 -6.08 9.76
C MET A 97 -3.92 -4.72 10.44
N ASP A 98 -4.09 -4.73 11.75
CA ASP A 98 -4.23 -3.51 12.52
C ASP A 98 -2.88 -2.88 12.80
N ASN A 99 -1.84 -3.71 12.83
CA ASN A 99 -0.49 -3.24 13.09
C ASN A 99 0.06 -2.50 11.88
N ILE A 100 -0.40 -2.90 10.70
CA ILE A 100 0.04 -2.29 9.46
C ILE A 100 -0.78 -1.05 9.14
N LYS A 101 -2.10 -1.13 9.36
CA LYS A 101 -2.99 -0.02 9.07
C LYS A 101 -2.57 1.25 9.83
N MET A 102 -2.01 1.05 11.03
CA MET A 102 -1.57 2.16 11.86
C MET A 102 -0.19 2.66 11.44
N THR A 103 0.73 1.72 11.28
CA THR A 103 2.09 2.05 10.87
C THR A 103 2.10 2.74 9.51
N LEU A 104 1.33 2.19 8.58
CA LEU A 104 1.25 2.76 7.24
C LEU A 104 0.62 4.15 7.29
N GLN A 105 -0.26 4.35 8.26
CA GLN A 105 -0.93 5.64 8.41
C GLN A 105 0.07 6.71 8.83
N GLN A 106 1.05 6.30 9.63
CA GLN A 106 2.07 7.23 10.11
C GLN A 106 2.89 7.76 8.93
N ILE A 107 3.22 6.86 8.01
CA ILE A 107 4.00 7.24 6.83
C ILE A 107 3.26 8.35 6.07
N ILE A 108 1.95 8.18 5.94
CA ILE A 108 1.12 9.15 5.25
C ILE A 108 1.33 10.53 5.85
N SER A 109 1.19 10.58 7.16
CA SER A 109 1.34 11.81 7.91
C SER A 109 2.69 12.45 7.65
N ARG A 110 3.69 11.61 7.38
CA ARG A 110 5.04 12.10 7.11
C ARG A 110 5.10 12.78 5.75
N TYR A 111 4.30 12.29 4.81
CA TYR A 111 4.27 12.86 3.47
C TYR A 111 3.59 14.22 3.48
N LYS A 112 2.68 14.41 4.43
CA LYS A 112 1.96 15.66 4.56
C LYS A 112 2.88 16.76 5.08
N ASP A 113 3.76 16.41 6.01
CA ASP A 113 4.69 17.36 6.59
C ASP A 113 5.59 17.96 5.51
N ALA A 114 5.97 17.14 4.53
CA ALA A 114 6.83 17.59 3.44
C ALA A 114 6.16 18.70 2.64
N ASP A 115 4.83 18.64 2.55
CA ASP A 115 4.07 19.64 1.82
C ASP A 115 3.49 20.68 2.76
N PRO A 1 5.95 -5.24 16.85
CA PRO A 1 4.50 -5.03 16.96
C PRO A 1 4.07 -3.69 16.37
N SER A 2 4.62 -3.36 15.20
CA SER A 2 4.29 -2.11 14.54
C SER A 2 4.80 -2.11 13.10
N HIS A 3 6.02 -2.60 12.91
CA HIS A 3 6.62 -2.65 11.58
C HIS A 3 6.79 -4.09 11.13
N SER A 4 6.72 -4.30 9.81
CA SER A 4 6.86 -5.64 9.23
C SER A 4 5.77 -6.57 9.74
N GLY A 5 4.96 -7.07 8.81
CA GLY A 5 3.88 -7.97 9.17
C GLY A 5 3.41 -8.79 7.99
N ALA A 6 2.95 -10.01 8.25
CA ALA A 6 2.48 -10.88 7.18
C ALA A 6 1.25 -10.31 6.50
N ALA A 7 1.20 -10.42 5.18
CA ALA A 7 0.07 -9.91 4.41
C ALA A 7 -0.04 -10.62 3.06
N ILE A 8 -1.28 -10.78 2.59
CA ILE A 8 -1.54 -11.41 1.30
C ILE A 8 -1.70 -10.38 0.20
N PHE A 9 -1.20 -10.71 -0.98
CA PHE A 9 -1.32 -9.84 -2.13
C PHE A 9 -1.50 -10.66 -3.39
N GLU A 10 -2.73 -10.65 -3.92
CA GLU A 10 -3.06 -11.40 -5.13
C GLU A 10 -3.26 -12.89 -4.82
N LYS A 11 -4.07 -13.17 -3.79
CA LYS A 11 -4.37 -14.54 -3.41
C LYS A 11 -3.13 -15.32 -2.96
N VAL A 12 -2.03 -14.61 -2.72
CA VAL A 12 -0.82 -15.23 -2.25
C VAL A 12 -0.39 -14.58 -0.95
N SER A 13 0.05 -15.38 0.01
CA SER A 13 0.44 -14.84 1.31
C SER A 13 1.96 -14.76 1.43
N GLY A 14 2.41 -13.71 2.11
CA GLY A 14 3.82 -13.49 2.31
C GLY A 14 4.06 -12.45 3.40
N ILE A 15 5.32 -12.17 3.68
CA ILE A 15 5.65 -11.19 4.71
C ILE A 15 5.81 -9.80 4.12
N ILE A 16 5.08 -8.85 4.70
CA ILE A 16 5.11 -7.47 4.25
C ILE A 16 6.00 -6.63 5.16
N ALA A 17 7.07 -6.09 4.61
CA ALA A 17 8.00 -5.26 5.38
C ALA A 17 7.90 -3.80 4.96
N ILE A 18 8.01 -2.91 5.93
CA ILE A 18 7.93 -1.48 5.68
C ILE A 18 9.31 -0.84 5.82
N ASN A 19 9.88 -0.43 4.69
CA ASN A 19 11.19 0.20 4.69
C ASN A 19 11.06 1.69 4.37
N GLU A 20 11.32 2.52 5.38
CA GLU A 20 11.23 3.97 5.20
C GLU A 20 12.58 4.57 4.83
N ASP A 21 13.64 3.79 5.02
CA ASP A 21 14.99 4.25 4.69
C ASP A 21 15.06 4.73 3.24
N VAL A 22 14.15 4.23 2.42
CA VAL A 22 14.09 4.60 1.02
C VAL A 22 13.35 5.91 0.83
N SER A 23 13.67 6.62 -0.25
CA SER A 23 13.03 7.89 -0.55
C SER A 23 12.67 7.99 -2.02
N PRO A 24 11.37 7.91 -2.37
CA PRO A 24 10.29 7.73 -1.38
C PRO A 24 10.27 6.34 -0.78
N ALA A 25 9.84 6.25 0.47
CA ALA A 25 9.77 4.97 1.18
C ALA A 25 8.95 3.95 0.38
N GLU A 26 9.02 2.69 0.80
CA GLU A 26 8.29 1.62 0.12
C GLU A 26 8.04 0.43 1.03
N LEU A 27 6.99 -0.32 0.75
CA LEU A 27 6.64 -1.50 1.53
C LEU A 27 6.89 -2.76 0.71
N THR A 28 7.80 -3.62 1.20
CA THR A 28 8.16 -4.84 0.53
C THR A 28 7.24 -5.99 0.91
N TRP A 29 7.01 -6.90 -0.04
CA TRP A 29 6.17 -8.06 0.19
C TRP A 29 6.86 -9.31 -0.33
N ARG A 30 7.28 -10.17 0.58
CA ARG A 30 7.95 -11.41 0.21
C ARG A 30 6.98 -12.58 0.38
N SER A 31 6.83 -13.38 -0.68
CA SER A 31 5.93 -14.53 -0.62
C SER A 31 6.37 -15.51 0.46
N THR A 32 5.44 -16.35 0.88
CA THR A 32 5.72 -17.34 1.90
C THR A 32 6.82 -18.27 1.43
N ASP A 33 6.86 -18.49 0.12
CA ASP A 33 7.85 -19.36 -0.49
C ASP A 33 9.22 -18.70 -0.50
N GLY A 34 9.23 -17.39 -0.62
CA GLY A 34 10.47 -16.65 -0.65
C GLY A 34 11.09 -16.61 -2.03
N ASP A 35 10.24 -16.76 -3.04
CA ASP A 35 10.71 -16.75 -4.43
C ASP A 35 10.22 -15.50 -5.16
N LYS A 36 9.16 -14.89 -4.64
CA LYS A 36 8.61 -13.69 -5.25
C LYS A 36 8.58 -12.54 -4.25
N VAL A 37 9.17 -11.41 -4.63
CA VAL A 37 9.20 -10.24 -3.77
C VAL A 37 8.61 -9.02 -4.47
N HIS A 38 7.57 -8.46 -3.87
CA HIS A 38 6.91 -7.28 -4.43
C HIS A 38 7.19 -6.05 -3.59
N THR A 39 7.37 -4.93 -4.26
CA THR A 39 7.65 -3.66 -3.60
C THR A 39 6.51 -2.67 -3.83
N VAL A 40 6.05 -2.04 -2.75
CA VAL A 40 4.96 -1.07 -2.83
C VAL A 40 5.46 0.34 -2.56
N VAL A 41 4.95 1.30 -3.32
CA VAL A 41 5.34 2.70 -3.16
C VAL A 41 4.37 3.42 -2.23
N LEU A 42 4.90 3.97 -1.15
CA LEU A 42 4.09 4.69 -0.18
C LEU A 42 3.90 6.16 -0.57
N SER A 43 4.68 6.62 -1.55
CA SER A 43 4.59 7.99 -2.02
C SER A 43 3.41 8.18 -2.96
N THR A 44 3.01 7.08 -3.61
CA THR A 44 1.89 7.11 -4.53
C THR A 44 0.59 6.73 -3.84
N ILE A 45 0.59 6.77 -2.51
CA ILE A 45 -0.59 6.42 -1.73
C ILE A 45 -1.31 7.67 -1.24
N ASP A 46 -2.29 8.12 -2.02
CA ASP A 46 -3.07 9.30 -1.66
C ASP A 46 -3.76 9.11 -0.33
N LYS A 47 -4.13 7.87 -0.03
CA LYS A 47 -4.81 7.55 1.22
C LYS A 47 -4.74 6.05 1.51
N LEU A 48 -5.14 5.67 2.72
CA LEU A 48 -5.14 4.28 3.13
C LEU A 48 -6.53 3.84 3.56
N GLN A 49 -6.96 2.67 3.07
CA GLN A 49 -8.28 2.14 3.41
C GLN A 49 -8.16 0.75 4.03
N ALA A 50 -9.11 0.41 4.90
CA ALA A 50 -9.11 -0.90 5.56
C ALA A 50 -10.52 -1.44 5.69
N THR A 51 -10.63 -2.74 5.90
CA THR A 51 -11.93 -3.39 6.05
C THR A 51 -12.58 -3.00 7.37
N PRO A 52 -13.92 -2.98 7.42
CA PRO A 52 -14.66 -2.63 8.63
C PRO A 52 -14.51 -3.67 9.73
N ALA A 53 -14.69 -3.22 10.98
CA ALA A 53 -14.57 -4.12 12.13
C ALA A 53 -15.66 -5.18 12.14
N SER A 54 -16.71 -4.97 11.34
CA SER A 54 -17.82 -5.90 11.25
C SER A 54 -17.57 -6.97 10.18
N SER A 55 -16.43 -6.87 9.50
CA SER A 55 -16.09 -7.82 8.46
C SER A 55 -14.99 -8.76 8.93
N GLU A 56 -15.33 -10.04 9.08
CA GLU A 56 -14.37 -11.04 9.52
C GLU A 56 -13.16 -11.08 8.58
N LYS A 57 -13.34 -10.55 7.38
CA LYS A 57 -12.27 -10.52 6.39
C LYS A 57 -11.44 -9.25 6.52
N MET A 58 -10.33 -9.34 7.23
CA MET A 58 -9.45 -8.20 7.43
C MET A 58 -8.59 -7.95 6.20
N MET A 59 -8.82 -6.81 5.54
CA MET A 59 -8.08 -6.46 4.34
C MET A 59 -7.79 -4.96 4.29
N LEU A 60 -6.59 -4.59 3.84
CA LEU A 60 -6.22 -3.19 3.74
C LEU A 60 -6.00 -2.79 2.29
N ARG A 61 -6.68 -1.74 1.85
CA ARG A 61 -6.57 -1.26 0.49
C ARG A 61 -5.99 0.15 0.44
N LEU A 62 -4.96 0.34 -0.39
CA LEU A 62 -4.32 1.63 -0.52
C LEU A 62 -4.60 2.25 -1.89
N ILE A 63 -5.02 3.50 -1.89
CA ILE A 63 -5.32 4.20 -3.14
C ILE A 63 -4.05 4.70 -3.81
N GLY A 64 -3.87 4.33 -5.08
CA GLY A 64 -2.69 4.74 -5.81
C GLY A 64 -2.87 6.08 -6.50
N LYS A 65 -3.36 7.08 -5.77
CA LYS A 65 -3.58 8.41 -6.32
C LYS A 65 -4.37 8.34 -7.63
N VAL A 66 -4.54 9.49 -8.26
CA VAL A 66 -5.27 9.56 -9.52
C VAL A 66 -4.32 9.55 -10.72
N ASP A 67 -4.65 8.75 -11.72
CA ASP A 67 -3.83 8.65 -12.93
C ASP A 67 -4.59 9.14 -14.16
N GLU A 68 -5.35 10.21 -13.98
CA GLU A 68 -6.14 10.77 -15.08
C GLU A 68 -6.28 12.29 -14.92
N SER A 69 -5.21 12.93 -14.47
CA SER A 69 -5.21 14.38 -14.28
C SER A 69 -4.40 15.08 -15.37
N LYS A 70 -3.41 14.36 -15.89
CA LYS A 70 -2.55 14.90 -16.94
C LYS A 70 -3.26 14.88 -18.29
N LYS A 71 -4.12 13.88 -18.48
CA LYS A 71 -4.86 13.73 -19.74
C LYS A 71 -3.90 13.54 -20.91
N ARG A 72 -2.96 12.61 -20.75
CA ARG A 72 -1.99 12.32 -21.81
C ARG A 72 -2.27 10.98 -22.45
N LYS A 73 -2.09 10.90 -23.76
CA LYS A 73 -2.33 9.67 -24.51
C LYS A 73 -1.13 8.73 -24.39
N ASP A 74 -1.14 7.67 -25.20
CA ASP A 74 -0.05 6.71 -25.19
C ASP A 74 0.30 6.28 -26.61
N ASN A 75 1.47 5.67 -26.76
CA ASN A 75 1.93 5.22 -28.07
C ASN A 75 1.03 4.12 -28.61
N GLU A 76 0.50 3.31 -27.72
CA GLU A 76 -0.39 2.21 -28.11
C GLU A 76 -1.65 2.20 -27.27
N GLY A 77 -2.13 3.39 -26.94
CA GLY A 77 -3.35 3.51 -26.13
C GLY A 77 -3.29 2.69 -24.86
N ASN A 78 -2.10 2.64 -24.25
CA ASN A 78 -1.90 1.89 -23.02
C ASN A 78 -2.87 2.35 -21.93
N GLU A 79 -4.05 1.73 -21.89
CA GLU A 79 -5.06 2.08 -20.90
C GLU A 79 -6.01 0.91 -20.66
N VAL A 80 -5.45 -0.27 -20.47
CA VAL A 80 -6.24 -1.47 -20.25
C VAL A 80 -7.03 -1.38 -18.94
N VAL A 81 -6.42 -0.74 -17.94
CA VAL A 81 -7.06 -0.58 -16.64
C VAL A 81 -7.01 0.87 -16.19
N PRO A 82 -7.82 1.75 -16.82
CA PRO A 82 -7.87 3.17 -16.48
C PRO A 82 -8.23 3.40 -15.00
N LYS A 83 -8.64 4.62 -14.68
CA LYS A 83 -9.00 4.97 -13.32
C LYS A 83 -7.81 4.79 -12.38
N PRO A 84 -7.90 5.35 -11.15
CA PRO A 84 -6.82 5.26 -10.16
C PRO A 84 -6.56 3.82 -9.73
N GLN A 85 -5.29 3.45 -9.70
CA GLN A 85 -4.90 2.09 -9.31
C GLN A 85 -4.88 1.97 -7.79
N ARG A 86 -5.57 0.96 -7.28
CA ARG A 86 -5.63 0.73 -5.84
C ARG A 86 -5.03 -0.62 -5.47
N HIS A 87 -4.23 -0.64 -4.42
CA HIS A 87 -3.59 -1.86 -3.95
C HIS A 87 -4.37 -2.46 -2.78
N MET A 88 -5.03 -3.59 -3.03
CA MET A 88 -5.81 -4.26 -1.99
C MET A 88 -5.05 -5.47 -1.44
N PHE A 89 -4.83 -5.46 -0.13
CA PHE A 89 -4.12 -6.56 0.53
C PHE A 89 -5.05 -7.36 1.42
N SER A 90 -4.71 -8.63 1.63
CA SER A 90 -5.51 -9.51 2.47
C SER A 90 -4.72 -9.95 3.70
N PHE A 91 -5.20 -9.58 4.87
CA PHE A 91 -4.51 -9.92 6.12
C PHE A 91 -5.12 -11.16 6.77
N ASN A 92 -4.25 -12.04 7.25
CA ASN A 92 -4.68 -13.25 7.91
C ASN A 92 -4.68 -13.06 9.43
N ASN A 93 -4.49 -11.81 9.87
CA ASN A 93 -4.46 -11.52 11.29
C ASN A 93 -4.84 -10.06 11.56
N ARG A 94 -5.85 -9.87 12.41
CA ARG A 94 -6.31 -8.53 12.76
C ARG A 94 -5.19 -7.73 13.41
N THR A 95 -4.43 -8.38 14.28
CA THR A 95 -3.33 -7.74 14.96
C THR A 95 -2.26 -7.30 13.98
N VAL A 96 -1.95 -8.18 13.03
CA VAL A 96 -0.95 -7.89 12.02
C VAL A 96 -1.45 -6.83 11.06
N MET A 97 -2.75 -6.84 10.81
CA MET A 97 -3.37 -5.88 9.91
C MET A 97 -3.49 -4.51 10.59
N ASP A 98 -3.67 -4.53 11.91
CA ASP A 98 -3.80 -3.30 12.68
C ASP A 98 -2.43 -2.67 12.92
N ASN A 99 -1.40 -3.50 12.94
CA ASN A 99 -0.04 -3.04 13.16
C ASN A 99 0.47 -2.31 11.92
N ILE A 100 0.01 -2.77 10.76
CA ILE A 100 0.43 -2.18 9.50
C ILE A 100 -0.45 -0.98 9.14
N LYS A 101 -1.76 -1.13 9.32
CA LYS A 101 -2.71 -0.07 9.02
C LYS A 101 -2.39 1.19 9.81
N MET A 102 -1.93 1.03 11.05
CA MET A 102 -1.60 2.17 11.90
C MET A 102 -0.22 2.71 11.58
N THR A 103 0.72 1.81 11.34
CA THR A 103 2.08 2.20 11.01
C THR A 103 2.15 2.86 9.64
N LEU A 104 1.28 2.42 8.74
CA LEU A 104 1.23 2.98 7.40
C LEU A 104 0.68 4.40 7.44
N GLN A 105 -0.18 4.68 8.42
CA GLN A 105 -0.77 6.00 8.56
C GLN A 105 0.28 7.03 8.95
N GLN A 106 1.28 6.59 9.70
CA GLN A 106 2.35 7.48 10.13
C GLN A 106 3.16 7.96 8.94
N ILE A 107 3.40 7.05 8.00
CA ILE A 107 4.15 7.39 6.79
C ILE A 107 3.43 8.50 6.04
N ILE A 108 2.12 8.38 5.93
CA ILE A 108 1.30 9.37 5.26
C ILE A 108 1.58 10.74 5.82
N SER A 109 1.49 10.83 7.12
CA SER A 109 1.74 12.08 7.85
C SER A 109 3.13 12.63 7.53
N ARG A 110 4.05 11.73 7.23
CA ARG A 110 5.42 12.12 6.91
C ARG A 110 5.48 12.77 5.54
N TYR A 111 4.62 12.31 4.63
CA TYR A 111 4.59 12.85 3.28
C TYR A 111 3.99 14.24 3.28
N LYS A 112 3.12 14.51 4.24
CA LYS A 112 2.49 15.81 4.38
C LYS A 112 3.49 16.86 4.84
N ASP A 113 4.37 16.47 5.76
CA ASP A 113 5.38 17.38 6.28
C ASP A 113 6.28 17.90 5.16
N ALA A 114 6.57 17.03 4.20
CA ALA A 114 7.42 17.39 3.08
C ALA A 114 6.81 18.54 2.28
N ASP A 115 5.48 18.59 2.23
CA ASP A 115 4.77 19.62 1.51
C ASP A 115 3.75 20.31 2.40
N PRO A 1 9.27 -3.94 14.74
CA PRO A 1 8.58 -5.21 14.42
C PRO A 1 7.23 -4.99 13.77
N SER A 2 6.49 -4.03 14.30
CA SER A 2 5.16 -3.70 13.78
C SER A 2 5.23 -3.30 12.31
N HIS A 3 6.32 -2.65 11.94
CA HIS A 3 6.53 -2.22 10.56
C HIS A 3 6.48 -3.40 9.59
N SER A 4 6.79 -4.58 10.11
CA SER A 4 6.79 -5.79 9.29
C SER A 4 5.73 -6.78 9.79
N GLY A 5 4.91 -7.26 8.87
CA GLY A 5 3.87 -8.20 9.22
C GLY A 5 3.39 -8.99 8.01
N ALA A 6 2.92 -10.20 8.25
CA ALA A 6 2.45 -11.05 7.16
C ALA A 6 1.22 -10.45 6.48
N ALA A 7 1.17 -10.54 5.17
CA ALA A 7 0.06 -10.01 4.40
C ALA A 7 -0.06 -10.68 3.03
N ILE A 8 -1.29 -10.80 2.54
CA ILE A 8 -1.55 -11.41 1.23
C ILE A 8 -1.68 -10.36 0.14
N PHE A 9 -1.17 -10.70 -1.03
CA PHE A 9 -1.25 -9.81 -2.17
C PHE A 9 -1.43 -10.63 -3.45
N GLU A 10 -2.65 -10.59 -3.99
CA GLU A 10 -2.98 -11.32 -5.21
C GLU A 10 -3.21 -12.81 -4.91
N LYS A 11 -4.02 -13.10 -3.91
CA LYS A 11 -4.35 -14.46 -3.54
C LYS A 11 -3.13 -15.25 -3.07
N VAL A 12 -2.02 -14.56 -2.80
CA VAL A 12 -0.82 -15.21 -2.34
C VAL A 12 -0.39 -14.56 -1.02
N SER A 13 0.05 -15.37 -0.08
CA SER A 13 0.46 -14.84 1.22
C SER A 13 1.98 -14.74 1.33
N GLY A 14 2.42 -13.73 2.06
CA GLY A 14 3.83 -13.50 2.27
C GLY A 14 4.08 -12.51 3.38
N ILE A 15 5.34 -12.23 3.66
CA ILE A 15 5.68 -11.29 4.72
C ILE A 15 5.84 -9.87 4.17
N ILE A 16 5.13 -8.94 4.78
CA ILE A 16 5.15 -7.55 4.36
C ILE A 16 6.03 -6.72 5.29
N ALA A 17 7.04 -6.08 4.71
CA ALA A 17 7.95 -5.24 5.48
C ALA A 17 7.98 -3.82 4.94
N ILE A 18 8.05 -2.85 5.84
CA ILE A 18 8.08 -1.45 5.46
C ILE A 18 9.48 -0.87 5.61
N ASN A 19 10.12 -0.58 4.48
CA ASN A 19 11.46 0.00 4.49
C ASN A 19 11.40 1.49 4.22
N GLU A 20 11.70 2.28 5.23
CA GLU A 20 11.68 3.74 5.10
C GLU A 20 13.02 4.27 4.62
N ASP A 21 14.05 3.43 4.69
CA ASP A 21 15.38 3.82 4.25
C ASP A 21 15.35 4.40 2.84
N VAL A 22 14.33 4.00 2.08
CA VAL A 22 14.17 4.47 0.71
C VAL A 22 13.45 5.82 0.69
N SER A 23 13.69 6.60 -0.35
CA SER A 23 13.07 7.91 -0.49
C SER A 23 12.61 8.14 -1.93
N PRO A 24 11.29 8.11 -2.17
CA PRO A 24 10.27 7.86 -1.14
C PRO A 24 10.31 6.43 -0.62
N ALA A 25 9.94 6.25 0.64
CA ALA A 25 9.92 4.93 1.27
C ALA A 25 9.09 3.95 0.44
N GLU A 26 9.12 2.68 0.82
CA GLU A 26 8.36 1.65 0.10
C GLU A 26 8.00 0.48 1.01
N LEU A 27 7.01 -0.30 0.57
CA LEU A 27 6.56 -1.46 1.33
C LEU A 27 6.88 -2.74 0.57
N THR A 28 7.73 -3.58 1.15
CA THR A 28 8.13 -4.82 0.54
C THR A 28 7.21 -5.98 0.93
N TRP A 29 7.02 -6.90 -0.01
CA TRP A 29 6.19 -8.07 0.21
C TRP A 29 6.89 -9.32 -0.30
N ARG A 30 7.32 -10.18 0.61
CA ARG A 30 7.98 -11.42 0.24
C ARG A 30 7.02 -12.59 0.38
N SER A 31 6.88 -13.38 -0.68
CA SER A 31 5.97 -14.52 -0.66
C SER A 31 6.38 -15.50 0.43
N THR A 32 5.45 -16.36 0.82
CA THR A 32 5.69 -17.36 1.83
C THR A 32 6.82 -18.28 1.38
N ASP A 33 6.89 -18.48 0.08
CA ASP A 33 7.91 -19.35 -0.51
C ASP A 33 9.29 -18.71 -0.40
N GLY A 34 9.33 -17.40 -0.48
CA GLY A 34 10.58 -16.67 -0.41
C GLY A 34 11.28 -16.61 -1.75
N ASP A 35 10.51 -16.73 -2.82
CA ASP A 35 11.07 -16.69 -4.17
C ASP A 35 10.60 -15.44 -4.92
N LYS A 36 9.51 -14.85 -4.46
CA LYS A 36 8.96 -13.65 -5.09
C LYS A 36 8.85 -12.51 -4.08
N VAL A 37 9.36 -11.35 -4.46
CA VAL A 37 9.31 -10.18 -3.58
C VAL A 37 8.75 -8.97 -4.31
N HIS A 38 7.67 -8.41 -3.77
CA HIS A 38 7.02 -7.25 -4.36
C HIS A 38 7.25 -6.01 -3.53
N THR A 39 7.45 -4.90 -4.20
CA THR A 39 7.68 -3.61 -3.53
C THR A 39 6.58 -2.61 -3.88
N VAL A 40 6.04 -1.95 -2.87
CA VAL A 40 4.99 -0.98 -3.07
C VAL A 40 5.45 0.43 -2.68
N VAL A 41 4.97 1.42 -3.43
CA VAL A 41 5.32 2.81 -3.17
C VAL A 41 4.33 3.44 -2.21
N LEU A 42 4.85 3.99 -1.11
CA LEU A 42 4.01 4.61 -0.11
C LEU A 42 3.76 6.09 -0.41
N SER A 43 4.52 6.64 -1.36
CA SER A 43 4.36 8.04 -1.74
C SER A 43 3.16 8.22 -2.66
N THR A 44 2.84 7.18 -3.42
CA THR A 44 1.70 7.23 -4.33
C THR A 44 0.39 6.98 -3.59
N ILE A 45 0.48 6.32 -2.45
CA ILE A 45 -0.70 6.01 -1.64
C ILE A 45 -1.36 7.29 -1.16
N ASP A 46 -2.32 7.78 -1.93
CA ASP A 46 -3.04 9.01 -1.58
C ASP A 46 -3.80 8.83 -0.28
N LYS A 47 -4.22 7.60 0.01
CA LYS A 47 -4.97 7.32 1.23
C LYS A 47 -4.87 5.84 1.61
N LEU A 48 -5.30 5.52 2.83
CA LEU A 48 -5.27 4.14 3.30
C LEU A 48 -6.67 3.67 3.67
N GLN A 49 -7.02 2.47 3.21
CA GLN A 49 -8.34 1.90 3.48
C GLN A 49 -8.21 0.54 4.15
N ALA A 50 -9.11 0.25 5.09
CA ALA A 50 -9.10 -1.02 5.80
C ALA A 50 -10.52 -1.51 6.05
N THR A 51 -10.66 -2.83 6.19
CA THR A 51 -11.96 -3.43 6.44
C THR A 51 -12.47 -3.09 7.84
N PRO A 52 -13.79 -2.89 7.99
CA PRO A 52 -14.40 -2.56 9.28
C PRO A 52 -14.45 -3.76 10.22
N ALA A 53 -14.67 -3.49 11.50
CA ALA A 53 -14.75 -4.55 12.51
C ALA A 53 -16.01 -5.39 12.33
N SER A 54 -16.94 -4.92 11.51
CA SER A 54 -18.19 -5.64 11.27
C SER A 54 -18.05 -6.61 10.08
N SER A 55 -16.86 -6.64 9.48
CA SER A 55 -16.60 -7.52 8.35
C SER A 55 -15.70 -8.66 8.75
N GLU A 56 -16.24 -9.88 8.72
CA GLU A 56 -15.47 -11.06 9.07
C GLU A 56 -14.22 -11.17 8.22
N LYS A 57 -14.21 -10.48 7.08
CA LYS A 57 -13.07 -10.49 6.18
C LYS A 57 -12.16 -9.30 6.44
N MET A 58 -10.91 -9.59 6.80
CA MET A 58 -9.94 -8.53 7.09
C MET A 58 -9.05 -8.28 5.88
N MET A 59 -9.10 -7.05 5.36
CA MET A 59 -8.31 -6.68 4.20
C MET A 59 -7.98 -5.19 4.22
N LEU A 60 -6.77 -4.83 3.78
CA LEU A 60 -6.35 -3.45 3.76
C LEU A 60 -6.12 -2.97 2.32
N ARG A 61 -6.91 -1.99 1.90
CA ARG A 61 -6.80 -1.44 0.55
C ARG A 61 -6.10 -0.09 0.55
N LEU A 62 -5.18 0.09 -0.39
CA LEU A 62 -4.44 1.33 -0.49
C LEU A 62 -4.74 2.03 -1.83
N ILE A 63 -5.07 3.30 -1.75
CA ILE A 63 -5.40 4.08 -2.94
C ILE A 63 -4.20 4.91 -3.39
N GLY A 64 -3.88 4.83 -4.68
CA GLY A 64 -2.76 5.58 -5.22
C GLY A 64 -3.16 6.99 -5.63
N LYS A 65 -2.20 7.77 -6.11
CA LYS A 65 -2.46 9.14 -6.53
C LYS A 65 -3.30 9.16 -7.80
N VAL A 66 -3.84 10.33 -8.12
CA VAL A 66 -4.66 10.50 -9.31
C VAL A 66 -3.83 10.35 -10.58
N ASP A 67 -2.63 10.93 -10.56
CA ASP A 67 -1.74 10.87 -11.70
C ASP A 67 -2.36 11.55 -12.92
N GLU A 68 -2.49 12.87 -12.86
CA GLU A 68 -3.07 13.63 -13.95
C GLU A 68 -2.01 14.46 -14.66
N SER A 69 -0.81 13.89 -14.77
CA SER A 69 0.29 14.57 -15.43
C SER A 69 0.53 14.01 -16.83
N LYS A 70 0.13 12.76 -17.03
CA LYS A 70 0.30 12.11 -18.32
C LYS A 70 -0.88 12.42 -19.25
N LYS A 71 -2.05 12.63 -18.66
CA LYS A 71 -3.24 12.93 -19.43
C LYS A 71 -3.45 14.44 -19.55
N ARG A 72 -3.92 14.87 -20.71
CA ARG A 72 -4.16 16.29 -20.95
C ARG A 72 -5.64 16.55 -21.23
N LYS A 73 -6.23 17.45 -20.45
CA LYS A 73 -7.64 17.78 -20.60
C LYS A 73 -7.81 19.09 -21.38
N ASP A 74 -8.88 19.16 -22.16
CA ASP A 74 -9.16 20.36 -22.97
C ASP A 74 -10.37 21.12 -22.42
N ASN A 75 -11.21 20.42 -21.65
CA ASN A 75 -12.40 21.03 -21.06
C ASN A 75 -13.52 21.18 -22.10
N GLU A 76 -13.26 20.75 -23.33
CA GLU A 76 -14.25 20.84 -24.39
C GLU A 76 -15.29 19.73 -24.27
N GLY A 77 -15.99 19.70 -23.15
CA GLY A 77 -17.02 18.70 -22.94
C GLY A 77 -16.45 17.28 -22.91
N ASN A 78 -15.16 17.17 -22.67
CA ASN A 78 -14.49 15.87 -22.63
C ASN A 78 -14.03 15.54 -21.21
N GLU A 79 -13.71 16.58 -20.44
CA GLU A 79 -13.26 16.40 -19.06
C GLU A 79 -11.97 15.57 -19.03
N VAL A 80 -11.54 15.21 -17.83
CA VAL A 80 -10.32 14.42 -17.66
C VAL A 80 -10.64 13.05 -17.08
N VAL A 81 -9.91 12.03 -17.54
CA VAL A 81 -10.11 10.66 -17.07
C VAL A 81 -8.85 10.13 -16.39
N PRO A 82 -8.67 10.43 -15.10
CA PRO A 82 -7.50 9.97 -14.33
C PRO A 82 -7.47 8.46 -14.16
N LYS A 83 -6.28 7.91 -13.99
CA LYS A 83 -6.12 6.47 -13.82
C LYS A 83 -5.47 6.15 -12.48
N PRO A 84 -6.22 6.30 -11.37
CA PRO A 84 -5.71 6.03 -10.02
C PRO A 84 -5.43 4.55 -9.79
N GLN A 85 -4.23 4.24 -9.32
CA GLN A 85 -3.84 2.86 -9.06
C GLN A 85 -4.16 2.48 -7.62
N ARG A 86 -4.87 1.38 -7.44
CA ARG A 86 -5.24 0.91 -6.11
C ARG A 86 -4.71 -0.50 -5.85
N HIS A 87 -4.24 -0.73 -4.63
CA HIS A 87 -3.72 -2.03 -4.24
C HIS A 87 -4.53 -2.64 -3.11
N MET A 88 -5.12 -3.81 -3.37
CA MET A 88 -5.93 -4.49 -2.38
C MET A 88 -5.15 -5.62 -1.71
N PHE A 89 -5.04 -5.56 -0.39
CA PHE A 89 -4.31 -6.59 0.37
C PHE A 89 -5.24 -7.36 1.30
N SER A 90 -4.83 -8.57 1.66
CA SER A 90 -5.61 -9.42 2.55
C SER A 90 -4.76 -9.86 3.73
N PHE A 91 -5.28 -9.68 4.94
CA PHE A 91 -4.55 -10.05 6.15
C PHE A 91 -5.15 -11.27 6.82
N ASN A 92 -4.29 -12.00 7.51
CA ASN A 92 -4.71 -13.19 8.24
C ASN A 92 -4.70 -12.91 9.75
N ASN A 93 -4.49 -11.65 10.12
CA ASN A 93 -4.45 -11.27 11.53
C ASN A 93 -4.82 -9.80 11.71
N ARG A 94 -5.83 -9.55 12.54
CA ARG A 94 -6.28 -8.20 12.81
C ARG A 94 -5.21 -7.40 13.55
N THR A 95 -4.37 -8.11 14.29
CA THR A 95 -3.30 -7.48 15.03
C THR A 95 -2.17 -7.08 14.09
N VAL A 96 -1.82 -8.00 13.21
CA VAL A 96 -0.77 -7.77 12.23
C VAL A 96 -1.21 -6.73 11.22
N MET A 97 -2.50 -6.70 10.93
CA MET A 97 -3.04 -5.75 9.97
C MET A 97 -3.11 -4.35 10.59
N ASP A 98 -3.38 -4.30 11.88
CA ASP A 98 -3.46 -3.03 12.59
C ASP A 98 -2.08 -2.44 12.81
N ASN A 99 -1.09 -3.32 12.93
CA ASN A 99 0.28 -2.88 13.14
C ASN A 99 0.85 -2.25 11.87
N ILE A 100 0.40 -2.75 10.73
CA ILE A 100 0.85 -2.24 9.45
C ILE A 100 0.04 -1.01 9.04
N LYS A 101 -1.28 -1.09 9.19
CA LYS A 101 -2.15 0.02 8.85
C LYS A 101 -1.80 1.27 9.65
N MET A 102 -1.52 1.08 10.93
CA MET A 102 -1.16 2.18 11.81
C MET A 102 0.19 2.76 11.42
N THR A 103 1.10 1.87 11.05
CA THR A 103 2.43 2.29 10.65
C THR A 103 2.39 2.95 9.27
N LEU A 104 1.50 2.46 8.42
CA LEU A 104 1.35 3.00 7.08
C LEU A 104 0.72 4.39 7.15
N GLN A 105 -0.15 4.60 8.12
CA GLN A 105 -0.81 5.88 8.29
C GLN A 105 0.18 6.95 8.71
N GLN A 106 1.17 6.54 9.50
CA GLN A 106 2.19 7.47 9.96
C GLN A 106 3.01 7.98 8.78
N ILE A 107 3.31 7.08 7.84
CA ILE A 107 4.07 7.45 6.66
C ILE A 107 3.35 8.55 5.90
N ILE A 108 2.04 8.39 5.77
CA ILE A 108 1.19 9.37 5.09
C ILE A 108 1.43 10.74 5.68
N SER A 109 1.30 10.80 6.98
CA SER A 109 1.49 12.05 7.73
C SER A 109 2.86 12.67 7.43
N ARG A 110 3.82 11.81 7.11
CA ARG A 110 5.17 12.28 6.81
C ARG A 110 5.20 12.99 5.46
N TYR A 111 4.38 12.52 4.54
CA TYR A 111 4.31 13.11 3.21
C TYR A 111 3.62 14.46 3.26
N LYS A 112 2.73 14.63 4.23
CA LYS A 112 1.99 15.86 4.40
C LYS A 112 2.91 16.97 4.94
N ASP A 113 3.89 16.57 5.75
CA ASP A 113 4.83 17.52 6.33
C ASP A 113 5.58 18.28 5.24
N ALA A 114 6.02 17.57 4.22
CA ALA A 114 6.74 18.17 3.11
C ALA A 114 5.83 19.09 2.30
N ASP A 115 4.65 18.59 1.97
CA ASP A 115 3.68 19.37 1.20
C ASP A 115 4.28 19.80 -0.14
N PRO A 1 8.61 -5.10 15.68
CA PRO A 1 8.64 -5.12 14.21
C PRO A 1 7.26 -4.87 13.61
N SER A 2 6.55 -3.88 14.15
CA SER A 2 5.23 -3.53 13.67
C SER A 2 5.26 -3.15 12.20
N HIS A 3 6.34 -2.50 11.78
CA HIS A 3 6.50 -2.08 10.39
C HIS A 3 6.45 -3.27 9.45
N SER A 4 6.80 -4.44 9.97
CA SER A 4 6.79 -5.66 9.17
C SER A 4 5.77 -6.66 9.70
N GLY A 5 4.89 -7.11 8.81
CA GLY A 5 3.88 -8.08 9.19
C GLY A 5 3.40 -8.88 8.01
N ALA A 6 2.93 -10.11 8.27
CA ALA A 6 2.46 -10.98 7.21
C ALA A 6 1.22 -10.40 6.55
N ALA A 7 1.16 -10.52 5.22
CA ALA A 7 0.02 -10.00 4.46
C ALA A 7 -0.10 -10.70 3.11
N ILE A 8 -1.34 -10.84 2.64
CA ILE A 8 -1.60 -11.49 1.36
C ILE A 8 -1.77 -10.47 0.25
N PHE A 9 -1.27 -10.82 -0.93
CA PHE A 9 -1.38 -9.95 -2.09
C PHE A 9 -1.56 -10.80 -3.35
N GLU A 10 -2.78 -10.80 -3.87
CA GLU A 10 -3.11 -11.57 -5.07
C GLU A 10 -3.30 -13.05 -4.74
N LYS A 11 -4.12 -13.33 -3.71
CA LYS A 11 -4.41 -14.69 -3.31
C LYS A 11 -3.17 -15.45 -2.82
N VAL A 12 -2.07 -14.74 -2.60
CA VAL A 12 -0.86 -15.35 -2.11
C VAL A 12 -0.43 -14.67 -0.82
N SER A 13 -0.01 -15.45 0.16
CA SER A 13 0.40 -14.88 1.44
C SER A 13 1.91 -14.79 1.56
N GLY A 14 2.35 -13.71 2.20
CA GLY A 14 3.77 -13.48 2.39
C GLY A 14 4.03 -12.46 3.47
N ILE A 15 5.29 -12.17 3.73
CA ILE A 15 5.65 -11.21 4.76
C ILE A 15 5.78 -9.80 4.16
N ILE A 16 5.06 -8.87 4.75
CA ILE A 16 5.05 -7.49 4.29
C ILE A 16 5.92 -6.62 5.20
N ALA A 17 6.91 -5.97 4.61
CA ALA A 17 7.81 -5.10 5.37
C ALA A 17 7.73 -3.67 4.84
N ILE A 18 7.78 -2.71 5.76
CA ILE A 18 7.71 -1.31 5.40
C ILE A 18 9.06 -0.63 5.58
N ASN A 19 9.69 -0.28 4.48
CA ASN A 19 11.00 0.38 4.51
C ASN A 19 10.85 1.86 4.22
N GLU A 20 11.05 2.69 5.24
CA GLU A 20 10.93 4.13 5.08
C GLU A 20 12.29 4.76 4.78
N ASP A 21 13.36 4.01 5.04
CA ASP A 21 14.71 4.52 4.78
C ASP A 21 14.86 4.98 3.34
N VAL A 22 14.00 4.44 2.47
CA VAL A 22 14.01 4.80 1.06
C VAL A 22 13.23 6.08 0.81
N SER A 23 13.59 6.78 -0.26
CA SER A 23 12.92 8.02 -0.61
C SER A 23 12.63 8.08 -2.12
N PRO A 24 11.35 7.94 -2.52
CA PRO A 24 10.23 7.74 -1.60
C PRO A 24 10.23 6.34 -0.97
N ALA A 25 9.74 6.26 0.27
CA ALA A 25 9.67 4.99 0.98
C ALA A 25 8.93 3.94 0.15
N GLU A 26 8.95 2.69 0.63
CA GLU A 26 8.28 1.60 -0.08
C GLU A 26 7.89 0.47 0.85
N LEU A 27 6.90 -0.33 0.42
CA LEU A 27 6.43 -1.46 1.19
C LEU A 27 6.74 -2.76 0.45
N THR A 28 7.61 -3.58 1.02
CA THR A 28 8.01 -4.84 0.42
C THR A 28 7.09 -5.98 0.84
N TRP A 29 6.90 -6.92 -0.08
CA TRP A 29 6.07 -8.09 0.17
C TRP A 29 6.77 -9.35 -0.33
N ARG A 30 7.17 -10.20 0.60
CA ARG A 30 7.83 -11.45 0.23
C ARG A 30 6.87 -12.63 0.42
N SER A 31 6.66 -13.41 -0.63
CA SER A 31 5.76 -14.55 -0.55
C SER A 31 6.26 -15.56 0.47
N THR A 32 5.33 -16.33 1.01
CA THR A 32 5.65 -17.35 1.98
C THR A 32 6.69 -18.31 1.42
N ASP A 33 6.61 -18.51 0.12
CA ASP A 33 7.52 -19.41 -0.58
C ASP A 33 8.94 -18.87 -0.56
N GLY A 34 9.05 -17.55 -0.59
CA GLY A 34 10.35 -16.92 -0.58
C GLY A 34 10.97 -16.86 -1.97
N ASP A 35 10.11 -16.93 -2.98
CA ASP A 35 10.56 -16.88 -4.36
C ASP A 35 10.02 -15.65 -5.09
N LYS A 36 9.00 -15.03 -4.52
CA LYS A 36 8.39 -13.84 -5.13
C LYS A 36 8.41 -12.67 -4.14
N VAL A 37 8.98 -11.55 -4.59
CA VAL A 37 9.06 -10.36 -3.75
C VAL A 37 8.47 -9.15 -4.47
N HIS A 38 7.45 -8.55 -3.87
CA HIS A 38 6.81 -7.39 -4.45
C HIS A 38 7.12 -6.13 -3.65
N THR A 39 7.29 -5.03 -4.37
CA THR A 39 7.60 -3.75 -3.73
C THR A 39 6.52 -2.72 -4.05
N VAL A 40 6.11 -1.97 -3.02
CA VAL A 40 5.08 -0.96 -3.19
C VAL A 40 5.60 0.42 -2.83
N VAL A 41 5.04 1.44 -3.47
CA VAL A 41 5.44 2.82 -3.21
C VAL A 41 4.52 3.46 -2.19
N LEU A 42 5.09 3.96 -1.10
CA LEU A 42 4.31 4.58 -0.05
C LEU A 42 4.11 6.08 -0.30
N SER A 43 4.84 6.62 -1.28
CA SER A 43 4.74 8.04 -1.62
C SER A 43 3.52 8.29 -2.50
N THR A 44 3.14 7.27 -3.27
CA THR A 44 1.99 7.39 -4.17
C THR A 44 0.69 7.13 -3.42
N ILE A 45 0.79 6.48 -2.27
CA ILE A 45 -0.40 6.17 -1.46
C ILE A 45 -1.08 7.44 -0.99
N ASP A 46 -2.07 7.89 -1.75
CA ASP A 46 -2.82 9.09 -1.40
C ASP A 46 -3.56 8.91 -0.07
N LYS A 47 -3.95 7.67 0.20
CA LYS A 47 -4.68 7.36 1.43
C LYS A 47 -4.58 5.88 1.76
N LEU A 48 -4.99 5.51 2.97
CA LEU A 48 -4.95 4.12 3.40
C LEU A 48 -6.32 3.65 3.86
N GLN A 49 -6.80 2.56 3.28
CA GLN A 49 -8.10 2.01 3.63
C GLN A 49 -7.97 0.61 4.22
N ALA A 50 -8.92 0.23 5.06
CA ALA A 50 -8.91 -1.08 5.69
C ALA A 50 -10.32 -1.66 5.79
N THR A 51 -10.40 -2.96 6.05
CA THR A 51 -11.68 -3.64 6.17
C THR A 51 -12.41 -3.21 7.44
N PRO A 52 -13.75 -3.19 7.41
CA PRO A 52 -14.57 -2.79 8.56
C PRO A 52 -14.51 -3.83 9.68
N ALA A 53 -14.74 -3.36 10.91
CA ALA A 53 -14.71 -4.25 12.08
C ALA A 53 -15.86 -5.25 12.04
N SER A 54 -16.86 -4.98 11.19
CA SER A 54 -18.01 -5.86 11.07
C SER A 54 -17.79 -6.93 9.99
N SER A 55 -16.61 -6.88 9.35
CA SER A 55 -16.28 -7.84 8.31
C SER A 55 -15.24 -8.84 8.81
N GLU A 56 -15.65 -10.09 8.94
CA GLU A 56 -14.76 -11.14 9.40
C GLU A 56 -13.52 -11.23 8.50
N LYS A 57 -13.63 -10.69 7.30
CA LYS A 57 -12.52 -10.71 6.35
C LYS A 57 -11.62 -9.49 6.55
N MET A 58 -10.36 -9.76 6.85
CA MET A 58 -9.38 -8.68 7.08
C MET A 58 -8.62 -8.37 5.80
N MET A 59 -8.73 -7.13 5.33
CA MET A 59 -8.05 -6.70 4.12
C MET A 59 -7.73 -5.22 4.17
N LEU A 60 -6.55 -4.85 3.67
CA LEU A 60 -6.12 -3.46 3.66
C LEU A 60 -5.97 -2.95 2.23
N ARG A 61 -6.69 -1.88 1.91
CA ARG A 61 -6.63 -1.30 0.58
C ARG A 61 -5.87 0.03 0.58
N LEU A 62 -4.96 0.18 -0.38
CA LEU A 62 -4.16 1.40 -0.48
C LEU A 62 -4.47 2.13 -1.78
N ILE A 63 -4.76 3.41 -1.68
CA ILE A 63 -5.07 4.23 -2.84
C ILE A 63 -3.83 4.96 -3.36
N GLY A 64 -3.45 4.66 -4.59
CA GLY A 64 -2.28 5.29 -5.17
C GLY A 64 -2.64 6.47 -6.07
N LYS A 65 -3.10 7.56 -5.46
CA LYS A 65 -3.49 8.75 -6.20
C LYS A 65 -4.45 8.41 -7.34
N VAL A 66 -4.85 9.43 -8.08
CA VAL A 66 -5.78 9.24 -9.20
C VAL A 66 -5.20 9.80 -10.49
N ASP A 67 -5.05 11.12 -10.56
CA ASP A 67 -4.50 11.77 -11.74
C ASP A 67 -2.99 11.61 -11.81
N GLU A 68 -2.51 11.02 -12.90
CA GLU A 68 -1.08 10.81 -13.09
C GLU A 68 -0.54 11.69 -14.21
N SER A 69 -1.07 12.91 -14.30
CA SER A 69 -0.64 13.85 -15.33
C SER A 69 0.84 14.15 -15.21
N LYS A 70 1.38 14.01 -14.00
CA LYS A 70 2.78 14.28 -13.75
C LYS A 70 3.68 13.39 -14.63
N LYS A 71 3.19 12.18 -14.90
CA LYS A 71 3.95 11.24 -15.73
C LYS A 71 3.80 11.57 -17.21
N ARG A 72 4.82 11.26 -17.99
CA ARG A 72 4.80 11.52 -19.43
C ARG A 72 4.61 10.23 -20.21
N LYS A 73 3.58 10.19 -21.04
CA LYS A 73 3.29 9.02 -21.85
C LYS A 73 4.42 8.75 -22.84
N ASP A 74 4.53 7.50 -23.29
CA ASP A 74 5.57 7.11 -24.23
C ASP A 74 4.96 6.42 -25.45
N ASN A 75 5.77 6.23 -26.49
CA ASN A 75 5.31 5.59 -27.71
C ASN A 75 5.42 4.07 -27.62
N GLU A 76 5.91 3.57 -26.49
CA GLU A 76 6.07 2.14 -26.30
C GLU A 76 4.88 1.55 -25.53
N GLY A 77 3.69 2.06 -25.84
CA GLY A 77 2.49 1.58 -25.18
C GLY A 77 2.56 1.69 -23.67
N ASN A 78 3.35 2.64 -23.19
CA ASN A 78 3.51 2.83 -21.74
C ASN A 78 2.17 3.14 -21.08
N GLU A 79 1.33 3.88 -21.79
CA GLU A 79 0.01 4.25 -21.27
C GLU A 79 -1.08 3.89 -22.28
N VAL A 80 -2.29 3.67 -21.78
CA VAL A 80 -3.42 3.33 -22.62
C VAL A 80 -4.74 3.79 -22.00
N VAL A 81 -5.00 3.32 -20.78
CA VAL A 81 -6.22 3.68 -20.07
C VAL A 81 -5.91 4.21 -18.68
N PRO A 82 -5.45 5.48 -18.59
CA PRO A 82 -5.11 6.10 -17.30
C PRO A 82 -6.24 5.97 -16.28
N LYS A 83 -5.92 5.46 -15.10
CA LYS A 83 -6.90 5.29 -14.04
C LYS A 83 -6.22 5.23 -12.67
N PRO A 84 -7.00 5.38 -11.58
CA PRO A 84 -6.46 5.35 -10.22
C PRO A 84 -5.92 3.98 -9.85
N GLN A 85 -4.66 3.94 -9.41
CA GLN A 85 -4.02 2.70 -9.01
C GLN A 85 -4.28 2.39 -7.54
N ARG A 86 -4.81 1.20 -7.27
CA ARG A 86 -5.10 0.78 -5.90
C ARG A 86 -4.57 -0.63 -5.64
N HIS A 87 -4.06 -0.83 -4.42
CA HIS A 87 -3.53 -2.13 -4.04
C HIS A 87 -4.31 -2.72 -2.88
N MET A 88 -5.07 -3.77 -3.15
CA MET A 88 -5.87 -4.42 -2.12
C MET A 88 -5.12 -5.61 -1.53
N PHE A 89 -4.91 -5.58 -0.21
CA PHE A 89 -4.21 -6.65 0.47
C PHE A 89 -5.14 -7.44 1.39
N SER A 90 -4.78 -8.70 1.65
CA SER A 90 -5.58 -9.55 2.51
C SER A 90 -4.78 -9.97 3.74
N PHE A 91 -5.27 -9.62 4.92
CA PHE A 91 -4.60 -9.94 6.17
C PHE A 91 -5.22 -11.14 6.85
N ASN A 92 -4.37 -12.01 7.36
CA ASN A 92 -4.82 -13.20 8.08
C ASN A 92 -4.78 -12.95 9.58
N ASN A 93 -4.53 -11.70 9.98
CA ASN A 93 -4.46 -11.36 11.40
C ASN A 93 -4.78 -9.89 11.62
N ARG A 94 -5.78 -9.63 12.46
CA ARG A 94 -6.19 -8.27 12.78
C ARG A 94 -5.04 -7.50 13.41
N THR A 95 -4.30 -8.16 14.29
CA THR A 95 -3.19 -7.54 14.96
C THR A 95 -2.10 -7.16 13.98
N VAL A 96 -1.84 -8.06 13.04
CA VAL A 96 -0.83 -7.83 12.02
C VAL A 96 -1.29 -6.77 11.04
N MET A 97 -2.59 -6.73 10.80
CA MET A 97 -3.16 -5.76 9.88
C MET A 97 -3.22 -4.39 10.53
N ASP A 98 -3.40 -4.35 11.84
CA ASP A 98 -3.46 -3.11 12.57
C ASP A 98 -2.07 -2.53 12.79
N ASN A 99 -1.07 -3.41 12.82
CA ASN A 99 0.31 -2.99 13.02
C ASN A 99 0.83 -2.29 11.76
N ILE A 100 0.34 -2.73 10.62
CA ILE A 100 0.74 -2.16 9.33
C ILE A 100 -0.09 -0.93 8.99
N LYS A 101 -1.41 -1.06 9.16
CA LYS A 101 -2.33 0.04 8.86
C LYS A 101 -1.95 1.30 9.63
N MET A 102 -1.70 1.14 10.92
CA MET A 102 -1.34 2.27 11.77
C MET A 102 0.03 2.81 11.41
N THR A 103 0.90 1.94 10.94
CA THR A 103 2.24 2.33 10.55
C THR A 103 2.21 3.02 9.19
N LEU A 104 1.28 2.58 8.34
CA LEU A 104 1.13 3.16 7.01
C LEU A 104 0.57 4.57 7.10
N GLN A 105 -0.31 4.79 8.08
CA GLN A 105 -0.92 6.09 8.27
C GLN A 105 0.13 7.11 8.72
N GLN A 106 1.08 6.64 9.51
CA GLN A 106 2.15 7.50 10.01
C GLN A 106 2.99 8.02 8.86
N ILE A 107 3.27 7.14 7.90
CA ILE A 107 4.06 7.52 6.74
C ILE A 107 3.38 8.67 6.01
N ILE A 108 2.06 8.57 5.87
CA ILE A 108 1.27 9.62 5.22
C ILE A 108 1.55 10.96 5.85
N SER A 109 1.43 10.98 7.16
CA SER A 109 1.66 12.19 7.94
C SER A 109 3.03 12.79 7.65
N ARG A 110 3.98 11.93 7.30
CA ARG A 110 5.33 12.38 7.01
C ARG A 110 5.38 13.09 5.67
N TYR A 111 4.58 12.62 4.73
CA TYR A 111 4.53 13.23 3.39
C TYR A 111 3.78 14.55 3.44
N LYS A 112 2.83 14.64 4.37
CA LYS A 112 2.03 15.85 4.54
C LYS A 112 2.84 16.94 5.22
N ASP A 113 3.75 16.52 6.10
CA ASP A 113 4.59 17.47 6.84
C ASP A 113 5.42 18.33 5.88
N ALA A 114 5.88 17.71 4.80
CA ALA A 114 6.69 18.41 3.81
C ALA A 114 5.90 19.54 3.17
N ASP A 115 4.60 19.35 3.02
CA ASP A 115 3.73 20.35 2.43
C ASP A 115 2.34 20.32 3.06
N PRO A 1 7.79 -2.82 18.50
CA PRO A 1 6.90 -1.91 17.75
C PRO A 1 6.30 -2.60 16.53
N SER A 2 5.72 -1.80 15.64
CA SER A 2 5.11 -2.33 14.42
C SER A 2 5.78 -1.76 13.18
N HIS A 3 5.82 -2.55 12.11
CA HIS A 3 6.43 -2.12 10.86
C HIS A 3 6.37 -3.23 9.81
N SER A 4 6.52 -4.46 10.28
CA SER A 4 6.48 -5.62 9.40
C SER A 4 5.42 -6.62 9.86
N GLY A 5 4.58 -7.04 8.92
CA GLY A 5 3.53 -8.00 9.24
C GLY A 5 3.09 -8.77 8.02
N ALA A 6 2.67 -10.01 8.23
CA ALA A 6 2.23 -10.84 7.12
C ALA A 6 1.00 -10.27 6.44
N ALA A 7 1.01 -10.31 5.11
CA ALA A 7 -0.10 -9.78 4.33
C ALA A 7 -0.23 -10.50 2.98
N ILE A 8 -1.46 -10.63 2.51
CA ILE A 8 -1.72 -11.29 1.22
C ILE A 8 -1.86 -10.27 0.10
N PHE A 9 -1.34 -10.64 -1.07
CA PHE A 9 -1.43 -9.79 -2.24
C PHE A 9 -1.59 -10.65 -3.49
N GLU A 10 -2.81 -10.65 -4.03
CA GLU A 10 -3.12 -11.43 -5.22
C GLU A 10 -3.33 -12.90 -4.88
N LYS A 11 -4.17 -13.16 -3.87
CA LYS A 11 -4.48 -14.52 -3.45
C LYS A 11 -3.25 -15.28 -2.96
N VAL A 12 -2.16 -14.58 -2.71
CA VAL A 12 -0.96 -15.20 -2.21
C VAL A 12 -0.54 -14.50 -0.92
N SER A 13 -0.12 -15.28 0.07
CA SER A 13 0.27 -14.71 1.36
C SER A 13 1.77 -14.63 1.51
N GLY A 14 2.22 -13.58 2.17
CA GLY A 14 3.64 -13.37 2.40
C GLY A 14 3.88 -12.32 3.47
N ILE A 15 5.15 -12.05 3.77
CA ILE A 15 5.48 -11.07 4.77
C ILE A 15 5.66 -9.69 4.16
N ILE A 16 4.95 -8.71 4.71
CA ILE A 16 5.01 -7.35 4.23
C ILE A 16 5.89 -6.49 5.13
N ALA A 17 6.96 -5.94 4.56
CA ALA A 17 7.88 -5.11 5.31
C ALA A 17 7.79 -3.66 4.84
N ILE A 18 7.91 -2.72 5.77
CA ILE A 18 7.83 -1.31 5.45
C ILE A 18 9.23 -0.67 5.51
N ASN A 19 9.68 -0.16 4.38
CA ASN A 19 10.99 0.47 4.29
C ASN A 19 10.85 1.98 4.13
N GLU A 20 11.20 2.72 5.18
CA GLU A 20 11.12 4.18 5.14
C GLU A 20 12.52 4.80 5.17
N ASP A 21 13.54 3.96 5.32
CA ASP A 21 14.91 4.44 5.36
C ASP A 21 15.31 5.10 4.05
N VAL A 22 14.56 4.80 2.99
CA VAL A 22 14.84 5.37 1.68
C VAL A 22 13.97 6.59 1.42
N SER A 23 13.86 6.98 0.16
CA SER A 23 13.06 8.13 -0.22
C SER A 23 12.81 8.14 -1.73
N PRO A 24 11.55 7.96 -2.16
CA PRO A 24 10.40 7.74 -1.26
C PRO A 24 10.41 6.35 -0.65
N ALA A 25 9.84 6.23 0.55
CA ALA A 25 9.76 4.95 1.24
C ALA A 25 9.11 3.89 0.37
N GLU A 26 9.12 2.65 0.83
CA GLU A 26 8.53 1.55 0.06
C GLU A 26 8.17 0.38 0.95
N LEU A 27 7.08 -0.32 0.60
CA LEU A 27 6.63 -1.47 1.35
C LEU A 27 6.87 -2.76 0.58
N THR A 28 7.77 -3.59 1.09
CA THR A 28 8.12 -4.83 0.45
C THR A 28 7.18 -5.97 0.85
N TRP A 29 6.95 -6.89 -0.08
CA TRP A 29 6.09 -8.04 0.15
C TRP A 29 6.76 -9.31 -0.32
N ARG A 30 7.16 -10.15 0.62
CA ARG A 30 7.80 -11.41 0.27
C ARG A 30 6.82 -12.57 0.49
N SER A 31 6.65 -13.39 -0.55
CA SER A 31 5.73 -14.52 -0.46
C SER A 31 6.16 -15.48 0.64
N THR A 32 5.22 -16.31 1.07
CA THR A 32 5.48 -17.28 2.11
C THR A 32 6.57 -18.25 1.65
N ASP A 33 6.58 -18.48 0.34
CA ASP A 33 7.55 -19.40 -0.26
C ASP A 33 8.94 -18.79 -0.23
N GLY A 34 9.01 -17.48 -0.35
CA GLY A 34 10.29 -16.79 -0.36
C GLY A 34 10.94 -16.78 -1.72
N ASP A 35 10.12 -16.90 -2.76
CA ASP A 35 10.60 -16.90 -4.12
C ASP A 35 10.13 -15.67 -4.89
N LYS A 36 9.08 -15.03 -4.39
CA LYS A 36 8.54 -13.84 -5.03
C LYS A 36 8.51 -12.67 -4.05
N VAL A 37 9.08 -11.55 -4.46
CA VAL A 37 9.12 -10.35 -3.63
C VAL A 37 8.58 -9.14 -4.38
N HIS A 38 7.54 -8.53 -3.83
CA HIS A 38 6.94 -7.35 -4.45
C HIS A 38 7.24 -6.10 -3.64
N THR A 39 7.46 -5.01 -4.34
CA THR A 39 7.76 -3.73 -3.70
C THR A 39 6.66 -2.71 -3.99
N VAL A 40 6.17 -2.06 -2.94
CA VAL A 40 5.12 -1.06 -3.08
C VAL A 40 5.62 0.33 -2.72
N VAL A 41 5.20 1.32 -3.50
CA VAL A 41 5.60 2.71 -3.25
C VAL A 41 4.57 3.42 -2.38
N LEU A 42 5.01 3.89 -1.22
CA LEU A 42 4.13 4.59 -0.29
C LEU A 42 3.99 6.07 -0.65
N SER A 43 4.83 6.55 -1.56
CA SER A 43 4.79 7.94 -1.98
C SER A 43 3.69 8.15 -3.01
N THR A 44 3.35 7.09 -3.74
CA THR A 44 2.31 7.16 -4.75
C THR A 44 0.96 6.70 -4.20
N ILE A 45 0.83 6.73 -2.88
CA ILE A 45 -0.41 6.32 -2.22
C ILE A 45 -1.20 7.53 -1.74
N ASP A 46 -2.22 7.92 -2.49
CA ASP A 46 -3.06 9.05 -2.12
C ASP A 46 -3.74 8.81 -0.78
N LYS A 47 -3.95 7.54 -0.44
CA LYS A 47 -4.60 7.20 0.81
C LYS A 47 -4.53 5.68 1.06
N LEU A 48 -4.82 5.29 2.30
CA LEU A 48 -4.80 3.88 2.68
C LEU A 48 -6.05 3.51 3.46
N GLN A 49 -6.86 2.61 2.89
CA GLN A 49 -8.08 2.17 3.54
C GLN A 49 -7.98 0.73 4.00
N ALA A 50 -8.75 0.37 5.01
CA ALA A 50 -8.74 -0.99 5.54
C ALA A 50 -10.15 -1.45 5.92
N THR A 51 -10.33 -2.75 6.04
CA THR A 51 -11.62 -3.32 6.41
C THR A 51 -11.96 -3.02 7.86
N PRO A 52 -13.25 -2.88 8.20
CA PRO A 52 -13.69 -2.58 9.56
C PRO A 52 -13.50 -3.77 10.50
N ALA A 53 -13.51 -3.50 11.80
CA ALA A 53 -13.32 -4.55 12.80
C ALA A 53 -14.53 -5.49 12.85
N SER A 54 -15.62 -5.10 12.19
CA SER A 54 -16.82 -5.92 12.17
C SER A 54 -16.81 -6.89 10.99
N SER A 55 -15.74 -6.85 10.19
CA SER A 55 -15.61 -7.73 9.04
C SER A 55 -14.62 -8.85 9.33
N GLU A 56 -15.12 -10.07 9.36
CA GLU A 56 -14.27 -11.22 9.62
C GLU A 56 -13.15 -11.32 8.58
N LYS A 57 -13.35 -10.64 7.45
CA LYS A 57 -12.36 -10.64 6.38
C LYS A 57 -11.47 -9.42 6.47
N MET A 58 -10.24 -9.63 6.95
CA MET A 58 -9.28 -8.53 7.08
C MET A 58 -8.59 -8.25 5.76
N MET A 59 -8.71 -7.00 5.29
CA MET A 59 -8.10 -6.60 4.04
C MET A 59 -7.71 -5.12 4.06
N LEU A 60 -6.54 -4.81 3.52
CA LEU A 60 -6.06 -3.43 3.48
C LEU A 60 -5.95 -2.94 2.05
N ARG A 61 -6.72 -1.91 1.71
CA ARG A 61 -6.71 -1.35 0.36
C ARG A 61 -5.93 -0.05 0.33
N LEU A 62 -5.14 0.15 -0.72
CA LEU A 62 -4.35 1.36 -0.87
C LEU A 62 -4.68 2.07 -2.18
N ILE A 63 -5.07 3.34 -2.06
CA ILE A 63 -5.41 4.14 -3.23
C ILE A 63 -4.29 5.09 -3.62
N GLY A 64 -3.92 5.07 -4.89
CA GLY A 64 -2.86 5.93 -5.37
C GLY A 64 -3.34 7.35 -5.65
N LYS A 65 -2.44 8.17 -6.17
CA LYS A 65 -2.78 9.56 -6.48
C LYS A 65 -2.68 9.83 -7.98
N VAL A 66 -2.93 11.07 -8.37
CA VAL A 66 -2.87 11.46 -9.77
C VAL A 66 -1.60 12.24 -10.07
N ASP A 67 -0.91 11.85 -11.15
CA ASP A 67 0.32 12.51 -11.54
C ASP A 67 0.07 13.97 -11.90
N GLU A 68 1.09 14.81 -11.75
CA GLU A 68 0.99 16.22 -12.06
C GLU A 68 1.72 16.56 -13.35
N SER A 69 1.68 15.62 -14.28
CA SER A 69 2.34 15.79 -15.57
C SER A 69 1.64 16.86 -16.41
N LYS A 70 0.35 17.06 -16.13
CA LYS A 70 -0.45 18.04 -16.85
C LYS A 70 0.13 19.45 -16.68
N LYS A 71 0.59 19.74 -15.47
CA LYS A 71 1.18 21.04 -15.17
C LYS A 71 2.52 21.20 -15.87
N ARG A 72 2.88 22.45 -16.18
CA ARG A 72 4.14 22.74 -16.85
C ARG A 72 4.19 22.11 -18.23
N LYS A 73 4.66 22.87 -19.21
CA LYS A 73 4.76 22.39 -20.59
C LYS A 73 5.66 21.15 -20.67
N ASP A 74 6.07 20.80 -21.88
CA ASP A 74 6.93 19.65 -22.09
C ASP A 74 8.01 19.97 -23.12
N ASN A 75 8.99 19.07 -23.23
CA ASN A 75 10.08 19.26 -24.18
C ASN A 75 9.59 19.17 -25.62
N GLU A 76 8.59 18.33 -25.83
CA GLU A 76 8.01 18.14 -27.16
C GLU A 76 6.50 18.26 -27.12
N GLY A 77 6.00 19.17 -26.29
CA GLY A 77 4.56 19.37 -26.17
C GLY A 77 3.81 18.08 -25.93
N ASN A 78 4.49 17.10 -25.34
CA ASN A 78 3.88 15.81 -25.06
C ASN A 78 3.31 15.76 -23.65
N GLU A 79 2.17 15.10 -23.50
CA GLU A 79 1.52 14.98 -22.19
C GLU A 79 1.12 13.54 -21.92
N VAL A 80 0.69 13.27 -20.68
CA VAL A 80 0.28 11.92 -20.29
C VAL A 80 -1.10 11.95 -19.65
N VAL A 81 -1.71 10.76 -19.54
CA VAL A 81 -3.04 10.63 -18.95
C VAL A 81 -2.98 9.89 -17.62
N PRO A 82 -2.87 10.63 -16.49
CA PRO A 82 -2.80 10.03 -15.17
C PRO A 82 -3.92 9.01 -14.92
N LYS A 83 -3.59 7.94 -14.23
CA LYS A 83 -4.57 6.89 -13.93
C LYS A 83 -4.34 6.33 -12.53
N PRO A 84 -5.03 6.89 -11.51
CA PRO A 84 -4.89 6.42 -10.13
C PRO A 84 -5.09 4.92 -10.00
N GLN A 85 -4.15 4.26 -9.35
CA GLN A 85 -4.22 2.81 -9.16
C GLN A 85 -4.51 2.47 -7.70
N ARG A 86 -5.18 1.35 -7.48
CA ARG A 86 -5.51 0.91 -6.14
C ARG A 86 -4.95 -0.48 -5.86
N HIS A 87 -4.34 -0.65 -4.69
CA HIS A 87 -3.77 -1.92 -4.29
C HIS A 87 -4.60 -2.57 -3.18
N MET A 88 -5.20 -3.71 -3.49
CA MET A 88 -6.01 -4.42 -2.51
C MET A 88 -5.23 -5.58 -1.89
N PHE A 89 -5.17 -5.59 -0.56
CA PHE A 89 -4.44 -6.64 0.15
C PHE A 89 -5.39 -7.45 1.04
N SER A 90 -4.95 -8.63 1.44
CA SER A 90 -5.75 -9.50 2.29
C SER A 90 -4.93 -9.94 3.51
N PHE A 91 -5.42 -9.59 4.70
CA PHE A 91 -4.72 -9.93 5.93
C PHE A 91 -5.34 -11.17 6.59
N ASN A 92 -4.47 -12.04 7.08
CA ASN A 92 -4.91 -13.24 7.76
C ASN A 92 -4.89 -13.05 9.27
N ASN A 93 -4.69 -11.80 9.71
CA ASN A 93 -4.65 -11.50 11.12
C ASN A 93 -5.03 -10.05 11.39
N ARG A 94 -6.06 -9.84 12.19
CA ARG A 94 -6.53 -8.50 12.53
C ARG A 94 -5.47 -7.75 13.33
N THR A 95 -4.63 -8.50 14.04
CA THR A 95 -3.58 -7.90 14.85
C THR A 95 -2.45 -7.43 13.94
N VAL A 96 -2.07 -8.29 13.02
CA VAL A 96 -1.01 -7.99 12.08
C VAL A 96 -1.45 -6.90 11.11
N MET A 97 -2.74 -6.87 10.81
CA MET A 97 -3.29 -5.87 9.91
C MET A 97 -3.38 -4.52 10.60
N ASP A 98 -3.64 -4.54 11.91
CA ASP A 98 -3.74 -3.31 12.68
C ASP A 98 -2.36 -2.70 12.90
N ASN A 99 -1.35 -3.57 12.96
CA ASN A 99 0.02 -3.12 13.16
C ASN A 99 0.55 -2.40 11.93
N ILE A 100 0.08 -2.82 10.77
CA ILE A 100 0.49 -2.23 9.50
C ILE A 100 -0.37 -1.01 9.16
N LYS A 101 -1.68 -1.16 9.34
CA LYS A 101 -2.61 -0.07 9.06
C LYS A 101 -2.26 1.18 9.84
N MET A 102 -1.88 1.01 11.10
CA MET A 102 -1.52 2.14 11.95
C MET A 102 -0.16 2.70 11.58
N THR A 103 0.78 1.82 11.27
CA THR A 103 2.12 2.23 10.90
C THR A 103 2.11 2.86 9.51
N LEU A 104 1.19 2.41 8.67
CA LEU A 104 1.07 2.94 7.31
C LEU A 104 0.48 4.34 7.34
N GLN A 105 -0.40 4.59 8.31
CA GLN A 105 -1.03 5.89 8.45
C GLN A 105 -0.01 6.94 8.85
N GLN A 106 0.99 6.52 9.62
CA GLN A 106 2.03 7.43 10.07
C GLN A 106 2.86 7.91 8.88
N ILE A 107 3.16 7.00 7.97
CA ILE A 107 3.92 7.34 6.78
C ILE A 107 3.20 8.45 6.01
N ILE A 108 1.89 8.31 5.88
CA ILE A 108 1.07 9.29 5.19
C ILE A 108 1.32 10.67 5.76
N SER A 109 1.20 10.74 7.06
CA SER A 109 1.40 12.00 7.79
C SER A 109 2.78 12.58 7.51
N ARG A 110 3.74 11.71 7.27
CA ARG A 110 5.11 12.13 6.98
C ARG A 110 5.20 12.76 5.60
N TYR A 111 4.40 12.25 4.67
CA TYR A 111 4.38 12.77 3.31
C TYR A 111 3.73 14.15 3.28
N LYS A 112 2.81 14.38 4.20
CA LYS A 112 2.12 15.65 4.28
C LYS A 112 3.06 16.75 4.77
N ASP A 113 3.91 16.40 5.72
CA ASP A 113 4.86 17.36 6.28
C ASP A 113 5.79 17.90 5.19
N ALA A 114 6.15 17.04 4.24
CA ALA A 114 7.02 17.43 3.15
C ALA A 114 6.40 18.55 2.31
N ASP A 115 5.07 18.54 2.22
CA ASP A 115 4.36 19.55 1.45
C ASP A 115 3.38 20.31 2.34
N PRO A 1 8.13 -5.35 15.91
CA PRO A 1 8.27 -5.33 14.44
C PRO A 1 6.96 -4.97 13.75
N SER A 2 6.29 -3.94 14.26
CA SER A 2 5.03 -3.50 13.69
C SER A 2 5.20 -3.09 12.22
N HIS A 3 6.36 -2.53 11.90
CA HIS A 3 6.64 -2.09 10.54
C HIS A 3 6.56 -3.26 9.57
N SER A 4 6.78 -4.46 10.08
CA SER A 4 6.73 -5.67 9.26
C SER A 4 5.64 -6.62 9.74
N GLY A 5 4.80 -7.05 8.81
CA GLY A 5 3.72 -7.97 9.14
C GLY A 5 3.26 -8.76 7.95
N ALA A 6 2.85 -10.00 8.18
CA ALA A 6 2.39 -10.86 7.08
C ALA A 6 1.16 -10.27 6.41
N ALA A 7 1.12 -10.36 5.10
CA ALA A 7 0.01 -9.84 4.32
C ALA A 7 -0.11 -10.55 2.97
N ILE A 8 -1.35 -10.68 2.47
CA ILE A 8 -1.59 -11.32 1.19
C ILE A 8 -1.72 -10.29 0.08
N PHE A 9 -1.21 -10.64 -1.09
CA PHE A 9 -1.29 -9.77 -2.25
C PHE A 9 -1.47 -10.61 -3.51
N GLU A 10 -2.67 -10.60 -4.06
CA GLU A 10 -3.00 -11.36 -5.26
C GLU A 10 -3.22 -12.84 -4.94
N LYS A 11 -4.04 -13.11 -3.93
CA LYS A 11 -4.36 -14.47 -3.53
C LYS A 11 -3.14 -15.25 -3.05
N VAL A 12 -2.04 -14.54 -2.79
CA VAL A 12 -0.83 -15.18 -2.30
C VAL A 12 -0.41 -14.50 -1.01
N SER A 13 0.00 -15.30 -0.03
CA SER A 13 0.40 -14.75 1.26
C SER A 13 1.91 -14.66 1.41
N GLY A 14 2.34 -13.61 2.09
CA GLY A 14 3.76 -13.39 2.31
C GLY A 14 4.00 -12.37 3.39
N ILE A 15 5.26 -12.09 3.68
CA ILE A 15 5.60 -11.12 4.72
C ILE A 15 5.77 -9.73 4.12
N ILE A 16 5.04 -8.77 4.70
CA ILE A 16 5.08 -7.39 4.25
C ILE A 16 5.96 -6.55 5.17
N ALA A 17 7.01 -5.96 4.61
CA ALA A 17 7.91 -5.12 5.38
C ALA A 17 7.85 -3.67 4.91
N ILE A 18 7.97 -2.74 5.84
CA ILE A 18 7.93 -1.32 5.52
C ILE A 18 9.33 -0.73 5.52
N ASN A 19 9.78 -0.27 4.36
CA ASN A 19 11.10 0.32 4.23
C ASN A 19 11.02 1.83 4.08
N GLU A 20 11.43 2.54 5.12
CA GLU A 20 11.40 4.00 5.11
C GLU A 20 12.82 4.57 5.02
N ASP A 21 13.81 3.70 5.08
CA ASP A 21 15.21 4.12 5.02
C ASP A 21 15.52 4.78 3.68
N VAL A 22 14.69 4.52 2.69
CA VAL A 22 14.88 5.10 1.37
C VAL A 22 14.06 6.37 1.20
N SER A 23 13.86 6.78 -0.04
CA SER A 23 13.10 7.98 -0.33
C SER A 23 12.73 8.05 -1.81
N PRO A 24 11.44 7.94 -2.15
CA PRO A 24 10.36 7.75 -1.17
C PRO A 24 10.35 6.35 -0.57
N ALA A 25 9.85 6.24 0.66
CA ALA A 25 9.78 4.96 1.35
C ALA A 25 9.03 3.93 0.49
N GLU A 26 9.14 2.66 0.87
CA GLU A 26 8.47 1.60 0.12
C GLU A 26 8.17 0.40 1.01
N LEU A 27 7.07 -0.29 0.70
CA LEU A 27 6.67 -1.47 1.47
C LEU A 27 6.91 -2.74 0.66
N THR A 28 7.81 -3.58 1.15
CA THR A 28 8.18 -4.80 0.49
C THR A 28 7.25 -5.96 0.88
N TRP A 29 7.03 -6.86 -0.07
CA TRP A 29 6.18 -8.02 0.16
C TRP A 29 6.86 -9.28 -0.34
N ARG A 30 7.27 -10.14 0.60
CA ARG A 30 7.93 -11.38 0.24
C ARG A 30 6.96 -12.55 0.41
N SER A 31 6.82 -13.37 -0.63
CA SER A 31 5.91 -14.51 -0.58
C SER A 31 6.31 -15.45 0.55
N THR A 32 5.38 -16.31 0.95
CA THR A 32 5.61 -17.27 2.00
C THR A 32 6.74 -18.20 1.60
N ASP A 33 6.83 -18.45 0.30
CA ASP A 33 7.86 -19.32 -0.25
C ASP A 33 9.22 -18.63 -0.25
N GLY A 34 9.19 -17.32 -0.44
CA GLY A 34 10.43 -16.55 -0.48
C GLY A 34 11.07 -16.59 -1.84
N ASP A 35 10.26 -16.79 -2.87
CA ASP A 35 10.75 -16.84 -4.24
C ASP A 35 10.33 -15.60 -5.02
N LYS A 36 9.30 -14.92 -4.54
CA LYS A 36 8.81 -13.71 -5.19
C LYS A 36 8.72 -12.56 -4.18
N VAL A 37 9.28 -11.42 -4.55
CA VAL A 37 9.26 -10.25 -3.68
C VAL A 37 8.70 -9.03 -4.41
N HIS A 38 7.64 -8.45 -3.85
CA HIS A 38 7.00 -7.28 -4.44
C HIS A 38 7.28 -6.03 -3.62
N THR A 39 7.48 -4.93 -4.31
CA THR A 39 7.75 -3.66 -3.64
C THR A 39 6.62 -2.66 -3.89
N VAL A 40 6.22 -1.96 -2.84
CA VAL A 40 5.15 -0.98 -2.94
C VAL A 40 5.66 0.43 -2.64
N VAL A 41 5.14 1.41 -3.37
CA VAL A 41 5.53 2.80 -3.19
C VAL A 41 4.57 3.51 -2.25
N LEU A 42 5.10 4.07 -1.16
CA LEU A 42 4.28 4.77 -0.18
C LEU A 42 4.08 6.24 -0.55
N SER A 43 4.83 6.72 -1.54
CA SER A 43 4.72 8.10 -1.99
C SER A 43 3.54 8.27 -2.92
N THR A 44 3.15 7.18 -3.59
CA THR A 44 2.03 7.21 -4.51
C THR A 44 0.75 6.74 -3.83
N ILE A 45 0.73 6.80 -2.50
CA ILE A 45 -0.43 6.37 -1.74
C ILE A 45 -1.22 7.56 -1.21
N ASP A 46 -2.26 7.95 -1.95
CA ASP A 46 -3.10 9.07 -1.56
C ASP A 46 -3.77 8.81 -0.21
N LYS A 47 -4.04 7.53 0.05
CA LYS A 47 -4.69 7.14 1.30
C LYS A 47 -4.68 5.62 1.47
N LEU A 48 -4.77 5.17 2.71
CA LEU A 48 -4.78 3.74 3.01
C LEU A 48 -6.07 3.34 3.71
N GLN A 49 -6.78 2.36 3.15
CA GLN A 49 -8.02 1.89 3.73
C GLN A 49 -7.86 0.51 4.34
N ALA A 50 -8.59 0.25 5.42
CA ALA A 50 -8.52 -1.03 6.10
C ALA A 50 -9.92 -1.54 6.45
N THR A 51 -10.04 -2.85 6.64
CA THR A 51 -11.33 -3.45 6.96
C THR A 51 -11.75 -3.10 8.39
N PRO A 52 -13.07 -2.88 8.61
CA PRO A 52 -13.59 -2.53 9.93
C PRO A 52 -13.59 -3.71 10.89
N ALA A 53 -13.60 -3.40 12.19
CA ALA A 53 -13.60 -4.44 13.22
C ALA A 53 -14.87 -5.28 13.16
N SER A 54 -15.90 -4.76 12.50
CA SER A 54 -17.18 -5.46 12.38
C SER A 54 -17.21 -6.34 11.13
N SER A 55 -16.11 -6.34 10.38
CA SER A 55 -16.02 -7.14 9.17
C SER A 55 -15.11 -8.34 9.39
N GLU A 56 -15.70 -9.52 9.36
CA GLU A 56 -14.95 -10.77 9.55
C GLU A 56 -13.83 -10.88 8.52
N LYS A 57 -13.96 -10.13 7.44
CA LYS A 57 -12.96 -10.15 6.37
C LYS A 57 -11.83 -9.16 6.68
N MET A 58 -10.60 -9.67 6.72
CA MET A 58 -9.44 -8.83 7.00
C MET A 58 -8.68 -8.50 5.72
N MET A 59 -8.82 -7.27 5.26
CA MET A 59 -8.16 -6.83 4.04
C MET A 59 -7.86 -5.33 4.08
N LEU A 60 -6.66 -4.95 3.65
CA LEU A 60 -6.26 -3.55 3.65
C LEU A 60 -6.02 -3.06 2.22
N ARG A 61 -6.75 -2.02 1.84
CA ARG A 61 -6.63 -1.45 0.51
C ARG A 61 -5.82 -0.16 0.53
N LEU A 62 -5.06 0.07 -0.54
CA LEU A 62 -4.23 1.27 -0.64
C LEU A 62 -4.45 1.96 -1.98
N ILE A 63 -4.84 3.22 -1.95
CA ILE A 63 -5.07 3.99 -3.16
C ILE A 63 -3.76 4.41 -3.80
N GLY A 64 -3.69 4.33 -5.12
CA GLY A 64 -2.47 4.70 -5.83
C GLY A 64 -2.56 6.09 -6.44
N LYS A 65 -3.19 7.01 -5.72
CA LYS A 65 -3.33 8.39 -6.19
C LYS A 65 -4.00 8.44 -7.56
N VAL A 66 -4.37 9.64 -7.98
CA VAL A 66 -5.02 9.84 -9.28
C VAL A 66 -4.02 10.28 -10.33
N ASP A 67 -2.89 9.57 -10.41
CA ASP A 67 -1.85 9.89 -11.38
C ASP A 67 -1.31 11.30 -11.16
N GLU A 68 -1.20 11.70 -9.90
CA GLU A 68 -0.70 13.02 -9.55
C GLU A 68 -1.43 14.09 -10.35
N SER A 69 -2.75 13.95 -10.42
CA SER A 69 -3.58 14.89 -11.16
C SER A 69 -3.34 16.33 -10.71
N LYS A 70 -2.87 16.48 -9.49
CA LYS A 70 -2.59 17.80 -8.94
C LYS A 70 -1.59 18.56 -9.80
N LYS A 71 -0.65 17.82 -10.40
CA LYS A 71 0.37 18.42 -11.25
C LYS A 71 -0.17 18.63 -12.66
N ARG A 72 0.20 19.76 -13.26
CA ARG A 72 -0.23 20.08 -14.62
C ARG A 72 0.77 19.56 -15.64
N LYS A 73 0.27 18.81 -16.63
CA LYS A 73 1.12 18.25 -17.67
C LYS A 73 1.19 19.19 -18.87
N ASP A 74 2.22 19.01 -19.70
CA ASP A 74 2.40 19.85 -20.89
C ASP A 74 1.19 19.74 -21.82
N ASN A 75 0.47 18.62 -21.72
CA ASN A 75 -0.70 18.39 -22.56
C ASN A 75 -0.32 18.00 -23.99
N GLU A 76 0.98 17.91 -24.25
CA GLU A 76 1.47 17.54 -25.58
C GLU A 76 1.62 16.03 -25.70
N GLY A 77 0.49 15.33 -25.60
CA GLY A 77 0.51 13.88 -25.70
C GLY A 77 0.75 13.20 -24.36
N ASN A 78 0.63 13.97 -23.28
CA ASN A 78 0.84 13.43 -21.95
C ASN A 78 -0.48 13.34 -21.19
N GLU A 79 -1.56 13.09 -21.91
CA GLU A 79 -2.88 12.98 -21.31
C GLU A 79 -2.92 11.87 -20.26
N VAL A 80 -2.20 10.78 -20.53
CA VAL A 80 -2.15 9.66 -19.61
C VAL A 80 -3.55 9.07 -19.39
N VAL A 81 -3.59 7.83 -18.94
CA VAL A 81 -4.86 7.16 -18.68
C VAL A 81 -5.40 7.50 -17.30
N PRO A 82 -6.50 8.28 -17.23
CA PRO A 82 -7.11 8.69 -15.97
C PRO A 82 -7.77 7.53 -15.25
N LYS A 83 -6.97 6.54 -14.86
CA LYS A 83 -7.49 5.37 -14.16
C LYS A 83 -6.68 5.09 -12.89
N PRO A 84 -7.08 5.73 -11.77
CA PRO A 84 -6.39 5.55 -10.48
C PRO A 84 -6.22 4.08 -10.12
N GLN A 85 -4.98 3.67 -9.88
CA GLN A 85 -4.67 2.30 -9.51
C GLN A 85 -4.71 2.12 -8.00
N ARG A 86 -5.33 1.03 -7.56
CA ARG A 86 -5.43 0.74 -6.13
C ARG A 86 -4.85 -0.63 -5.81
N HIS A 87 -4.18 -0.72 -4.67
CA HIS A 87 -3.58 -1.99 -4.25
C HIS A 87 -4.41 -2.64 -3.14
N MET A 88 -5.06 -3.74 -3.48
CA MET A 88 -5.89 -4.45 -2.52
C MET A 88 -5.12 -5.61 -1.89
N PHE A 89 -5.02 -5.59 -0.56
CA PHE A 89 -4.30 -6.63 0.16
C PHE A 89 -5.25 -7.45 1.03
N SER A 90 -4.83 -8.65 1.39
CA SER A 90 -5.63 -9.54 2.22
C SER A 90 -4.84 -9.98 3.46
N PHE A 91 -5.35 -9.64 4.63
CA PHE A 91 -4.69 -9.99 5.88
C PHE A 91 -5.30 -11.23 6.51
N ASN A 92 -4.44 -12.10 7.02
CA ASN A 92 -4.88 -13.32 7.67
C ASN A 92 -4.92 -13.14 9.18
N ASN A 93 -4.76 -11.89 9.64
CA ASN A 93 -4.78 -11.60 11.06
C ASN A 93 -5.21 -10.16 11.33
N ARG A 94 -6.23 -10.01 12.16
CA ARG A 94 -6.75 -8.69 12.51
C ARG A 94 -5.69 -7.88 13.23
N THR A 95 -4.79 -8.56 13.93
CA THR A 95 -3.73 -7.89 14.66
C THR A 95 -2.65 -7.42 13.68
N VAL A 96 -2.30 -8.29 12.76
CA VAL A 96 -1.30 -7.98 11.75
C VAL A 96 -1.82 -6.92 10.78
N MET A 97 -3.12 -6.93 10.55
CA MET A 97 -3.73 -5.96 9.65
C MET A 97 -3.88 -4.61 10.32
N ASP A 98 -4.11 -4.64 11.64
CA ASP A 98 -4.25 -3.40 12.40
C ASP A 98 -2.90 -2.81 12.75
N ASN A 99 -1.88 -3.65 12.80
CA ASN A 99 -0.53 -3.20 13.13
C ASN A 99 0.09 -2.45 11.97
N ILE A 100 -0.33 -2.82 10.76
CA ILE A 100 0.19 -2.17 9.55
C ILE A 100 -0.61 -0.92 9.21
N LYS A 101 -1.92 -0.99 9.32
CA LYS A 101 -2.80 0.14 9.01
C LYS A 101 -2.34 1.40 9.72
N MET A 102 -1.88 1.26 10.96
CA MET A 102 -1.42 2.39 11.75
C MET A 102 -0.09 2.93 11.22
N THR A 103 0.85 2.03 11.00
CA THR A 103 2.15 2.38 10.49
C THR A 103 2.04 3.06 9.14
N LEU A 104 1.16 2.54 8.30
CA LEU A 104 0.95 3.11 6.96
C LEU A 104 0.37 4.51 7.06
N GLN A 105 -0.49 4.72 8.05
CA GLN A 105 -1.10 6.02 8.26
C GLN A 105 -0.07 7.05 8.70
N GLN A 106 0.92 6.58 9.45
CA GLN A 106 1.98 7.45 9.92
C GLN A 106 2.81 7.97 8.76
N ILE A 107 3.07 7.08 7.79
CA ILE A 107 3.84 7.46 6.61
C ILE A 107 3.14 8.62 5.90
N ILE A 108 1.83 8.50 5.77
CA ILE A 108 1.01 9.54 5.13
C ILE A 108 1.30 10.89 5.75
N SER A 109 1.19 10.91 7.07
CA SER A 109 1.43 12.12 7.85
C SER A 109 2.82 12.69 7.56
N ARG A 110 3.76 11.81 7.27
CA ARG A 110 5.13 12.22 6.99
C ARG A 110 5.22 12.88 5.63
N TYR A 111 4.41 12.39 4.69
CA TYR A 111 4.40 12.93 3.34
C TYR A 111 3.73 14.30 3.32
N LYS A 112 2.80 14.51 4.26
CA LYS A 112 2.09 15.76 4.37
C LYS A 112 3.00 16.86 4.90
N ASP A 113 3.88 16.48 5.83
CA ASP A 113 4.82 17.44 6.42
C ASP A 113 5.69 18.09 5.35
N ALA A 114 6.06 17.30 4.35
CA ALA A 114 6.90 17.80 3.26
C ALA A 114 6.20 18.93 2.51
N ASP A 115 4.88 18.85 2.42
CA ASP A 115 4.10 19.87 1.73
C ASP A 115 3.32 20.73 2.72
N PRO A 1 8.99 -3.27 16.65
CA PRO A 1 8.92 -2.35 15.49
C PRO A 1 7.51 -2.25 14.92
N SER A 2 6.87 -3.41 14.79
CA SER A 2 5.52 -3.48 14.25
C SER A 2 5.46 -2.89 12.84
N HIS A 3 6.58 -2.94 12.13
CA HIS A 3 6.65 -2.41 10.78
C HIS A 3 6.52 -3.53 9.74
N SER A 4 6.80 -4.75 10.17
CA SER A 4 6.72 -5.90 9.27
C SER A 4 5.64 -6.88 9.73
N GLY A 5 4.75 -7.24 8.83
CA GLY A 5 3.68 -8.16 9.15
C GLY A 5 3.22 -8.93 7.93
N ALA A 6 2.76 -10.16 8.13
CA ALA A 6 2.31 -10.99 7.03
C ALA A 6 1.09 -10.37 6.34
N ALA A 7 1.09 -10.42 5.03
CA ALA A 7 0.00 -9.87 4.24
C ALA A 7 -0.11 -10.55 2.87
N ILE A 8 -1.34 -10.67 2.37
CA ILE A 8 -1.58 -11.30 1.08
C ILE A 8 -1.69 -10.26 -0.03
N PHE A 9 -1.17 -10.61 -1.20
CA PHE A 9 -1.23 -9.72 -2.35
C PHE A 9 -1.41 -10.55 -3.62
N GLU A 10 -2.63 -10.51 -4.17
CA GLU A 10 -2.95 -11.25 -5.39
C GLU A 10 -3.19 -12.73 -5.09
N LYS A 11 -4.03 -13.01 -4.09
CA LYS A 11 -4.36 -14.38 -3.72
C LYS A 11 -3.15 -15.17 -3.23
N VAL A 12 -2.04 -14.49 -2.97
CA VAL A 12 -0.86 -15.14 -2.47
C VAL A 12 -0.44 -14.50 -1.17
N SER A 13 -0.04 -15.30 -0.19
CA SER A 13 0.35 -14.78 1.10
C SER A 13 1.85 -14.72 1.28
N GLY A 14 2.29 -13.68 1.96
CA GLY A 14 3.70 -13.48 2.21
C GLY A 14 3.92 -12.45 3.30
N ILE A 15 5.18 -12.16 3.62
CA ILE A 15 5.47 -11.18 4.66
C ILE A 15 5.67 -9.80 4.06
N ILE A 16 4.95 -8.83 4.62
CA ILE A 16 5.01 -7.46 4.16
C ILE A 16 5.89 -6.62 5.09
N ALA A 17 6.97 -6.07 4.55
CA ALA A 17 7.88 -5.24 5.33
C ALA A 17 7.78 -3.79 4.91
N ILE A 18 7.87 -2.89 5.88
CA ILE A 18 7.78 -1.46 5.61
C ILE A 18 9.13 -0.80 5.81
N ASN A 19 9.74 -0.37 4.70
CA ASN A 19 11.04 0.29 4.76
C ASN A 19 10.89 1.78 4.43
N GLU A 20 11.07 2.63 5.44
CA GLU A 20 10.96 4.07 5.24
C GLU A 20 12.33 4.69 4.96
N ASP A 21 13.39 3.94 5.21
CA ASP A 21 14.74 4.43 4.96
C ASP A 21 14.89 4.90 3.51
N VAL A 22 14.04 4.37 2.64
CA VAL A 22 14.07 4.72 1.23
C VAL A 22 13.30 6.02 0.98
N SER A 23 13.67 6.71 -0.09
CA SER A 23 13.02 7.97 -0.44
C SER A 23 12.76 8.05 -1.94
N PRO A 24 11.49 7.94 -2.36
CA PRO A 24 10.34 7.75 -1.46
C PRO A 24 10.32 6.36 -0.83
N ALA A 25 9.81 6.27 0.40
CA ALA A 25 9.74 5.00 1.11
C ALA A 25 8.96 3.97 0.31
N GLU A 26 9.01 2.71 0.75
CA GLU A 26 8.31 1.64 0.05
C GLU A 26 8.04 0.46 0.98
N LEU A 27 7.04 -0.34 0.63
CA LEU A 27 6.67 -1.51 1.41
C LEU A 27 6.94 -2.79 0.63
N THR A 28 7.82 -3.63 1.15
CA THR A 28 8.19 -4.87 0.51
C THR A 28 7.25 -6.02 0.87
N TRP A 29 7.05 -6.93 -0.07
CA TRP A 29 6.19 -8.08 0.12
C TRP A 29 6.88 -9.35 -0.36
N ARG A 30 7.26 -10.21 0.58
CA ARG A 30 7.92 -11.45 0.22
C ARG A 30 6.94 -12.61 0.36
N SER A 31 6.79 -13.41 -0.69
CA SER A 31 5.87 -14.54 -0.65
C SER A 31 6.26 -15.51 0.45
N THR A 32 5.31 -16.36 0.82
CA THR A 32 5.54 -17.36 1.84
C THR A 32 6.66 -18.30 1.42
N ASP A 33 6.74 -18.52 0.12
CA ASP A 33 7.76 -19.39 -0.46
C ASP A 33 9.13 -18.76 -0.37
N GLY A 34 9.17 -17.44 -0.47
CA GLY A 34 10.43 -16.73 -0.42
C GLY A 34 11.13 -16.69 -1.75
N ASP A 35 10.35 -16.82 -2.82
CA ASP A 35 10.90 -16.82 -4.17
C ASP A 35 10.46 -15.58 -4.94
N LYS A 36 9.39 -14.94 -4.48
CA LYS A 36 8.87 -13.75 -5.13
C LYS A 36 8.76 -12.59 -4.13
N VAL A 37 9.36 -11.46 -4.47
CA VAL A 37 9.34 -10.29 -3.61
C VAL A 37 8.80 -9.07 -4.36
N HIS A 38 7.73 -8.49 -3.83
CA HIS A 38 7.11 -7.32 -4.45
C HIS A 38 7.35 -6.07 -3.61
N THR A 39 7.58 -4.97 -4.29
CA THR A 39 7.83 -3.70 -3.63
C THR A 39 6.69 -2.71 -3.90
N VAL A 40 6.22 -2.06 -2.85
CA VAL A 40 5.13 -1.10 -2.97
C VAL A 40 5.59 0.32 -2.65
N VAL A 41 5.07 1.29 -3.41
CA VAL A 41 5.44 2.69 -3.19
C VAL A 41 4.44 3.35 -2.25
N LEU A 42 4.96 3.91 -1.15
CA LEU A 42 4.12 4.57 -0.16
C LEU A 42 3.90 6.04 -0.50
N SER A 43 4.66 6.56 -1.47
CA SER A 43 4.53 7.95 -1.88
C SER A 43 3.34 8.13 -2.80
N THR A 44 3.00 7.07 -3.53
CA THR A 44 1.88 7.12 -4.47
C THR A 44 0.56 6.86 -3.74
N ILE A 45 0.64 6.29 -2.54
CA ILE A 45 -0.55 6.00 -1.76
C ILE A 45 -1.23 7.27 -1.28
N ASP A 46 -2.20 7.74 -2.05
CA ASP A 46 -2.94 8.95 -1.69
C ASP A 46 -3.68 8.76 -0.38
N LYS A 47 -4.08 7.52 -0.09
CA LYS A 47 -4.80 7.21 1.13
C LYS A 47 -4.80 5.71 1.39
N LEU A 48 -4.94 5.34 2.66
CA LEU A 48 -4.95 3.93 3.05
C LEU A 48 -6.31 3.54 3.62
N GLN A 49 -7.01 2.64 2.94
CA GLN A 49 -8.31 2.19 3.39
C GLN A 49 -8.23 0.80 4.02
N ALA A 50 -9.06 0.57 5.03
CA ALA A 50 -9.08 -0.72 5.73
C ALA A 50 -10.50 -1.18 5.99
N THR A 51 -10.69 -2.49 6.14
CA THR A 51 -12.01 -3.05 6.39
C THR A 51 -12.48 -2.72 7.80
N PRO A 52 -13.80 -2.59 8.00
CA PRO A 52 -14.37 -2.27 9.31
C PRO A 52 -14.22 -3.42 10.30
N ALA A 53 -14.51 -3.13 11.57
CA ALA A 53 -14.40 -4.14 12.62
C ALA A 53 -15.56 -5.14 12.57
N SER A 54 -16.52 -4.88 11.68
CA SER A 54 -17.68 -5.76 11.54
C SER A 54 -17.42 -6.86 10.51
N SER A 55 -16.24 -6.84 9.90
CA SER A 55 -15.88 -7.83 8.90
C SER A 55 -14.86 -8.81 9.46
N GLU A 56 -15.28 -10.07 9.62
CA GLU A 56 -14.40 -11.10 10.15
C GLU A 56 -13.16 -11.25 9.27
N LYS A 57 -13.24 -10.75 8.05
CA LYS A 57 -12.13 -10.83 7.11
C LYS A 57 -11.25 -9.58 7.20
N MET A 58 -9.94 -9.78 7.22
CA MET A 58 -8.99 -8.67 7.30
C MET A 58 -8.44 -8.34 5.92
N MET A 59 -8.66 -7.11 5.47
CA MET A 59 -8.18 -6.68 4.16
C MET A 59 -7.92 -5.17 4.15
N LEU A 60 -6.73 -4.78 3.69
CA LEU A 60 -6.36 -3.37 3.63
C LEU A 60 -6.18 -2.92 2.19
N ARG A 61 -6.93 -1.90 1.78
CA ARG A 61 -6.85 -1.38 0.43
C ARG A 61 -6.11 -0.04 0.40
N LEU A 62 -5.14 0.06 -0.50
CA LEU A 62 -4.35 1.28 -0.64
C LEU A 62 -4.70 2.00 -1.94
N ILE A 63 -4.96 3.30 -1.83
CA ILE A 63 -5.30 4.11 -2.99
C ILE A 63 -4.07 4.85 -3.52
N GLY A 64 -3.77 4.64 -4.80
CA GLY A 64 -2.62 5.30 -5.40
C GLY A 64 -2.96 6.70 -5.89
N LYS A 65 -1.94 7.39 -6.40
CA LYS A 65 -2.13 8.75 -6.91
C LYS A 65 -2.92 8.75 -8.22
N VAL A 66 -3.32 9.94 -8.65
CA VAL A 66 -4.08 10.09 -9.88
C VAL A 66 -3.43 11.10 -10.81
N ASP A 67 -2.10 11.24 -10.70
CA ASP A 67 -1.36 12.17 -11.54
C ASP A 67 -0.70 11.44 -12.71
N GLU A 68 -1.05 11.85 -13.92
CA GLU A 68 -0.49 11.24 -15.12
C GLU A 68 0.22 12.27 -15.98
N SER A 69 0.91 13.21 -15.33
CA SER A 69 1.63 14.26 -16.03
C SER A 69 3.10 13.88 -16.23
N LYS A 70 3.60 13.01 -15.37
CA LYS A 70 4.98 12.55 -15.44
C LYS A 70 5.22 11.73 -16.71
N LYS A 71 4.26 10.87 -17.04
CA LYS A 71 4.36 10.02 -18.21
C LYS A 71 3.71 10.69 -19.42
N ARG A 72 4.28 10.47 -20.60
CA ARG A 72 3.76 11.05 -21.83
C ARG A 72 3.10 9.98 -22.69
N LYS A 73 1.84 10.20 -23.04
CA LYS A 73 1.09 9.27 -23.87
C LYS A 73 1.44 9.43 -25.34
N ASP A 74 0.97 8.51 -26.17
CA ASP A 74 1.24 8.55 -27.60
C ASP A 74 0.00 9.00 -28.38
N ASN A 75 -1.17 8.81 -27.78
CA ASN A 75 -2.43 9.19 -28.41
C ASN A 75 -2.83 8.21 -29.50
N GLU A 76 -2.01 7.19 -29.73
CA GLU A 76 -2.30 6.19 -30.76
C GLU A 76 -2.98 4.96 -30.16
N GLY A 77 -3.87 5.20 -29.20
CA GLY A 77 -4.57 4.10 -28.56
C GLY A 77 -3.71 3.34 -27.57
N ASN A 78 -2.73 4.05 -26.99
CA ASN A 78 -1.84 3.44 -26.02
C ASN A 78 -2.21 3.83 -24.61
N GLU A 79 -2.58 2.83 -23.80
CA GLU A 79 -2.97 3.08 -22.41
C GLU A 79 -2.27 2.10 -21.47
N VAL A 80 -1.43 2.63 -20.60
CA VAL A 80 -0.70 1.80 -19.64
C VAL A 80 -1.49 1.63 -18.34
N VAL A 81 -2.21 2.68 -17.96
CA VAL A 81 -3.01 2.64 -16.74
C VAL A 81 -3.77 3.95 -16.53
N PRO A 82 -4.73 4.25 -17.43
CA PRO A 82 -5.52 5.48 -17.36
C PRO A 82 -6.57 5.43 -16.25
N LYS A 83 -6.11 5.26 -15.02
CA LYS A 83 -7.01 5.19 -13.87
C LYS A 83 -6.21 5.05 -12.57
N PRO A 84 -6.78 5.52 -11.44
CA PRO A 84 -6.12 5.45 -10.13
C PRO A 84 -5.67 4.04 -9.80
N GLN A 85 -4.38 3.90 -9.47
CA GLN A 85 -3.82 2.60 -9.13
C GLN A 85 -4.08 2.28 -7.66
N ARG A 86 -4.84 1.21 -7.42
CA ARG A 86 -5.16 0.80 -6.06
C ARG A 86 -4.64 -0.61 -5.79
N HIS A 87 -4.09 -0.81 -4.59
CA HIS A 87 -3.56 -2.11 -4.19
C HIS A 87 -4.41 -2.73 -3.09
N MET A 88 -5.04 -3.86 -3.39
CA MET A 88 -5.88 -4.54 -2.42
C MET A 88 -5.11 -5.65 -1.72
N PHE A 89 -4.84 -5.45 -0.43
CA PHE A 89 -4.10 -6.43 0.37
C PHE A 89 -5.05 -7.21 1.27
N SER A 90 -4.75 -8.50 1.44
CA SER A 90 -5.56 -9.37 2.29
C SER A 90 -4.77 -9.80 3.53
N PHE A 91 -5.30 -9.50 4.70
CA PHE A 91 -4.64 -9.85 5.95
C PHE A 91 -5.24 -11.09 6.58
N ASN A 92 -4.40 -11.86 7.24
CA ASN A 92 -4.83 -13.08 7.90
C ASN A 92 -4.93 -12.85 9.41
N ASN A 93 -4.79 -11.59 9.84
CA ASN A 93 -4.88 -11.26 11.26
C ASN A 93 -5.15 -9.78 11.47
N ARG A 94 -6.08 -9.49 12.37
CA ARG A 94 -6.44 -8.11 12.69
C ARG A 94 -5.26 -7.38 13.33
N THR A 95 -4.55 -8.08 14.20
CA THR A 95 -3.40 -7.51 14.86
C THR A 95 -2.32 -7.17 13.86
N VAL A 96 -2.15 -8.04 12.89
CA VAL A 96 -1.15 -7.84 11.84
C VAL A 96 -1.60 -6.73 10.89
N MET A 97 -2.91 -6.67 10.67
CA MET A 97 -3.48 -5.66 9.79
C MET A 97 -3.52 -4.30 10.48
N ASP A 98 -3.70 -4.33 11.81
CA ASP A 98 -3.74 -3.11 12.59
C ASP A 98 -2.34 -2.57 12.83
N ASN A 99 -1.37 -3.48 12.87
CA ASN A 99 0.02 -3.11 13.09
C ASN A 99 0.59 -2.41 11.86
N ILE A 100 0.11 -2.82 10.70
CA ILE A 100 0.57 -2.24 9.43
C ILE A 100 -0.24 -1.00 9.08
N LYS A 101 -1.55 -1.08 9.26
CA LYS A 101 -2.44 0.04 8.96
C LYS A 101 -2.06 1.28 9.77
N MET A 102 -1.73 1.06 11.05
CA MET A 102 -1.35 2.15 11.92
C MET A 102 0.02 2.70 11.56
N THR A 103 0.93 1.79 11.21
CA THR A 103 2.28 2.18 10.84
C THR A 103 2.27 2.86 9.48
N LEU A 104 1.42 2.36 8.59
CA LEU A 104 1.30 2.92 7.25
C LEU A 104 0.71 4.32 7.32
N GLN A 105 -0.17 4.54 8.30
CA GLN A 105 -0.81 5.83 8.48
C GLN A 105 0.20 6.90 8.87
N GLN A 106 1.18 6.49 9.66
CA GLN A 106 2.22 7.40 10.10
C GLN A 106 3.04 7.89 8.92
N ILE A 107 3.34 6.98 8.00
CA ILE A 107 4.10 7.32 6.81
C ILE A 107 3.37 8.42 6.03
N ILE A 108 2.06 8.26 5.91
CA ILE A 108 1.23 9.24 5.21
C ILE A 108 1.47 10.63 5.77
N SER A 109 1.35 10.71 7.08
CA SER A 109 1.55 11.96 7.81
C SER A 109 2.89 12.60 7.46
N ARG A 110 3.86 11.76 7.14
CA ARG A 110 5.20 12.24 6.79
C ARG A 110 5.20 12.93 5.43
N TYR A 111 4.37 12.42 4.54
CA TYR A 111 4.26 12.99 3.20
C TYR A 111 3.59 14.35 3.24
N LYS A 112 2.73 14.55 4.24
CA LYS A 112 2.03 15.81 4.42
C LYS A 112 2.99 16.91 4.85
N ASP A 113 3.97 16.54 5.65
CA ASP A 113 4.97 17.51 6.12
C ASP A 113 5.70 18.16 4.96
N ALA A 114 5.97 17.38 3.93
CA ALA A 114 6.67 17.88 2.75
C ALA A 114 5.88 19.00 2.08
N ASP A 115 4.55 18.89 2.15
CA ASP A 115 3.66 19.88 1.54
C ASP A 115 4.13 20.28 0.14
N PRO A 1 7.40 -6.70 12.96
CA PRO A 1 6.81 -6.06 14.15
C PRO A 1 6.41 -4.62 13.89
N SER A 2 5.10 -4.36 13.92
CA SER A 2 4.57 -3.01 13.67
C SER A 2 4.78 -2.60 12.22
N HIS A 3 6.04 -2.38 11.85
CA HIS A 3 6.36 -1.97 10.48
C HIS A 3 6.39 -3.17 9.54
N SER A 4 6.57 -4.37 10.10
CA SER A 4 6.61 -5.58 9.30
C SER A 4 5.57 -6.58 9.79
N GLY A 5 4.74 -7.05 8.86
CA GLY A 5 3.70 -8.00 9.19
C GLY A 5 3.26 -8.80 7.98
N ALA A 6 2.83 -10.04 8.20
CA ALA A 6 2.38 -10.89 7.11
C ALA A 6 1.14 -10.32 6.43
N ALA A 7 1.14 -10.35 5.11
CA ALA A 7 0.01 -9.85 4.33
C ALA A 7 -0.11 -10.57 2.98
N ILE A 8 -1.34 -10.71 2.50
CA ILE A 8 -1.59 -11.37 1.23
C ILE A 8 -1.72 -10.37 0.09
N PHE A 9 -1.22 -10.74 -1.07
CA PHE A 9 -1.30 -9.89 -2.24
C PHE A 9 -1.48 -10.75 -3.49
N GLU A 10 -2.69 -10.73 -4.03
CA GLU A 10 -3.02 -11.50 -5.23
C GLU A 10 -3.24 -12.97 -4.90
N LYS A 11 -4.05 -13.24 -3.89
CA LYS A 11 -4.36 -14.60 -3.49
C LYS A 11 -3.13 -15.38 -3.04
N VAL A 12 -2.03 -14.67 -2.77
CA VAL A 12 -0.82 -15.29 -2.31
C VAL A 12 -0.39 -14.62 -1.00
N SER A 13 0.09 -15.40 -0.06
CA SER A 13 0.50 -14.85 1.23
C SER A 13 2.01 -14.73 1.35
N GLY A 14 2.42 -13.72 2.10
CA GLY A 14 3.82 -13.46 2.32
C GLY A 14 4.02 -12.41 3.38
N ILE A 15 5.27 -12.07 3.69
CA ILE A 15 5.55 -11.07 4.70
C ILE A 15 5.72 -9.70 4.07
N ILE A 16 5.01 -8.73 4.63
CA ILE A 16 5.05 -7.35 4.15
C ILE A 16 5.94 -6.49 5.05
N ALA A 17 7.00 -5.94 4.48
CA ALA A 17 7.92 -5.09 5.22
C ALA A 17 7.82 -3.65 4.74
N ILE A 18 7.95 -2.72 5.68
CA ILE A 18 7.88 -1.31 5.36
C ILE A 18 9.27 -0.68 5.36
N ASN A 19 9.69 -0.16 4.22
CA ASN A 19 11.00 0.47 4.10
C ASN A 19 10.86 1.98 3.93
N GLU A 20 11.25 2.71 4.98
CA GLU A 20 11.18 4.17 4.95
C GLU A 20 12.57 4.79 4.91
N ASP A 21 13.60 3.94 5.02
CA ASP A 21 14.97 4.40 5.00
C ASP A 21 15.31 5.07 3.67
N VAL A 22 14.52 4.79 2.65
CA VAL A 22 14.74 5.37 1.34
C VAL A 22 13.86 6.60 1.14
N SER A 23 13.69 7.00 -0.12
CA SER A 23 12.87 8.15 -0.46
C SER A 23 12.55 8.19 -1.94
N PRO A 24 11.27 8.02 -2.33
CA PRO A 24 10.17 7.78 -1.39
C PRO A 24 10.21 6.39 -0.77
N ALA A 25 9.69 6.27 0.44
CA ALA A 25 9.64 4.98 1.13
C ALA A 25 8.95 3.92 0.27
N GLU A 26 9.01 2.67 0.70
CA GLU A 26 8.40 1.58 -0.05
C GLU A 26 8.08 0.39 0.85
N LEU A 27 6.99 -0.32 0.53
CA LEU A 27 6.57 -1.48 1.30
C LEU A 27 6.83 -2.75 0.50
N THR A 28 7.75 -3.59 1.00
CA THR A 28 8.11 -4.82 0.34
C THR A 28 7.20 -5.97 0.76
N TRP A 29 6.98 -6.88 -0.17
CA TRP A 29 6.14 -8.05 0.08
C TRP A 29 6.84 -9.32 -0.38
N ARG A 30 7.26 -10.14 0.56
CA ARG A 30 7.94 -11.39 0.22
C ARG A 30 6.98 -12.56 0.41
N SER A 31 6.80 -13.37 -0.63
CA SER A 31 5.90 -14.50 -0.56
C SER A 31 6.29 -15.43 0.58
N THR A 32 5.37 -16.32 0.94
CA THR A 32 5.61 -17.27 2.01
C THR A 32 6.81 -18.13 1.67
N ASP A 33 6.99 -18.39 0.38
CA ASP A 33 8.08 -19.20 -0.11
C ASP A 33 9.38 -18.40 -0.13
N GLY A 34 9.26 -17.13 -0.49
CA GLY A 34 10.42 -16.27 -0.55
C GLY A 34 10.85 -15.98 -1.97
N ASP A 35 10.47 -16.88 -2.88
CA ASP A 35 10.82 -16.73 -4.29
C ASP A 35 10.12 -15.53 -4.90
N LYS A 36 9.03 -15.09 -4.28
CA LYS A 36 8.28 -13.95 -4.78
C LYS A 36 8.49 -12.73 -3.89
N VAL A 37 8.91 -11.62 -4.50
CA VAL A 37 9.16 -10.39 -3.77
C VAL A 37 8.59 -9.19 -4.51
N HIS A 38 7.57 -8.57 -3.93
CA HIS A 38 6.94 -7.39 -4.53
C HIS A 38 7.23 -6.13 -3.73
N THR A 39 7.43 -5.04 -4.44
CA THR A 39 7.71 -3.76 -3.80
C THR A 39 6.59 -2.77 -4.07
N VAL A 40 6.14 -2.10 -3.01
CA VAL A 40 5.06 -1.13 -3.12
C VAL A 40 5.53 0.28 -2.77
N VAL A 41 5.01 1.27 -3.48
CA VAL A 41 5.37 2.66 -3.23
C VAL A 41 4.38 3.31 -2.30
N LEU A 42 4.87 3.84 -1.18
CA LEU A 42 4.02 4.50 -0.19
C LEU A 42 3.82 5.98 -0.51
N SER A 43 4.62 6.50 -1.44
CA SER A 43 4.52 7.91 -1.82
C SER A 43 3.38 8.12 -2.80
N THR A 44 3.05 7.08 -3.56
CA THR A 44 1.97 7.15 -4.54
C THR A 44 0.62 6.83 -3.90
N ILE A 45 0.64 6.43 -2.63
CA ILE A 45 -0.58 6.10 -1.91
C ILE A 45 -1.29 7.36 -1.42
N ASP A 46 -2.30 7.79 -2.16
CA ASP A 46 -3.06 8.98 -1.79
C ASP A 46 -3.74 8.79 -0.44
N LYS A 47 -4.03 7.54 -0.10
CA LYS A 47 -4.68 7.23 1.17
C LYS A 47 -4.74 5.72 1.39
N LEU A 48 -4.70 5.32 2.65
CA LEU A 48 -4.75 3.90 3.01
C LEU A 48 -6.08 3.55 3.65
N GLN A 49 -6.85 2.69 3.00
CA GLN A 49 -8.15 2.28 3.51
C GLN A 49 -8.09 0.87 4.09
N ALA A 50 -9.00 0.58 5.01
CA ALA A 50 -9.04 -0.74 5.65
C ALA A 50 -10.49 -1.20 5.86
N THR A 51 -10.66 -2.50 6.02
CA THR A 51 -11.99 -3.07 6.23
C THR A 51 -12.52 -2.71 7.62
N PRO A 52 -13.85 -2.63 7.77
CA PRO A 52 -14.49 -2.29 9.05
C PRO A 52 -14.26 -3.36 10.10
N ALA A 53 -14.41 -2.97 11.37
CA ALA A 53 -14.22 -3.90 12.48
C ALA A 53 -15.34 -4.93 12.55
N SER A 54 -16.40 -4.71 11.78
CA SER A 54 -17.54 -5.63 11.75
C SER A 54 -17.36 -6.72 10.72
N SER A 55 -16.23 -6.68 10.00
CA SER A 55 -15.94 -7.68 8.98
C SER A 55 -14.86 -8.63 9.46
N GLU A 56 -15.23 -9.89 9.63
CA GLU A 56 -14.28 -10.91 10.07
C GLU A 56 -13.10 -10.99 9.12
N LYS A 57 -13.28 -10.49 7.91
CA LYS A 57 -12.23 -10.50 6.90
C LYS A 57 -11.38 -9.24 6.97
N MET A 58 -10.19 -9.36 7.53
CA MET A 58 -9.28 -8.23 7.66
C MET A 58 -8.49 -8.00 6.37
N MET A 59 -8.73 -6.87 5.73
CA MET A 59 -8.05 -6.53 4.49
C MET A 59 -7.78 -5.04 4.40
N LEU A 60 -6.67 -4.66 3.77
CA LEU A 60 -6.31 -3.26 3.61
C LEU A 60 -6.31 -2.87 2.14
N ARG A 61 -6.86 -1.68 1.85
CA ARG A 61 -6.92 -1.19 0.48
C ARG A 61 -6.10 0.09 0.33
N LEU A 62 -5.17 0.07 -0.62
CA LEU A 62 -4.32 1.24 -0.87
C LEU A 62 -4.80 2.01 -2.09
N ILE A 63 -4.90 3.32 -1.95
CA ILE A 63 -5.35 4.18 -3.05
C ILE A 63 -4.17 4.92 -3.67
N GLY A 64 -4.00 4.75 -4.98
CA GLY A 64 -2.92 5.42 -5.69
C GLY A 64 -3.31 6.80 -6.17
N LYS A 65 -2.54 7.80 -5.77
CA LYS A 65 -2.82 9.19 -6.17
C LYS A 65 -2.65 9.35 -7.69
N VAL A 66 -2.86 10.57 -8.16
CA VAL A 66 -2.74 10.87 -9.58
C VAL A 66 -1.28 10.80 -10.04
N ASP A 67 -0.37 11.20 -9.16
CA ASP A 67 1.06 11.18 -9.47
C ASP A 67 1.37 12.10 -10.65
N GLU A 68 0.83 13.31 -10.60
CA GLU A 68 1.06 14.29 -11.67
C GLU A 68 1.97 15.41 -11.18
N SER A 69 2.95 15.05 -10.35
CA SER A 69 3.90 16.02 -9.82
C SER A 69 5.28 15.39 -9.64
N LYS A 70 5.56 14.36 -10.44
CA LYS A 70 6.84 13.68 -10.38
C LYS A 70 7.31 13.26 -11.77
N LYS A 71 6.44 12.57 -12.49
CA LYS A 71 6.75 12.10 -13.84
C LYS A 71 6.38 13.16 -14.88
N ARG A 72 7.02 13.09 -16.04
CA ARG A 72 6.77 14.03 -17.11
C ARG A 72 5.83 13.43 -18.16
N LYS A 73 4.71 14.10 -18.40
CA LYS A 73 3.74 13.64 -19.38
C LYS A 73 3.55 14.66 -20.49
N ASP A 74 3.25 14.17 -21.69
CA ASP A 74 3.04 15.04 -22.85
C ASP A 74 1.75 14.71 -23.57
N ASN A 75 1.28 15.63 -24.40
CA ASN A 75 0.05 15.42 -25.17
C ASN A 75 0.33 14.73 -26.50
N GLU A 76 1.58 14.40 -26.76
CA GLU A 76 1.97 13.74 -28.00
C GLU A 76 1.95 12.22 -27.83
N GLY A 77 0.91 11.71 -27.18
CA GLY A 77 0.79 10.28 -26.97
C GLY A 77 1.54 9.80 -25.73
N ASN A 78 1.69 10.70 -24.77
CA ASN A 78 2.39 10.36 -23.53
C ASN A 78 1.48 10.55 -22.32
N GLU A 79 0.18 10.39 -22.53
CA GLU A 79 -0.80 10.53 -21.46
C GLU A 79 -1.68 9.29 -21.33
N VAL A 80 -2.01 8.93 -20.10
CA VAL A 80 -2.84 7.77 -19.85
C VAL A 80 -4.03 8.11 -18.95
N VAL A 81 -5.15 7.45 -19.17
CA VAL A 81 -6.35 7.69 -18.39
C VAL A 81 -6.26 7.03 -17.01
N PRO A 82 -5.88 5.74 -16.95
CA PRO A 82 -5.77 5.02 -15.68
C PRO A 82 -4.48 5.35 -14.94
N LYS A 83 -4.47 6.50 -14.27
CA LYS A 83 -3.30 6.93 -13.51
C LYS A 83 -3.33 6.37 -12.08
N PRO A 84 -4.44 6.55 -11.36
CA PRO A 84 -4.58 6.07 -9.99
C PRO A 84 -4.36 4.56 -9.89
N GLN A 85 -3.40 4.16 -9.07
CA GLN A 85 -3.10 2.75 -8.88
C GLN A 85 -3.71 2.21 -7.59
N ARG A 86 -4.54 1.18 -7.71
CA ARG A 86 -5.19 0.59 -6.55
C ARG A 86 -4.55 -0.74 -6.18
N HIS A 87 -4.30 -0.93 -4.88
CA HIS A 87 -3.69 -2.16 -4.39
C HIS A 87 -4.52 -2.76 -3.26
N MET A 88 -5.12 -3.91 -3.53
CA MET A 88 -5.95 -4.59 -2.54
C MET A 88 -5.17 -5.73 -1.88
N PHE A 89 -5.01 -5.64 -0.56
CA PHE A 89 -4.28 -6.65 0.19
C PHE A 89 -5.22 -7.44 1.10
N SER A 90 -4.82 -8.66 1.43
CA SER A 90 -5.62 -9.52 2.30
C SER A 90 -4.81 -9.96 3.52
N PHE A 91 -5.29 -9.61 4.70
CA PHE A 91 -4.61 -9.96 5.94
C PHE A 91 -5.19 -11.22 6.57
N ASN A 92 -4.30 -12.09 7.02
CA ASN A 92 -4.72 -13.33 7.67
C ASN A 92 -4.69 -13.16 9.19
N ASN A 93 -4.54 -11.92 9.65
CA ASN A 93 -4.50 -11.64 11.08
C ASN A 93 -4.93 -10.21 11.37
N ARG A 94 -6.03 -10.06 12.11
CA ARG A 94 -6.54 -8.75 12.46
C ARG A 94 -5.52 -7.97 13.29
N THR A 95 -4.70 -8.69 14.03
CA THR A 95 -3.68 -8.08 14.86
C THR A 95 -2.55 -7.54 13.97
N VAL A 96 -2.10 -8.38 13.06
CA VAL A 96 -1.04 -8.02 12.14
C VAL A 96 -1.51 -6.92 11.18
N MET A 97 -2.80 -6.94 10.88
CA MET A 97 -3.38 -5.94 9.99
C MET A 97 -3.49 -4.60 10.68
N ASP A 98 -3.74 -4.63 11.99
CA ASP A 98 -3.87 -3.41 12.77
C ASP A 98 -2.51 -2.75 12.98
N ASN A 99 -1.47 -3.58 13.02
CA ASN A 99 -0.11 -3.09 13.21
C ASN A 99 0.39 -2.39 11.96
N ILE A 100 -0.10 -2.83 10.82
CA ILE A 100 0.30 -2.26 9.53
C ILE A 100 -0.56 -1.04 9.20
N LYS A 101 -1.85 -1.15 9.43
CA LYS A 101 -2.78 -0.07 9.15
C LYS A 101 -2.40 1.21 9.91
N MET A 102 -1.96 1.04 11.15
CA MET A 102 -1.57 2.18 11.98
C MET A 102 -0.20 2.70 11.59
N THR A 103 0.71 1.77 11.31
CA THR A 103 2.06 2.14 10.93
C THR A 103 2.08 2.77 9.54
N LEU A 104 1.16 2.35 8.69
CA LEU A 104 1.06 2.88 7.34
C LEU A 104 0.52 4.30 7.37
N GLN A 105 -0.39 4.56 8.32
CA GLN A 105 -0.97 5.89 8.45
C GLN A 105 0.09 6.90 8.87
N GLN A 106 1.06 6.44 9.64
CA GLN A 106 2.13 7.31 10.11
C GLN A 106 2.97 7.80 8.94
N ILE A 107 3.26 6.89 8.01
CA ILE A 107 4.04 7.24 6.83
C ILE A 107 3.35 8.37 6.08
N ILE A 108 2.03 8.26 5.94
CA ILE A 108 1.23 9.28 5.27
C ILE A 108 1.53 10.64 5.86
N SER A 109 1.39 10.71 7.17
CA SER A 109 1.63 11.94 7.92
C SER A 109 3.04 12.47 7.66
N ARG A 110 3.95 11.57 7.33
CA ARG A 110 5.33 11.95 7.05
C ARG A 110 5.44 12.64 5.70
N TYR A 111 4.60 12.22 4.77
CA TYR A 111 4.59 12.81 3.44
C TYR A 111 4.02 14.22 3.46
N LYS A 112 3.14 14.45 4.42
CA LYS A 112 2.52 15.76 4.58
C LYS A 112 3.53 16.79 5.09
N ASP A 113 4.37 16.36 6.02
CA ASP A 113 5.39 17.23 6.59
C ASP A 113 6.33 17.76 5.50
N ALA A 114 6.64 16.91 4.53
CA ALA A 114 7.52 17.30 3.44
C ALA A 114 6.94 18.45 2.63
N ASP A 115 5.61 18.49 2.54
CA ASP A 115 4.92 19.53 1.80
C ASP A 115 3.94 20.28 2.71
N PRO A 1 9.29 -4.02 14.68
CA PRO A 1 8.54 -5.25 14.36
C PRO A 1 7.22 -4.95 13.66
N SER A 2 6.53 -3.95 14.16
CA SER A 2 5.24 -3.54 13.59
C SER A 2 5.39 -3.16 12.12
N HIS A 3 6.53 -2.57 11.78
CA HIS A 3 6.80 -2.15 10.41
C HIS A 3 6.72 -3.34 9.45
N SER A 4 6.99 -4.53 9.98
CA SER A 4 6.95 -5.75 9.17
C SER A 4 5.89 -6.72 9.70
N GLY A 5 5.01 -7.14 8.80
CA GLY A 5 3.96 -8.07 9.17
C GLY A 5 3.47 -8.87 7.98
N ALA A 6 2.99 -10.08 8.23
CA ALA A 6 2.49 -10.93 7.16
C ALA A 6 1.26 -10.33 6.50
N ALA A 7 1.21 -10.42 5.18
CA ALA A 7 0.08 -9.90 4.43
C ALA A 7 -0.08 -10.59 3.08
N ILE A 8 -1.32 -10.73 2.63
CA ILE A 8 -1.61 -11.38 1.35
C ILE A 8 -1.78 -10.35 0.24
N PHE A 9 -1.30 -10.71 -0.94
CA PHE A 9 -1.42 -9.84 -2.10
C PHE A 9 -1.62 -10.68 -3.35
N GLU A 10 -2.86 -10.67 -3.86
CA GLU A 10 -3.22 -11.43 -5.05
C GLU A 10 -3.42 -12.91 -4.73
N LYS A 11 -4.21 -13.19 -3.69
CA LYS A 11 -4.51 -14.55 -3.29
C LYS A 11 -3.27 -15.32 -2.85
N VAL A 12 -2.17 -14.61 -2.63
CA VAL A 12 -0.95 -15.24 -2.17
C VAL A 12 -0.50 -14.58 -0.88
N SER A 13 -0.04 -15.36 0.07
CA SER A 13 0.38 -14.82 1.36
C SER A 13 1.90 -14.73 1.45
N GLY A 14 2.36 -13.68 2.13
CA GLY A 14 3.78 -13.46 2.31
C GLY A 14 4.04 -12.44 3.40
N ILE A 15 5.31 -12.16 3.65
CA ILE A 15 5.67 -11.19 4.67
C ILE A 15 5.82 -9.79 4.08
N ILE A 16 5.11 -8.84 4.66
CA ILE A 16 5.14 -7.46 4.21
C ILE A 16 6.02 -6.61 5.13
N ALA A 17 7.06 -6.03 4.55
CA ALA A 17 7.98 -5.19 5.31
C ALA A 17 7.92 -3.74 4.83
N ILE A 18 8.02 -2.81 5.76
CA ILE A 18 7.97 -1.39 5.42
C ILE A 18 9.37 -0.78 5.50
N ASN A 19 9.89 -0.36 4.34
CA ASN A 19 11.21 0.24 4.27
C ASN A 19 11.11 1.75 4.13
N GLU A 20 11.48 2.46 5.18
CA GLU A 20 11.44 3.92 5.18
C GLU A 20 12.85 4.50 5.14
N ASP A 21 13.85 3.63 5.19
CA ASP A 21 15.25 4.06 5.16
C ASP A 21 15.57 4.75 3.84
N VAL A 22 14.76 4.49 2.82
CA VAL A 22 14.97 5.09 1.51
C VAL A 22 14.14 6.35 1.35
N SER A 23 13.96 6.77 0.11
CA SER A 23 13.17 7.96 -0.18
C SER A 23 12.82 8.05 -1.66
N PRO A 24 11.54 7.93 -2.02
CA PRO A 24 10.45 7.71 -1.06
C PRO A 24 10.44 6.30 -0.48
N ALA A 25 9.94 6.17 0.74
CA ALA A 25 9.87 4.87 1.40
C ALA A 25 9.14 3.85 0.52
N GLU A 26 9.17 2.59 0.93
CA GLU A 26 8.51 1.53 0.16
C GLU A 26 8.17 0.33 1.04
N LEU A 27 7.09 -0.37 0.68
CA LEU A 27 6.67 -1.55 1.43
C LEU A 27 6.89 -2.82 0.60
N THR A 28 7.81 -3.66 1.06
CA THR A 28 8.15 -4.88 0.37
C THR A 28 7.23 -6.03 0.79
N TRP A 29 6.97 -6.93 -0.16
CA TRP A 29 6.13 -8.09 0.09
C TRP A 29 6.80 -9.35 -0.42
N ARG A 30 7.23 -10.20 0.50
CA ARG A 30 7.87 -11.45 0.13
C ARG A 30 6.90 -12.62 0.33
N SER A 31 6.71 -13.43 -0.71
CA SER A 31 5.81 -14.56 -0.63
C SER A 31 6.26 -15.53 0.47
N THR A 32 5.32 -16.36 0.91
CA THR A 32 5.60 -17.34 1.94
C THR A 32 6.70 -18.29 1.48
N ASP A 33 6.72 -18.51 0.17
CA ASP A 33 7.69 -19.40 -0.44
C ASP A 33 9.07 -18.75 -0.49
N GLY A 34 9.08 -17.44 -0.64
CA GLY A 34 10.32 -16.70 -0.70
C GLY A 34 10.91 -16.71 -2.09
N ASP A 35 10.06 -16.88 -3.09
CA ASP A 35 10.49 -16.92 -4.48
C ASP A 35 10.03 -15.66 -5.23
N LYS A 36 9.02 -15.00 -4.70
CA LYS A 36 8.48 -13.79 -5.32
C LYS A 36 8.46 -12.64 -4.31
N VAL A 37 9.02 -11.51 -4.71
CA VAL A 37 9.07 -10.34 -3.85
C VAL A 37 8.49 -9.11 -4.56
N HIS A 38 7.46 -8.53 -3.96
CA HIS A 38 6.81 -7.36 -4.53
C HIS A 38 7.13 -6.11 -3.72
N THR A 39 7.32 -5.00 -4.40
CA THR A 39 7.61 -3.73 -3.75
C THR A 39 6.49 -2.73 -3.97
N VAL A 40 6.05 -2.09 -2.89
CA VAL A 40 4.97 -1.11 -2.96
C VAL A 40 5.47 0.28 -2.58
N VAL A 41 4.97 1.29 -3.28
CA VAL A 41 5.36 2.67 -3.01
C VAL A 41 4.36 3.34 -2.08
N LEU A 42 4.84 3.79 -0.93
CA LEU A 42 3.99 4.45 0.06
C LEU A 42 3.82 5.93 -0.25
N SER A 43 4.63 6.45 -1.16
CA SER A 43 4.57 7.86 -1.53
C SER A 43 3.44 8.10 -2.53
N THR A 44 3.06 7.06 -3.27
CA THR A 44 2.00 7.17 -4.26
C THR A 44 0.67 6.72 -3.67
N ILE A 45 0.57 6.74 -2.35
CA ILE A 45 -0.67 6.34 -1.68
C ILE A 45 -1.52 7.55 -1.32
N ASP A 46 -2.53 7.81 -2.13
CA ASP A 46 -3.43 8.93 -1.91
C ASP A 46 -4.11 8.82 -0.54
N LYS A 47 -4.26 7.58 -0.06
CA LYS A 47 -4.90 7.34 1.22
C LYS A 47 -4.88 5.86 1.57
N LEU A 48 -5.11 5.55 2.84
CA LEU A 48 -5.13 4.16 3.30
C LEU A 48 -6.55 3.68 3.52
N GLN A 49 -6.82 2.44 3.10
CA GLN A 49 -8.15 1.85 3.25
C GLN A 49 -8.06 0.50 3.96
N ALA A 50 -9.00 0.27 4.87
CA ALA A 50 -9.03 -0.99 5.61
C ALA A 50 -10.46 -1.52 5.74
N THR A 51 -10.58 -2.83 5.92
CA THR A 51 -11.89 -3.46 6.05
C THR A 51 -12.53 -3.11 7.39
N PRO A 52 -13.88 -3.09 7.44
CA PRO A 52 -14.61 -2.76 8.66
C PRO A 52 -14.45 -3.83 9.75
N ALA A 53 -14.56 -3.42 11.00
CA ALA A 53 -14.42 -4.33 12.13
C ALA A 53 -15.55 -5.35 12.16
N SER A 54 -16.62 -5.07 11.41
CA SER A 54 -17.77 -5.97 11.36
C SER A 54 -17.60 -7.01 10.24
N SER A 55 -16.49 -6.94 9.52
CA SER A 55 -16.23 -7.88 8.44
C SER A 55 -15.15 -8.86 8.84
N GLU A 56 -15.53 -10.13 8.95
CA GLU A 56 -14.59 -11.18 9.32
C GLU A 56 -13.43 -11.25 8.33
N LYS A 57 -13.63 -10.67 7.15
CA LYS A 57 -12.61 -10.65 6.12
C LYS A 57 -11.64 -9.49 6.33
N MET A 58 -10.40 -9.82 6.67
CA MET A 58 -9.38 -8.81 6.90
C MET A 58 -8.65 -8.46 5.61
N MET A 59 -8.79 -7.21 5.17
CA MET A 59 -8.15 -6.75 3.94
C MET A 59 -7.83 -5.27 4.01
N LEU A 60 -6.62 -4.90 3.62
CA LEU A 60 -6.20 -3.51 3.62
C LEU A 60 -5.93 -3.02 2.20
N ARG A 61 -6.76 -2.10 1.73
CA ARG A 61 -6.61 -1.56 0.39
C ARG A 61 -5.97 -0.17 0.42
N LEU A 62 -5.02 0.05 -0.47
CA LEU A 62 -4.33 1.33 -0.55
C LEU A 62 -4.69 2.06 -1.84
N ILE A 63 -5.11 3.32 -1.72
CA ILE A 63 -5.48 4.12 -2.87
C ILE A 63 -4.28 4.82 -3.47
N GLY A 64 -4.08 4.64 -4.78
CA GLY A 64 -2.96 5.28 -5.45
C GLY A 64 -3.20 6.74 -5.72
N LYS A 65 -2.12 7.51 -5.82
CA LYS A 65 -2.22 8.94 -6.07
C LYS A 65 -2.69 9.21 -7.50
N VAL A 66 -3.08 10.46 -7.76
CA VAL A 66 -3.56 10.86 -9.08
C VAL A 66 -2.55 11.75 -9.79
N ASP A 67 -2.30 11.47 -11.06
CA ASP A 67 -1.35 12.26 -11.84
C ASP A 67 -2.07 13.03 -12.94
N GLU A 68 -3.16 13.70 -12.59
CA GLU A 68 -3.93 14.48 -13.55
C GLU A 68 -3.78 15.97 -13.28
N SER A 69 -2.59 16.36 -12.86
CA SER A 69 -2.30 17.77 -12.57
C SER A 69 -0.98 18.20 -13.20
N LYS A 70 -0.60 17.53 -14.28
CA LYS A 70 0.65 17.85 -14.97
C LYS A 70 0.39 18.78 -16.15
N LYS A 71 -0.28 18.25 -17.18
CA LYS A 71 -0.58 19.03 -18.37
C LYS A 71 -2.04 18.82 -18.79
N ARG A 72 -2.59 19.81 -19.49
CA ARG A 72 -3.97 19.73 -19.96
C ARG A 72 -4.03 19.51 -21.45
N LYS A 73 -4.68 18.42 -21.86
CA LYS A 73 -4.82 18.09 -23.28
C LYS A 73 -6.21 17.55 -23.57
N ASP A 74 -6.43 17.15 -24.83
CA ASP A 74 -7.71 16.62 -25.26
C ASP A 74 -7.66 16.19 -26.72
N ASN A 75 -7.00 17.00 -27.53
CA ASN A 75 -6.85 16.72 -28.94
C ASN A 75 -8.22 16.70 -29.63
N GLU A 76 -8.93 15.59 -29.45
CA GLU A 76 -10.25 15.42 -30.04
C GLU A 76 -11.30 15.22 -28.97
N GLY A 77 -11.15 15.95 -27.87
CA GLY A 77 -12.10 15.84 -26.77
C GLY A 77 -12.04 14.49 -26.09
N ASN A 78 -10.85 13.89 -26.07
CA ASN A 78 -10.67 12.58 -25.45
C ASN A 78 -9.44 12.58 -24.54
N GLU A 79 -9.39 13.56 -23.64
CA GLU A 79 -8.26 13.68 -22.71
C GLU A 79 -8.12 12.41 -21.87
N VAL A 80 -9.24 11.74 -21.63
CA VAL A 80 -9.24 10.51 -20.84
C VAL A 80 -8.83 10.78 -19.40
N VAL A 81 -9.80 10.86 -18.51
CA VAL A 81 -9.55 11.11 -17.10
C VAL A 81 -8.82 9.94 -16.46
N PRO A 82 -7.55 10.12 -16.06
CA PRO A 82 -6.75 9.07 -15.43
C PRO A 82 -7.43 8.51 -14.18
N LYS A 83 -7.20 7.22 -13.92
CA LYS A 83 -7.79 6.56 -12.76
C LYS A 83 -6.70 6.11 -11.78
N PRO A 84 -6.85 6.42 -10.48
CA PRO A 84 -5.88 6.05 -9.46
C PRO A 84 -5.84 4.54 -9.22
N GLN A 85 -4.64 3.98 -9.18
CA GLN A 85 -4.47 2.55 -8.95
C GLN A 85 -4.57 2.22 -7.47
N ARG A 86 -5.38 1.21 -7.15
CA ARG A 86 -5.57 0.80 -5.77
C ARG A 86 -5.00 -0.59 -5.52
N HIS A 87 -4.28 -0.74 -4.42
CA HIS A 87 -3.68 -2.02 -4.05
C HIS A 87 -4.46 -2.67 -2.91
N MET A 88 -5.16 -3.75 -3.22
CA MET A 88 -5.94 -4.45 -2.21
C MET A 88 -5.16 -5.62 -1.62
N PHE A 89 -5.10 -5.67 -0.29
CA PHE A 89 -4.37 -6.72 0.40
C PHE A 89 -5.29 -7.53 1.30
N SER A 90 -4.83 -8.71 1.70
CA SER A 90 -5.61 -9.59 2.57
C SER A 90 -4.78 -10.00 3.78
N PHE A 91 -5.28 -9.70 4.98
CA PHE A 91 -4.58 -10.04 6.21
C PHE A 91 -5.18 -11.24 6.90
N ASN A 92 -4.33 -11.97 7.60
CA ASN A 92 -4.76 -13.14 8.35
C ASN A 92 -4.75 -12.86 9.84
N ASN A 93 -4.57 -11.59 10.20
CA ASN A 93 -4.53 -11.19 11.60
C ASN A 93 -4.91 -9.72 11.78
N ARG A 94 -5.84 -9.46 12.69
CA ARG A 94 -6.29 -8.10 12.96
C ARG A 94 -5.17 -7.28 13.60
N THR A 95 -4.27 -7.97 14.30
CA THR A 95 -3.17 -7.31 14.95
C THR A 95 -2.12 -6.94 13.92
N VAL A 96 -1.82 -7.88 13.04
CA VAL A 96 -0.84 -7.67 11.99
C VAL A 96 -1.34 -6.66 10.98
N MET A 97 -2.65 -6.64 10.78
CA MET A 97 -3.26 -5.70 9.84
C MET A 97 -3.31 -4.31 10.42
N ASP A 98 -3.52 -4.22 11.74
CA ASP A 98 -3.58 -2.94 12.43
C ASP A 98 -2.18 -2.38 12.66
N ASN A 99 -1.20 -3.27 12.77
CA ASN A 99 0.18 -2.85 12.99
C ASN A 99 0.76 -2.19 11.75
N ILE A 100 0.29 -2.63 10.59
CA ILE A 100 0.75 -2.08 9.32
C ILE A 100 -0.03 -0.83 8.95
N LYS A 101 -1.36 -0.90 9.08
CA LYS A 101 -2.22 0.23 8.76
C LYS A 101 -1.87 1.43 9.61
N MET A 102 -1.55 1.19 10.88
CA MET A 102 -1.20 2.26 11.81
C MET A 102 0.16 2.84 11.46
N THR A 103 1.08 1.97 11.08
CA THR A 103 2.42 2.39 10.71
C THR A 103 2.43 3.00 9.32
N LEU A 104 1.46 2.62 8.51
CA LEU A 104 1.35 3.15 7.16
C LEU A 104 0.69 4.52 7.19
N GLN A 105 -0.17 4.73 8.17
CA GLN A 105 -0.87 6.01 8.32
C GLN A 105 0.09 7.10 8.77
N GLN A 106 1.04 6.73 9.62
CA GLN A 106 2.02 7.68 10.11
C GLN A 106 2.90 8.16 8.97
N ILE A 107 3.24 7.23 8.07
CA ILE A 107 4.07 7.56 6.92
C ILE A 107 3.39 8.65 6.09
N ILE A 108 2.08 8.49 5.89
CA ILE A 108 1.29 9.46 5.15
C ILE A 108 1.49 10.85 5.70
N SER A 109 1.30 10.95 7.01
CA SER A 109 1.45 12.21 7.72
C SER A 109 2.81 12.83 7.47
N ARG A 110 3.81 11.99 7.25
CA ARG A 110 5.16 12.45 7.00
C ARG A 110 5.26 13.10 5.62
N TYR A 111 4.47 12.61 4.68
CA TYR A 111 4.46 13.14 3.33
C TYR A 111 3.82 14.52 3.30
N LYS A 112 2.90 14.76 4.22
CA LYS A 112 2.22 16.03 4.32
C LYS A 112 3.16 17.12 4.79
N ASP A 113 4.09 16.77 5.67
CA ASP A 113 5.06 17.72 6.19
C ASP A 113 5.90 18.31 5.07
N ALA A 114 6.24 17.48 4.10
CA ALA A 114 7.05 17.91 2.97
C ALA A 114 6.35 19.02 2.18
N ASP A 115 5.02 18.95 2.13
CA ASP A 115 4.23 19.94 1.41
C ASP A 115 3.02 20.38 2.25
N PRO A 1 7.58 -4.31 16.48
CA PRO A 1 6.76 -5.32 15.78
C PRO A 1 5.48 -4.71 15.22
N SER A 2 5.60 -3.94 14.14
CA SER A 2 4.44 -3.31 13.51
C SER A 2 4.74 -2.95 12.06
N HIS A 3 5.91 -2.37 11.82
CA HIS A 3 6.31 -1.99 10.48
C HIS A 3 6.34 -3.20 9.55
N SER A 4 6.56 -4.37 10.13
CA SER A 4 6.61 -5.60 9.35
C SER A 4 5.54 -6.58 9.81
N GLY A 5 4.75 -7.07 8.87
CA GLY A 5 3.70 -8.02 9.19
C GLY A 5 3.26 -8.80 7.98
N ALA A 6 2.86 -10.04 8.19
CA ALA A 6 2.42 -10.89 7.08
C ALA A 6 1.18 -10.32 6.41
N ALA A 7 1.17 -10.38 5.08
CA ALA A 7 0.04 -9.87 4.31
C ALA A 7 -0.08 -10.58 2.96
N ILE A 8 -1.31 -10.72 2.48
CA ILE A 8 -1.56 -11.36 1.19
C ILE A 8 -1.70 -10.34 0.08
N PHE A 9 -1.18 -10.69 -1.09
CA PHE A 9 -1.27 -9.83 -2.26
C PHE A 9 -1.43 -10.67 -3.51
N GLU A 10 -2.64 -10.68 -4.07
CA GLU A 10 -2.96 -11.44 -5.27
C GLU A 10 -3.18 -12.92 -4.94
N LYS A 11 -4.00 -13.18 -3.92
CA LYS A 11 -4.32 -14.54 -3.52
C LYS A 11 -3.09 -15.32 -3.04
N VAL A 12 -1.99 -14.61 -2.78
CA VAL A 12 -0.79 -15.24 -2.30
C VAL A 12 -0.36 -14.56 -1.00
N SER A 13 0.07 -15.34 -0.02
CA SER A 13 0.46 -14.79 1.26
C SER A 13 1.97 -14.68 1.39
N GLY A 14 2.41 -13.65 2.09
CA GLY A 14 3.82 -13.42 2.31
C GLY A 14 4.05 -12.39 3.39
N ILE A 15 5.31 -12.10 3.67
CA ILE A 15 5.64 -11.12 4.70
C ILE A 15 5.81 -9.73 4.10
N ILE A 16 5.09 -8.77 4.68
CA ILE A 16 5.12 -7.39 4.22
C ILE A 16 6.00 -6.54 5.13
N ALA A 17 7.07 -5.98 4.56
CA ALA A 17 7.99 -5.14 5.32
C ALA A 17 7.89 -3.70 4.85
N ILE A 18 8.02 -2.76 5.80
CA ILE A 18 7.95 -1.35 5.48
C ILE A 18 9.35 -0.74 5.44
N ASN A 19 9.73 -0.20 4.29
CA ASN A 19 11.04 0.43 4.12
C ASN A 19 10.90 1.94 3.98
N GLU A 20 11.34 2.66 5.01
CA GLU A 20 11.27 4.11 5.00
C GLU A 20 12.67 4.72 4.96
N ASP A 21 13.68 3.88 5.08
CA ASP A 21 15.08 4.34 5.06
C ASP A 21 15.42 5.01 3.73
N VAL A 22 14.62 4.73 2.70
CA VAL A 22 14.84 5.29 1.39
C VAL A 22 13.98 6.54 1.18
N SER A 23 13.82 6.93 -0.07
CA SER A 23 13.02 8.10 -0.42
C SER A 23 12.70 8.13 -1.91
N PRO A 24 11.42 7.96 -2.30
CA PRO A 24 10.32 7.76 -1.35
C PRO A 24 10.33 6.35 -0.73
N ALA A 25 9.81 6.25 0.49
CA ALA A 25 9.74 4.97 1.18
C ALA A 25 9.04 3.92 0.33
N GLU A 26 9.10 2.66 0.76
CA GLU A 26 8.46 1.58 0.01
C GLU A 26 8.16 0.38 0.91
N LEU A 27 7.06 -0.30 0.62
CA LEU A 27 6.66 -1.47 1.40
C LEU A 27 6.93 -2.75 0.61
N THR A 28 7.82 -3.58 1.11
CA THR A 28 8.20 -4.81 0.46
C THR A 28 7.27 -5.97 0.86
N TRP A 29 7.06 -6.88 -0.08
CA TRP A 29 6.22 -8.03 0.15
C TRP A 29 6.91 -9.30 -0.33
N ARG A 30 7.32 -10.14 0.60
CA ARG A 30 7.98 -11.40 0.24
C ARG A 30 7.02 -12.56 0.40
N SER A 31 6.88 -13.37 -0.64
CA SER A 31 5.97 -14.51 -0.60
C SER A 31 6.36 -15.47 0.51
N THR A 32 5.43 -16.32 0.88
CA THR A 32 5.66 -17.30 1.93
C THR A 32 6.79 -18.24 1.52
N ASP A 33 6.89 -18.47 0.22
CA ASP A 33 7.90 -19.35 -0.34
C ASP A 33 9.28 -18.69 -0.29
N GLY A 34 9.28 -17.38 -0.42
CA GLY A 34 10.54 -16.63 -0.39
C GLY A 34 11.21 -16.61 -1.75
N ASP A 35 10.41 -16.76 -2.80
CA ASP A 35 10.93 -16.76 -4.16
C ASP A 35 10.45 -15.53 -4.92
N LYS A 36 9.35 -14.94 -4.46
CA LYS A 36 8.79 -13.76 -5.10
C LYS A 36 8.73 -12.59 -4.12
N VAL A 37 9.29 -11.45 -4.53
CA VAL A 37 9.31 -10.27 -3.69
C VAL A 37 8.72 -9.06 -4.42
N HIS A 38 7.67 -8.49 -3.86
CA HIS A 38 7.02 -7.32 -4.46
C HIS A 38 7.28 -6.07 -3.64
N THR A 39 7.47 -4.97 -4.33
CA THR A 39 7.73 -3.69 -3.68
C THR A 39 6.59 -2.71 -3.94
N VAL A 40 6.16 -2.02 -2.88
CA VAL A 40 5.08 -1.06 -3.00
C VAL A 40 5.55 0.35 -2.65
N VAL A 41 5.07 1.34 -3.40
CA VAL A 41 5.43 2.73 -3.16
C VAL A 41 4.40 3.42 -2.29
N LEU A 42 4.85 3.96 -1.16
CA LEU A 42 3.97 4.64 -0.23
C LEU A 42 3.82 6.13 -0.58
N SER A 43 4.66 6.62 -1.48
CA SER A 43 4.61 8.01 -1.90
C SER A 43 3.51 8.23 -2.93
N THR A 44 3.17 7.17 -3.65
CA THR A 44 2.13 7.24 -4.67
C THR A 44 0.78 6.77 -4.12
N ILE A 45 0.65 6.80 -2.80
CA ILE A 45 -0.59 6.38 -2.14
C ILE A 45 -1.40 7.58 -1.68
N ASP A 46 -2.43 7.92 -2.44
CA ASP A 46 -3.29 9.05 -2.11
C ASP A 46 -3.94 8.85 -0.74
N LYS A 47 -4.10 7.59 -0.35
CA LYS A 47 -4.72 7.28 0.93
C LYS A 47 -4.65 5.77 1.21
N LEU A 48 -4.91 5.39 2.46
CA LEU A 48 -4.88 4.00 2.85
C LEU A 48 -6.20 3.59 3.49
N GLN A 49 -6.82 2.55 2.93
CA GLN A 49 -8.10 2.07 3.45
C GLN A 49 -7.92 0.72 4.15
N ALA A 50 -8.73 0.49 5.17
CA ALA A 50 -8.67 -0.76 5.93
C ALA A 50 -10.07 -1.23 6.32
N THR A 51 -10.23 -2.54 6.46
CA THR A 51 -11.51 -3.13 6.83
C THR A 51 -11.84 -2.84 8.29
N PRO A 52 -13.13 -2.60 8.61
CA PRO A 52 -13.57 -2.32 9.97
C PRO A 52 -13.58 -3.56 10.86
N ALA A 53 -13.66 -3.34 12.17
CA ALA A 53 -13.68 -4.44 13.12
C ALA A 53 -14.98 -5.24 13.03
N SER A 54 -15.96 -4.70 12.33
CA SER A 54 -17.25 -5.38 12.17
C SER A 54 -17.26 -6.28 10.94
N SER A 55 -16.13 -6.30 10.21
CA SER A 55 -16.01 -7.13 9.02
C SER A 55 -15.11 -8.33 9.28
N GLU A 56 -15.70 -9.52 9.22
CA GLU A 56 -14.94 -10.74 9.45
C GLU A 56 -13.79 -10.85 8.46
N LYS A 57 -13.88 -10.10 7.36
CA LYS A 57 -12.84 -10.12 6.35
C LYS A 57 -11.85 -8.97 6.56
N MET A 58 -10.67 -9.29 7.08
CA MET A 58 -9.64 -8.29 7.34
C MET A 58 -8.77 -8.08 6.10
N MET A 59 -8.91 -6.91 5.49
CA MET A 59 -8.14 -6.58 4.29
C MET A 59 -7.79 -5.09 4.26
N LEU A 60 -6.59 -4.79 3.75
CA LEU A 60 -6.14 -3.41 3.66
C LEU A 60 -5.97 -2.99 2.20
N ARG A 61 -6.63 -1.88 1.84
CA ARG A 61 -6.55 -1.38 0.48
C ARG A 61 -5.77 -0.07 0.41
N LEU A 62 -5.00 0.10 -0.65
CA LEU A 62 -4.20 1.31 -0.84
C LEU A 62 -4.56 1.99 -2.15
N ILE A 63 -4.93 3.26 -2.08
CA ILE A 63 -5.29 4.04 -3.26
C ILE A 63 -4.07 4.72 -3.86
N GLY A 64 -3.83 4.48 -5.14
CA GLY A 64 -2.70 5.08 -5.81
C GLY A 64 -2.96 6.53 -6.20
N LYS A 65 -1.89 7.24 -6.55
CA LYS A 65 -2.02 8.64 -6.93
C LYS A 65 -2.80 8.79 -8.24
N VAL A 66 -3.30 9.99 -8.49
CA VAL A 66 -4.08 10.27 -9.69
C VAL A 66 -3.21 10.95 -10.75
N ASP A 67 -3.32 10.47 -11.98
CA ASP A 67 -2.54 11.02 -13.08
C ASP A 67 -3.42 11.23 -14.31
N GLU A 68 -4.64 11.68 -14.09
CA GLU A 68 -5.59 11.92 -15.19
C GLU A 68 -6.18 13.32 -15.08
N SER A 69 -5.35 14.28 -14.69
CA SER A 69 -5.79 15.67 -14.56
C SER A 69 -5.15 16.55 -15.62
N LYS A 70 -3.97 16.14 -16.08
CA LYS A 70 -3.25 16.89 -17.10
C LYS A 70 -2.93 16.02 -18.32
N LYS A 71 -3.35 14.76 -18.27
CA LYS A 71 -3.10 13.84 -19.38
C LYS A 71 -1.61 13.65 -19.61
N ARG A 72 -1.04 12.70 -18.88
CA ARG A 72 0.37 12.39 -19.00
C ARG A 72 0.70 11.95 -20.42
N LYS A 73 1.78 11.22 -20.56
CA LYS A 73 2.22 10.73 -21.86
C LYS A 73 2.91 9.38 -21.73
N ASP A 74 3.42 8.86 -22.83
CA ASP A 74 4.12 7.57 -22.84
C ASP A 74 5.24 7.57 -23.86
N ASN A 75 6.01 6.49 -23.89
CA ASN A 75 7.13 6.38 -24.83
C ASN A 75 6.63 6.40 -26.27
N GLU A 76 5.41 5.94 -26.48
CA GLU A 76 4.82 5.90 -27.81
C GLU A 76 3.47 6.61 -27.83
N GLY A 77 3.36 7.68 -27.06
CA GLY A 77 2.13 8.44 -27.00
C GLY A 77 0.92 7.57 -26.72
N ASN A 78 1.14 6.48 -25.98
CA ASN A 78 0.05 5.57 -25.64
C ASN A 78 -0.51 5.87 -24.26
N GLU A 79 -1.83 5.83 -24.14
CA GLU A 79 -2.50 6.11 -22.88
C GLU A 79 -3.44 4.96 -22.50
N VAL A 80 -3.40 4.57 -21.23
CA VAL A 80 -4.25 3.49 -20.74
C VAL A 80 -4.21 3.40 -19.22
N VAL A 81 -4.61 4.49 -18.57
CA VAL A 81 -4.63 4.54 -17.10
C VAL A 81 -6.00 4.97 -16.58
N PRO A 82 -7.02 4.12 -16.77
CA PRO A 82 -8.38 4.42 -16.32
C PRO A 82 -8.51 4.38 -14.79
N LYS A 83 -8.97 5.49 -14.22
CA LYS A 83 -9.15 5.58 -12.77
C LYS A 83 -7.82 5.34 -12.05
N PRO A 84 -7.74 5.73 -10.76
CA PRO A 84 -6.52 5.56 -9.97
C PRO A 84 -6.25 4.10 -9.64
N GLN A 85 -4.97 3.72 -9.66
CA GLN A 85 -4.59 2.35 -9.36
C GLN A 85 -4.54 2.10 -7.85
N ARG A 86 -5.30 1.12 -7.39
CA ARG A 86 -5.35 0.80 -5.97
C ARG A 86 -4.82 -0.61 -5.71
N HIS A 87 -4.08 -0.76 -4.62
CA HIS A 87 -3.52 -2.06 -4.25
C HIS A 87 -4.34 -2.70 -3.13
N MET A 88 -5.02 -3.80 -3.45
CA MET A 88 -5.85 -4.50 -2.48
C MET A 88 -5.08 -5.66 -1.84
N PHE A 89 -4.96 -5.63 -0.52
CA PHE A 89 -4.24 -6.67 0.21
C PHE A 89 -5.20 -7.49 1.07
N SER A 90 -4.80 -8.71 1.39
CA SER A 90 -5.62 -9.59 2.22
C SER A 90 -4.84 -10.04 3.45
N PHE A 91 -5.35 -9.69 4.63
CA PHE A 91 -4.71 -10.06 5.88
C PHE A 91 -5.35 -11.28 6.51
N ASN A 92 -4.51 -12.15 7.06
CA ASN A 92 -4.98 -13.36 7.72
C ASN A 92 -5.02 -13.16 9.23
N ASN A 93 -4.84 -11.92 9.68
CA ASN A 93 -4.85 -11.62 11.11
C ASN A 93 -5.23 -10.16 11.37
N ARG A 94 -6.19 -9.96 12.25
CA ARG A 94 -6.64 -8.61 12.60
C ARG A 94 -5.54 -7.84 13.32
N THR A 95 -4.67 -8.56 14.01
CA THR A 95 -3.58 -7.95 14.73
C THR A 95 -2.50 -7.49 13.75
N VAL A 96 -2.18 -8.36 12.82
CA VAL A 96 -1.19 -8.06 11.81
C VAL A 96 -1.69 -7.01 10.84
N MET A 97 -2.99 -7.03 10.60
CA MET A 97 -3.61 -6.06 9.69
C MET A 97 -3.80 -4.72 10.40
N ASP A 98 -4.02 -4.77 11.71
CA ASP A 98 -4.21 -3.58 12.50
C ASP A 98 -2.88 -2.94 12.86
N ASN A 99 -1.84 -3.76 12.90
CA ASN A 99 -0.49 -3.29 13.22
C ASN A 99 0.11 -2.53 12.05
N ILE A 100 -0.30 -2.91 10.85
CA ILE A 100 0.19 -2.27 9.63
C ILE A 100 -0.63 -1.02 9.28
N LYS A 101 -1.95 -1.13 9.45
CA LYS A 101 -2.84 -0.02 9.15
C LYS A 101 -2.44 1.24 9.90
N MET A 102 -1.94 1.08 11.13
CA MET A 102 -1.53 2.20 11.96
C MET A 102 -0.17 2.73 11.54
N THR A 103 0.78 1.82 11.37
CA THR A 103 2.13 2.19 10.98
C THR A 103 2.12 2.85 9.61
N LEU A 104 1.31 2.32 8.70
CA LEU A 104 1.21 2.86 7.36
C LEU A 104 0.61 4.26 7.39
N GLN A 105 -0.29 4.49 8.34
CA GLN A 105 -0.92 5.79 8.48
C GLN A 105 0.09 6.85 8.90
N GLN A 106 1.08 6.44 9.68
CA GLN A 106 2.10 7.35 10.14
C GLN A 106 2.94 7.84 8.97
N ILE A 107 3.25 6.93 8.05
CA ILE A 107 4.03 7.28 6.88
C ILE A 107 3.31 8.38 6.09
N ILE A 108 2.00 8.23 5.95
CA ILE A 108 1.18 9.21 5.25
C ILE A 108 1.41 10.59 5.82
N SER A 109 1.29 10.68 7.12
CA SER A 109 1.48 11.92 7.85
C SER A 109 2.83 12.55 7.52
N ARG A 110 3.82 11.70 7.34
CA ARG A 110 5.17 12.15 7.01
C ARG A 110 5.21 12.79 5.64
N TYR A 111 4.36 12.31 4.74
CA TYR A 111 4.31 12.84 3.39
C TYR A 111 3.67 14.22 3.38
N LYS A 112 2.78 14.45 4.35
CA LYS A 112 2.10 15.72 4.46
C LYS A 112 3.07 16.82 4.91
N ASP A 113 4.03 16.44 5.74
CA ASP A 113 5.02 17.40 6.23
C ASP A 113 5.80 18.02 5.08
N ALA A 114 6.08 17.22 4.06
CA ALA A 114 6.82 17.70 2.90
C ALA A 114 6.07 18.83 2.20
N ASP A 115 4.75 18.77 2.25
CA ASP A 115 3.91 19.79 1.62
C ASP A 115 3.84 21.04 2.48
N PRO A 1 6.48 -6.78 16.01
CA PRO A 1 6.02 -6.79 14.60
C PRO A 1 5.15 -5.58 14.28
N SER A 2 5.81 -4.49 13.87
CA SER A 2 5.10 -3.26 13.53
C SER A 2 5.30 -2.91 12.06
N HIS A 3 6.47 -2.40 11.73
CA HIS A 3 6.80 -2.02 10.36
C HIS A 3 6.73 -3.22 9.43
N SER A 4 6.91 -4.41 9.99
CA SER A 4 6.86 -5.64 9.20
C SER A 4 5.79 -6.59 9.74
N GLY A 5 4.97 -7.09 8.83
CA GLY A 5 3.91 -8.00 9.20
C GLY A 5 3.40 -8.80 8.01
N ALA A 6 2.96 -10.03 8.27
CA ALA A 6 2.46 -10.87 7.20
C ALA A 6 1.21 -10.28 6.55
N ALA A 7 1.16 -10.37 5.23
CA ALA A 7 0.02 -9.84 4.48
C ALA A 7 -0.11 -10.52 3.11
N ILE A 8 -1.35 -10.64 2.63
CA ILE A 8 -1.61 -11.27 1.34
C ILE A 8 -1.75 -10.23 0.25
N PHE A 9 -1.26 -10.57 -0.93
CA PHE A 9 -1.35 -9.69 -2.08
C PHE A 9 -1.58 -10.51 -3.35
N GLU A 10 -2.81 -10.45 -3.86
CA GLU A 10 -3.18 -11.18 -5.07
C GLU A 10 -3.41 -12.67 -4.77
N LYS A 11 -4.23 -12.94 -3.75
CA LYS A 11 -4.56 -14.31 -3.38
C LYS A 11 -3.34 -15.11 -2.95
N VAL A 12 -2.22 -14.44 -2.70
CA VAL A 12 -1.01 -15.11 -2.27
C VAL A 12 -0.55 -14.47 -0.97
N SER A 13 -0.09 -15.28 -0.03
CA SER A 13 0.35 -14.76 1.26
C SER A 13 1.86 -14.66 1.35
N GLY A 14 2.30 -13.65 2.07
CA GLY A 14 3.72 -13.41 2.25
C GLY A 14 3.97 -12.41 3.36
N ILE A 15 5.23 -12.11 3.63
CA ILE A 15 5.56 -11.15 4.67
C ILE A 15 5.74 -9.76 4.10
N ILE A 16 5.07 -8.80 4.72
CA ILE A 16 5.11 -7.42 4.30
C ILE A 16 6.04 -6.59 5.20
N ALA A 17 7.03 -5.96 4.59
CA ALA A 17 7.98 -5.14 5.33
C ALA A 17 7.97 -3.71 4.81
N ILE A 18 8.12 -2.76 5.73
CA ILE A 18 8.13 -1.35 5.36
C ILE A 18 9.56 -0.82 5.31
N ASN A 19 10.03 -0.51 4.11
CA ASN A 19 11.37 0.01 3.93
C ASN A 19 11.37 1.54 3.93
N GLU A 20 11.92 2.12 4.99
CA GLU A 20 11.97 3.57 5.11
C GLU A 20 13.40 4.07 4.92
N ASP A 21 14.35 3.13 4.82
CA ASP A 21 15.75 3.47 4.63
C ASP A 21 15.95 4.30 3.37
N VAL A 22 15.00 4.20 2.45
CA VAL A 22 15.07 4.93 1.20
C VAL A 22 14.25 6.22 1.28
N SER A 23 13.92 6.78 0.13
CA SER A 23 13.13 8.01 0.08
C SER A 23 12.64 8.29 -1.34
N PRO A 24 11.31 8.23 -1.56
CA PRO A 24 10.33 7.93 -0.52
C PRO A 24 10.37 6.46 -0.08
N ALA A 25 9.96 6.20 1.16
CA ALA A 25 9.97 4.84 1.70
C ALA A 25 9.18 3.90 0.77
N GLU A 26 9.23 2.60 1.06
CA GLU A 26 8.52 1.62 0.24
C GLU A 26 7.98 0.48 1.08
N LEU A 27 7.02 -0.25 0.53
CA LEU A 27 6.40 -1.38 1.22
C LEU A 27 6.71 -2.68 0.47
N THR A 28 7.59 -3.49 1.04
CA THR A 28 7.99 -4.73 0.43
C THR A 28 7.08 -5.90 0.83
N TRP A 29 6.89 -6.82 -0.11
CA TRP A 29 6.07 -7.99 0.12
C TRP A 29 6.76 -9.25 -0.36
N ARG A 30 7.19 -10.10 0.56
CA ARG A 30 7.86 -11.33 0.19
C ARG A 30 6.89 -12.51 0.34
N SER A 31 6.77 -13.32 -0.72
CA SER A 31 5.87 -14.46 -0.69
C SER A 31 6.26 -15.43 0.41
N THR A 32 5.31 -16.29 0.78
CA THR A 32 5.54 -17.28 1.80
C THR A 32 6.65 -18.23 1.37
N ASP A 33 6.74 -18.44 0.07
CA ASP A 33 7.74 -19.32 -0.51
C ASP A 33 9.13 -18.69 -0.42
N GLY A 34 9.17 -17.38 -0.51
CA GLY A 34 10.44 -16.66 -0.46
C GLY A 34 11.13 -16.62 -1.80
N ASP A 35 10.33 -16.75 -2.86
CA ASP A 35 10.87 -16.73 -4.22
C ASP A 35 10.38 -15.51 -4.98
N LYS A 36 9.28 -14.91 -4.51
CA LYS A 36 8.72 -13.72 -5.15
C LYS A 36 8.61 -12.58 -4.16
N VAL A 37 9.15 -11.43 -4.53
CA VAL A 37 9.11 -10.25 -3.67
C VAL A 37 8.56 -9.04 -4.42
N HIS A 38 7.51 -8.44 -3.87
CA HIS A 38 6.90 -7.26 -4.48
C HIS A 38 7.19 -6.01 -3.67
N THR A 39 7.41 -4.92 -4.38
CA THR A 39 7.71 -3.64 -3.74
C THR A 39 6.65 -2.60 -4.11
N VAL A 40 6.19 -1.86 -3.11
CA VAL A 40 5.17 -0.83 -3.33
C VAL A 40 5.67 0.54 -2.88
N VAL A 41 5.31 1.57 -3.64
CA VAL A 41 5.70 2.93 -3.31
C VAL A 41 4.61 3.62 -2.49
N LEU A 42 4.96 4.00 -1.27
CA LEU A 42 4.01 4.66 -0.38
C LEU A 42 3.82 6.14 -0.75
N SER A 43 4.68 6.65 -1.63
CA SER A 43 4.59 8.03 -2.06
C SER A 43 3.46 8.21 -3.08
N THR A 44 3.11 7.12 -3.76
CA THR A 44 2.05 7.17 -4.75
C THR A 44 0.71 6.70 -4.15
N ILE A 45 0.59 6.82 -2.82
CA ILE A 45 -0.62 6.39 -2.14
C ILE A 45 -1.46 7.59 -1.73
N ASP A 46 -2.49 7.88 -2.52
CA ASP A 46 -3.39 9.00 -2.24
C ASP A 46 -4.04 8.84 -0.88
N LYS A 47 -4.21 7.59 -0.44
CA LYS A 47 -4.83 7.32 0.84
C LYS A 47 -4.81 5.82 1.14
N LEU A 48 -5.07 5.48 2.40
CA LEU A 48 -5.09 4.08 2.82
C LEU A 48 -6.39 3.75 3.56
N GLN A 49 -7.03 2.66 3.15
CA GLN A 49 -8.28 2.24 3.77
C GLN A 49 -8.14 0.85 4.40
N ALA A 50 -9.07 0.52 5.30
CA ALA A 50 -9.05 -0.77 5.97
C ALA A 50 -10.47 -1.31 6.15
N THR A 51 -10.58 -2.63 6.25
CA THR A 51 -11.88 -3.28 6.43
C THR A 51 -12.44 -3.00 7.82
N PRO A 52 -13.77 -2.91 7.95
CA PRO A 52 -14.43 -2.66 9.23
C PRO A 52 -14.35 -3.85 10.18
N ALA A 53 -14.57 -3.59 11.46
CA ALA A 53 -14.52 -4.65 12.47
C ALA A 53 -15.70 -5.62 12.34
N SER A 54 -16.68 -5.25 11.52
CA SER A 54 -17.86 -6.09 11.31
C SER A 54 -17.65 -7.05 10.14
N SER A 55 -16.47 -6.98 9.51
CA SER A 55 -16.15 -7.86 8.39
C SER A 55 -15.20 -8.96 8.83
N GLU A 56 -15.69 -10.19 8.81
CA GLU A 56 -14.87 -11.33 9.19
C GLU A 56 -13.61 -11.41 8.33
N LYS A 57 -13.65 -10.74 7.18
CA LYS A 57 -12.51 -10.73 6.27
C LYS A 57 -11.63 -9.49 6.49
N MET A 58 -10.39 -9.72 6.89
CA MET A 58 -9.47 -8.62 7.15
C MET A 58 -8.67 -8.30 5.89
N MET A 59 -8.81 -7.06 5.42
CA MET A 59 -8.09 -6.62 4.22
C MET A 59 -7.83 -5.11 4.26
N LEU A 60 -6.69 -4.70 3.70
CA LEU A 60 -6.32 -3.30 3.67
C LEU A 60 -6.27 -2.79 2.23
N ARG A 61 -6.88 -1.63 2.01
CA ARG A 61 -6.92 -1.03 0.67
C ARG A 61 -5.92 0.10 0.55
N LEU A 62 -5.34 0.24 -0.65
CA LEU A 62 -4.37 1.29 -0.91
C LEU A 62 -4.76 2.10 -2.14
N ILE A 63 -5.02 3.38 -1.94
CA ILE A 63 -5.42 4.26 -3.04
C ILE A 63 -4.21 4.89 -3.71
N GLY A 64 -4.10 4.72 -5.02
CA GLY A 64 -2.99 5.28 -5.76
C GLY A 64 -3.16 6.78 -5.99
N LYS A 65 -2.05 7.48 -6.18
CA LYS A 65 -2.07 8.92 -6.41
C LYS A 65 -2.98 9.27 -7.58
N VAL A 66 -3.57 10.45 -7.53
CA VAL A 66 -4.46 10.92 -8.58
C VAL A 66 -4.14 12.35 -8.99
N ASP A 67 -3.93 13.21 -8.00
CA ASP A 67 -3.62 14.61 -8.26
C ASP A 67 -2.25 14.76 -8.93
N GLU A 68 -2.25 15.29 -10.15
CA GLU A 68 -1.01 15.49 -10.89
C GLU A 68 -0.76 16.96 -11.18
N SER A 69 -1.06 17.80 -10.19
CA SER A 69 -0.88 19.24 -10.32
C SER A 69 0.57 19.58 -10.67
N LYS A 70 1.48 18.69 -10.31
CA LYS A 70 2.91 18.89 -10.58
C LYS A 70 3.15 19.04 -12.08
N LYS A 71 2.46 18.22 -12.87
CA LYS A 71 2.62 18.26 -14.32
C LYS A 71 1.63 19.25 -14.94
N ARG A 72 2.13 20.07 -15.85
CA ARG A 72 1.29 21.06 -16.53
C ARG A 72 0.36 20.39 -17.53
N LYS A 73 -0.92 20.73 -17.46
CA LYS A 73 -1.91 20.16 -18.35
C LYS A 73 -2.00 20.95 -19.65
N ASP A 74 -2.26 20.25 -20.75
CA ASP A 74 -2.38 20.89 -22.06
C ASP A 74 -3.62 21.76 -22.15
N ASN A 75 -4.62 21.42 -21.34
CA ASN A 75 -5.88 22.15 -21.32
C ASN A 75 -6.77 21.81 -22.52
N GLU A 76 -6.28 20.92 -23.38
CA GLU A 76 -7.04 20.51 -24.57
C GLU A 76 -7.65 19.13 -24.36
N GLY A 77 -8.11 18.86 -23.16
CA GLY A 77 -8.73 17.58 -22.86
C GLY A 77 -7.76 16.42 -23.05
N ASN A 78 -6.47 16.70 -22.95
CA ASN A 78 -5.45 15.67 -23.12
C ASN A 78 -5.62 14.56 -22.09
N GLU A 79 -6.04 14.93 -20.89
CA GLU A 79 -6.25 13.97 -19.81
C GLU A 79 -7.40 14.40 -18.91
N VAL A 80 -8.59 13.88 -19.20
CA VAL A 80 -9.78 14.21 -18.42
C VAL A 80 -9.69 13.62 -17.02
N VAL A 81 -9.13 12.42 -16.92
CA VAL A 81 -8.99 11.74 -15.64
C VAL A 81 -7.79 10.79 -15.65
N PRO A 82 -6.98 10.79 -14.57
CA PRO A 82 -5.81 9.92 -14.47
C PRO A 82 -6.19 8.46 -14.25
N LYS A 83 -5.19 7.64 -13.94
CA LYS A 83 -5.42 6.22 -13.69
C LYS A 83 -4.91 5.81 -12.32
N PRO A 84 -5.65 6.16 -11.25
CA PRO A 84 -5.26 5.82 -9.88
C PRO A 84 -5.03 4.32 -9.70
N GLN A 85 -3.87 3.98 -9.14
CA GLN A 85 -3.52 2.59 -8.90
C GLN A 85 -3.99 2.14 -7.52
N ARG A 86 -4.90 1.17 -7.49
CA ARG A 86 -5.43 0.65 -6.23
C ARG A 86 -4.83 -0.70 -5.90
N HIS A 87 -4.43 -0.87 -4.64
CA HIS A 87 -3.84 -2.13 -4.18
C HIS A 87 -4.62 -2.68 -2.99
N MET A 88 -5.23 -3.84 -3.18
CA MET A 88 -6.01 -4.48 -2.13
C MET A 88 -5.22 -5.62 -1.47
N PHE A 89 -4.95 -5.47 -0.17
CA PHE A 89 -4.22 -6.48 0.58
C PHE A 89 -5.15 -7.27 1.48
N SER A 90 -4.80 -8.53 1.72
CA SER A 90 -5.61 -9.40 2.58
C SER A 90 -4.81 -9.82 3.80
N PHE A 91 -5.38 -9.59 4.98
CA PHE A 91 -4.70 -9.94 6.23
C PHE A 91 -5.33 -11.13 6.90
N ASN A 92 -4.49 -12.00 7.45
CA ASN A 92 -4.95 -13.18 8.16
C ASN A 92 -4.88 -12.94 9.67
N ASN A 93 -4.62 -11.69 10.07
CA ASN A 93 -4.52 -11.35 11.47
C ASN A 93 -4.87 -9.89 11.72
N ARG A 94 -5.82 -9.65 12.62
CA ARG A 94 -6.24 -8.29 12.94
C ARG A 94 -5.08 -7.53 13.58
N THR A 95 -4.35 -8.19 14.47
CA THR A 95 -3.23 -7.58 15.14
C THR A 95 -2.14 -7.20 14.14
N VAL A 96 -1.91 -8.08 13.19
CA VAL A 96 -0.90 -7.85 12.17
C VAL A 96 -1.34 -6.74 11.23
N MET A 97 -2.63 -6.70 10.94
CA MET A 97 -3.18 -5.68 10.07
C MET A 97 -3.22 -4.34 10.79
N ASP A 98 -3.48 -4.38 12.10
CA ASP A 98 -3.54 -3.17 12.90
C ASP A 98 -2.14 -2.60 13.11
N ASN A 99 -1.16 -3.49 13.16
CA ASN A 99 0.23 -3.09 13.35
C ASN A 99 0.75 -2.39 12.11
N ILE A 100 0.29 -2.85 10.96
CA ILE A 100 0.70 -2.28 9.68
C ILE A 100 -0.17 -1.08 9.31
N LYS A 101 -1.48 -1.23 9.51
CA LYS A 101 -2.42 -0.17 9.20
C LYS A 101 -2.05 1.14 9.90
N MET A 102 -1.81 1.04 11.21
CA MET A 102 -1.45 2.21 12.00
C MET A 102 -0.09 2.75 11.59
N THR A 103 0.79 1.85 11.21
CA THR A 103 2.14 2.22 10.79
C THR A 103 2.09 2.86 9.40
N LEU A 104 1.20 2.36 8.56
CA LEU A 104 1.05 2.89 7.21
C LEU A 104 0.46 4.30 7.26
N GLN A 105 -0.43 4.53 8.22
CA GLN A 105 -1.05 5.84 8.37
C GLN A 105 -0.03 6.89 8.78
N GLN A 106 0.94 6.46 9.57
CA GLN A 106 1.99 7.37 10.03
C GLN A 106 2.83 7.83 8.85
N ILE A 107 3.13 6.90 7.94
CA ILE A 107 3.90 7.23 6.76
C ILE A 107 3.22 8.34 5.98
N ILE A 108 1.90 8.20 5.82
CA ILE A 108 1.11 9.19 5.11
C ILE A 108 1.38 10.57 5.66
N SER A 109 1.25 10.67 6.97
CA SER A 109 1.47 11.92 7.68
C SER A 109 2.82 12.52 7.33
N ARG A 110 3.77 11.66 6.99
CA ARG A 110 5.12 12.10 6.63
C ARG A 110 5.12 12.82 5.29
N TYR A 111 4.26 12.35 4.40
CA TYR A 111 4.15 12.96 3.07
C TYR A 111 3.48 14.33 3.15
N LYS A 112 2.64 14.50 4.17
CA LYS A 112 1.94 15.76 4.38
C LYS A 112 2.91 16.83 4.87
N ASP A 113 3.89 16.43 5.66
CA ASP A 113 4.87 17.36 6.20
C ASP A 113 5.66 18.03 5.07
N ALA A 114 5.98 17.24 4.04
CA ALA A 114 6.73 17.75 2.90
C ALA A 114 5.96 18.85 2.18
N ASP A 115 4.64 18.72 2.17
CA ASP A 115 3.78 19.70 1.51
C ASP A 115 3.35 20.80 2.49
N PRO A 1 8.13 -6.15 15.68
CA PRO A 1 7.97 -6.10 14.21
C PRO A 1 6.75 -5.28 13.80
N SER A 2 6.58 -4.12 14.44
CA SER A 2 5.46 -3.24 14.14
C SER A 2 5.50 -2.79 12.68
N HIS A 3 6.70 -2.70 12.12
CA HIS A 3 6.87 -2.29 10.74
C HIS A 3 7.02 -3.49 9.81
N SER A 4 6.46 -4.62 10.22
CA SER A 4 6.55 -5.84 9.42
C SER A 4 5.52 -6.87 9.89
N GLY A 5 4.71 -7.34 8.95
CA GLY A 5 3.70 -8.34 9.28
C GLY A 5 3.24 -9.09 8.05
N ALA A 6 2.76 -10.31 8.24
CA ALA A 6 2.30 -11.13 7.13
C ALA A 6 1.06 -10.53 6.48
N ALA A 7 1.02 -10.58 5.16
CA ALA A 7 -0.12 -10.04 4.41
C ALA A 7 -0.23 -10.67 3.02
N ILE A 8 -1.45 -10.79 2.53
CA ILE A 8 -1.70 -11.37 1.21
C ILE A 8 -1.83 -10.29 0.15
N PHE A 9 -1.32 -10.58 -1.03
CA PHE A 9 -1.39 -9.66 -2.16
C PHE A 9 -1.57 -10.42 -3.46
N GLU A 10 -2.78 -10.38 -4.00
CA GLU A 10 -3.12 -11.07 -5.24
C GLU A 10 -3.33 -12.56 -5.00
N LYS A 11 -4.16 -12.89 -4.01
CA LYS A 11 -4.47 -14.27 -3.69
C LYS A 11 -3.22 -15.07 -3.28
N VAL A 12 -2.14 -14.37 -2.97
CA VAL A 12 -0.92 -15.02 -2.55
C VAL A 12 -0.48 -14.42 -1.22
N SER A 13 0.01 -15.26 -0.33
CA SER A 13 0.43 -14.79 0.99
C SER A 13 1.93 -14.58 1.06
N GLY A 14 2.33 -13.65 1.91
CA GLY A 14 3.73 -13.34 2.09
C GLY A 14 3.95 -12.38 3.25
N ILE A 15 5.20 -12.13 3.59
CA ILE A 15 5.53 -11.24 4.68
C ILE A 15 5.68 -9.81 4.18
N ILE A 16 4.94 -8.90 4.81
CA ILE A 16 4.95 -7.50 4.44
C ILE A 16 5.82 -6.69 5.40
N ALA A 17 6.82 -6.01 4.85
CA ALA A 17 7.71 -5.19 5.66
C ALA A 17 7.70 -3.75 5.15
N ILE A 18 7.76 -2.81 6.09
CA ILE A 18 7.76 -1.40 5.75
C ILE A 18 9.14 -0.79 5.95
N ASN A 19 9.81 -0.45 4.86
CA ASN A 19 11.13 0.14 4.93
C ASN A 19 11.06 1.63 4.67
N GLU A 20 11.29 2.43 5.72
CA GLU A 20 11.24 3.88 5.60
C GLU A 20 12.63 4.46 5.29
N ASP A 21 13.66 3.64 5.47
CA ASP A 21 15.03 4.08 5.21
C ASP A 21 15.15 4.61 3.78
N VAL A 22 14.24 4.16 2.91
CA VAL A 22 14.24 4.57 1.53
C VAL A 22 13.53 5.91 1.36
N SER A 23 13.88 6.64 0.31
CA SER A 23 13.26 7.93 0.04
C SER A 23 12.93 8.08 -1.44
N PRO A 24 11.64 8.02 -1.81
CA PRO A 24 10.54 7.83 -0.87
C PRO A 24 10.47 6.42 -0.31
N ALA A 25 10.01 6.29 0.93
CA ALA A 25 9.90 4.99 1.58
C ALA A 25 9.07 4.02 0.73
N GLU A 26 9.02 2.76 1.13
CA GLU A 26 8.26 1.76 0.39
C GLU A 26 7.87 0.58 1.29
N LEU A 27 6.86 -0.17 0.83
CA LEU A 27 6.36 -1.34 1.57
C LEU A 27 6.68 -2.61 0.79
N THR A 28 7.54 -3.46 1.37
CA THR A 28 7.94 -4.69 0.74
C THR A 28 7.03 -5.86 1.10
N TRP A 29 6.85 -6.76 0.14
CA TRP A 29 6.03 -7.94 0.33
C TRP A 29 6.74 -9.18 -0.20
N ARG A 30 7.16 -10.05 0.70
CA ARG A 30 7.84 -11.28 0.30
C ARG A 30 6.89 -12.46 0.36
N SER A 31 6.74 -13.18 -0.74
CA SER A 31 5.84 -14.32 -0.79
C SER A 31 6.21 -15.35 0.27
N THR A 32 5.22 -16.13 0.68
CA THR A 32 5.42 -17.16 1.67
C THR A 32 6.48 -18.14 1.19
N ASP A 33 6.54 -18.30 -0.12
CA ASP A 33 7.51 -19.21 -0.74
C ASP A 33 8.91 -18.65 -0.65
N GLY A 34 9.01 -17.33 -0.69
CA GLY A 34 10.31 -16.68 -0.63
C GLY A 34 10.98 -16.62 -1.98
N ASP A 35 10.18 -16.65 -3.03
CA ASP A 35 10.69 -16.61 -4.39
C ASP A 35 10.24 -15.32 -5.10
N LYS A 36 9.22 -14.68 -4.57
CA LYS A 36 8.70 -13.45 -5.17
C LYS A 36 8.65 -12.33 -4.13
N VAL A 37 9.14 -11.16 -4.51
CA VAL A 37 9.14 -10.01 -3.62
C VAL A 37 8.55 -8.79 -4.29
N HIS A 38 7.49 -8.24 -3.71
CA HIS A 38 6.82 -7.07 -4.25
C HIS A 38 7.08 -5.84 -3.37
N THR A 39 7.26 -4.71 -4.02
CA THR A 39 7.51 -3.45 -3.31
C THR A 39 6.46 -2.42 -3.67
N VAL A 40 5.92 -1.75 -2.66
CA VAL A 40 4.90 -0.73 -2.86
C VAL A 40 5.42 0.65 -2.49
N VAL A 41 5.18 1.63 -3.36
CA VAL A 41 5.63 3.00 -3.11
C VAL A 41 4.60 3.75 -2.30
N LEU A 42 4.97 4.10 -1.06
CA LEU A 42 4.06 4.82 -0.17
C LEU A 42 3.89 6.27 -0.59
N SER A 43 4.73 6.74 -1.52
CA SER A 43 4.64 8.11 -1.99
C SER A 43 3.50 8.26 -3.00
N THR A 44 3.17 7.17 -3.68
CA THR A 44 2.09 7.20 -4.67
C THR A 44 0.74 6.94 -4.01
N ILE A 45 0.76 6.32 -2.84
CA ILE A 45 -0.46 6.01 -2.11
C ILE A 45 -1.20 7.28 -1.72
N ASP A 46 -2.15 7.69 -2.56
CA ASP A 46 -2.93 8.89 -2.30
C ASP A 46 -3.75 8.74 -1.02
N LYS A 47 -4.13 7.50 -0.71
CA LYS A 47 -4.90 7.22 0.49
C LYS A 47 -4.82 5.74 0.85
N LEU A 48 -5.21 5.41 2.08
CA LEU A 48 -5.18 4.03 2.54
C LEU A 48 -6.54 3.62 3.12
N GLN A 49 -6.98 2.43 2.75
CA GLN A 49 -8.27 1.92 3.22
C GLN A 49 -8.10 0.56 3.91
N ALA A 50 -8.90 0.33 4.95
CA ALA A 50 -8.83 -0.92 5.68
C ALA A 50 -10.22 -1.46 6.00
N THR A 51 -10.29 -2.76 6.30
CA THR A 51 -11.57 -3.39 6.61
C THR A 51 -12.10 -2.91 7.96
N PRO A 52 -13.43 -2.82 8.10
CA PRO A 52 -14.08 -2.37 9.35
C PRO A 52 -13.90 -3.39 10.48
N ALA A 53 -13.95 -2.89 11.71
CA ALA A 53 -13.80 -3.75 12.88
C ALA A 53 -14.97 -4.74 12.99
N SER A 54 -16.05 -4.45 12.28
CA SER A 54 -17.23 -5.33 12.31
C SER A 54 -17.14 -6.40 11.22
N SER A 55 -16.06 -6.38 10.43
CA SER A 55 -15.88 -7.35 9.36
C SER A 55 -14.79 -8.36 9.74
N GLU A 56 -15.20 -9.60 9.92
CA GLU A 56 -14.26 -10.67 10.26
C GLU A 56 -13.17 -10.79 9.22
N LYS A 57 -13.42 -10.24 8.03
CA LYS A 57 -12.45 -10.28 6.94
C LYS A 57 -11.48 -9.11 7.03
N MET A 58 -10.20 -9.44 7.23
CA MET A 58 -9.17 -8.42 7.34
C MET A 58 -8.50 -8.17 5.99
N MET A 59 -8.71 -6.97 5.44
CA MET A 59 -8.13 -6.61 4.16
C MET A 59 -7.88 -5.11 4.07
N LEU A 60 -6.69 -4.73 3.61
CA LEU A 60 -6.34 -3.33 3.48
C LEU A 60 -6.12 -2.95 2.02
N ARG A 61 -6.80 -1.89 1.57
CA ARG A 61 -6.68 -1.43 0.19
C ARG A 61 -5.91 -0.13 0.11
N LEU A 62 -5.03 -0.02 -0.88
CA LEU A 62 -4.22 1.17 -1.06
C LEU A 62 -4.49 1.81 -2.42
N ILE A 63 -4.79 3.10 -2.42
CA ILE A 63 -5.07 3.83 -3.65
C ILE A 63 -3.91 4.72 -4.04
N GLY A 64 -3.58 4.73 -5.33
CA GLY A 64 -2.48 5.54 -5.82
C GLY A 64 -2.95 6.92 -6.27
N LYS A 65 -2.00 7.83 -6.41
CA LYS A 65 -2.31 9.20 -6.85
C LYS A 65 -2.53 9.26 -8.35
N VAL A 66 -2.88 10.44 -8.84
CA VAL A 66 -3.12 10.66 -10.25
C VAL A 66 -2.31 11.84 -10.78
N ASP A 67 -1.63 11.64 -11.90
CA ASP A 67 -0.82 12.69 -12.49
C ASP A 67 -0.21 12.24 -13.82
N GLU A 68 -1.01 11.53 -14.61
CA GLU A 68 -0.54 11.03 -15.91
C GLU A 68 -1.61 11.23 -16.98
N SER A 69 -2.30 12.36 -16.91
CA SER A 69 -3.35 12.68 -17.87
C SER A 69 -2.76 13.29 -19.14
N LYS A 70 -1.60 13.91 -19.00
CA LYS A 70 -0.92 14.54 -20.13
C LYS A 70 -0.22 13.50 -20.99
N LYS A 71 0.33 12.48 -20.34
CA LYS A 71 1.04 11.41 -21.04
C LYS A 71 0.10 10.26 -21.36
N ARG A 72 0.00 9.94 -22.65
CA ARG A 72 -0.87 8.85 -23.08
C ARG A 72 -0.15 7.98 -24.11
N LYS A 73 -0.20 6.66 -23.89
CA LYS A 73 0.44 5.72 -24.80
C LYS A 73 -0.61 4.93 -25.59
N ASP A 74 -0.15 4.20 -26.61
CA ASP A 74 -1.04 3.41 -27.44
C ASP A 74 -0.27 2.67 -28.53
N ASN A 75 0.75 3.33 -29.05
CA ASN A 75 1.59 2.75 -30.10
C ASN A 75 2.23 1.45 -29.64
N GLU A 76 2.32 1.28 -28.32
CA GLU A 76 2.92 0.07 -27.75
C GLU A 76 1.84 -0.94 -27.37
N GLY A 77 0.81 -1.04 -28.20
CA GLY A 77 -0.27 -1.96 -27.93
C GLY A 77 -0.97 -1.68 -26.61
N ASN A 78 -1.09 -0.40 -26.27
CA ASN A 78 -1.74 0.00 -25.03
C ASN A 78 -3.10 0.62 -25.31
N GLU A 79 -4.16 -0.18 -25.18
CA GLU A 79 -5.52 0.29 -25.43
C GLU A 79 -5.97 1.25 -24.33
N VAL A 80 -5.51 0.99 -23.11
CA VAL A 80 -5.87 1.84 -21.98
C VAL A 80 -4.64 2.15 -21.12
N VAL A 81 -4.57 3.39 -20.63
CA VAL A 81 -3.45 3.81 -19.79
C VAL A 81 -3.95 4.53 -18.54
N PRO A 82 -4.44 3.76 -17.55
CA PRO A 82 -4.95 4.32 -16.29
C PRO A 82 -3.83 4.93 -15.44
N LYS A 83 -4.04 6.17 -15.01
CA LYS A 83 -3.05 6.86 -14.19
C LYS A 83 -3.09 6.36 -12.74
N PRO A 84 -4.29 6.31 -12.11
CA PRO A 84 -4.44 5.84 -10.73
C PRO A 84 -4.38 4.33 -10.62
N GLN A 85 -3.71 3.85 -9.59
CA GLN A 85 -3.58 2.41 -9.35
C GLN A 85 -4.10 2.04 -7.97
N ARG A 86 -4.75 0.89 -7.88
CA ARG A 86 -5.30 0.42 -6.62
C ARG A 86 -4.67 -0.92 -6.21
N HIS A 87 -4.30 -1.03 -4.94
CA HIS A 87 -3.69 -2.25 -4.42
C HIS A 87 -4.52 -2.83 -3.29
N MET A 88 -5.16 -3.96 -3.56
CA MET A 88 -5.99 -4.63 -2.56
C MET A 88 -5.21 -5.74 -1.86
N PHE A 89 -5.10 -5.64 -0.54
CA PHE A 89 -4.38 -6.63 0.24
C PHE A 89 -5.32 -7.43 1.13
N SER A 90 -4.90 -8.63 1.50
CA SER A 90 -5.70 -9.50 2.36
C SER A 90 -4.89 -9.92 3.59
N PHE A 91 -5.33 -9.52 4.76
CA PHE A 91 -4.64 -9.85 6.00
C PHE A 91 -5.26 -11.06 6.69
N ASN A 92 -4.40 -11.98 7.09
CA ASN A 92 -4.84 -13.17 7.79
C ASN A 92 -4.78 -12.97 9.29
N ASN A 93 -4.51 -11.74 9.72
CA ASN A 93 -4.42 -11.42 11.13
C ASN A 93 -4.85 -9.99 11.42
N ARG A 94 -5.79 -9.83 12.34
CA ARG A 94 -6.29 -8.51 12.71
C ARG A 94 -5.18 -7.66 13.31
N THR A 95 -4.44 -8.24 14.25
CA THR A 95 -3.35 -7.56 14.90
C THR A 95 -2.25 -7.24 13.90
N VAL A 96 -2.07 -8.14 12.95
CA VAL A 96 -1.05 -7.97 11.93
C VAL A 96 -1.43 -6.84 10.97
N MET A 97 -2.72 -6.75 10.66
CA MET A 97 -3.19 -5.72 9.76
C MET A 97 -3.19 -4.35 10.45
N ASP A 98 -3.45 -4.36 11.76
CA ASP A 98 -3.48 -3.13 12.52
C ASP A 98 -2.07 -2.65 12.83
N ASN A 99 -1.13 -3.60 12.91
CA ASN A 99 0.25 -3.28 13.19
C ASN A 99 0.90 -2.59 11.99
N ILE A 100 0.48 -3.00 10.81
CA ILE A 100 1.00 -2.45 9.57
C ILE A 100 0.23 -1.18 9.17
N LYS A 101 -1.09 -1.27 9.26
CA LYS A 101 -1.94 -0.13 8.91
C LYS A 101 -1.61 1.09 9.77
N MET A 102 -1.42 0.85 11.06
CA MET A 102 -1.10 1.93 11.98
C MET A 102 0.27 2.53 11.68
N THR A 103 1.19 1.67 11.28
CA THR A 103 2.53 2.11 10.94
C THR A 103 2.54 2.77 9.56
N LEU A 104 1.76 2.21 8.65
CA LEU A 104 1.66 2.76 7.31
C LEU A 104 0.89 4.08 7.35
N GLN A 105 -0.03 4.20 8.30
CA GLN A 105 -0.82 5.42 8.45
C GLN A 105 0.08 6.59 8.84
N GLN A 106 1.09 6.30 9.65
CA GLN A 106 2.02 7.33 10.09
C GLN A 106 2.82 7.84 8.90
N ILE A 107 3.20 6.93 8.01
CA ILE A 107 3.95 7.31 6.82
C ILE A 107 3.15 8.30 5.99
N ILE A 108 1.86 8.02 5.85
CA ILE A 108 0.95 8.90 5.11
C ILE A 108 1.06 10.32 5.62
N SER A 109 0.92 10.43 6.92
CA SER A 109 0.99 11.72 7.59
C SER A 109 2.31 12.42 7.31
N ARG A 110 3.33 11.63 6.99
CA ARG A 110 4.65 12.16 6.70
C ARG A 110 4.67 12.81 5.31
N TYR A 111 3.90 12.24 4.40
CA TYR A 111 3.82 12.75 3.04
C TYR A 111 2.98 14.03 3.00
N LYS A 112 2.01 14.10 3.90
CA LYS A 112 1.14 15.26 3.99
C LYS A 112 1.85 16.43 4.63
N ASP A 113 2.73 16.13 5.59
CA ASP A 113 3.49 17.17 6.30
C ASP A 113 4.34 17.97 5.31
N ALA A 114 4.92 17.28 4.34
CA ALA A 114 5.76 17.92 3.34
C ALA A 114 4.97 18.95 2.54
N ASP A 115 3.69 18.66 2.32
CA ASP A 115 2.83 19.56 1.56
C ASP A 115 1.53 19.83 2.31
N PRO A 1 6.80 -6.53 16.88
CA PRO A 1 6.52 -6.64 15.44
C PRO A 1 5.99 -5.32 14.87
N SER A 2 6.90 -4.44 14.48
CA SER A 2 6.53 -3.15 13.91
C SER A 2 7.21 -2.93 12.57
N HIS A 3 6.53 -2.23 11.67
CA HIS A 3 7.07 -1.94 10.35
C HIS A 3 7.34 -3.23 9.58
N SER A 4 6.59 -4.28 9.90
CA SER A 4 6.75 -5.57 9.23
C SER A 4 5.72 -6.57 9.74
N GLY A 5 4.92 -7.10 8.82
CA GLY A 5 3.90 -8.07 9.18
C GLY A 5 3.42 -8.86 7.99
N ALA A 6 2.95 -10.08 8.23
CA ALA A 6 2.46 -10.93 7.15
C ALA A 6 1.22 -10.33 6.50
N ALA A 7 1.16 -10.43 5.17
CA ALA A 7 0.03 -9.91 4.42
C ALA A 7 -0.12 -10.59 3.07
N ILE A 8 -1.36 -10.72 2.61
CA ILE A 8 -1.64 -11.35 1.32
C ILE A 8 -1.80 -10.33 0.22
N PHE A 9 -1.31 -10.68 -0.96
CA PHE A 9 -1.41 -9.82 -2.13
C PHE A 9 -1.61 -10.65 -3.38
N GLU A 10 -2.83 -10.64 -3.90
CA GLU A 10 -3.18 -11.39 -5.10
C GLU A 10 -3.39 -12.87 -4.78
N LYS A 11 -4.20 -13.14 -3.75
CA LYS A 11 -4.51 -14.50 -3.35
C LYS A 11 -3.27 -15.28 -2.91
N VAL A 12 -2.18 -14.58 -2.67
CA VAL A 12 -0.96 -15.21 -2.20
C VAL A 12 -0.51 -14.55 -0.91
N SER A 13 -0.04 -15.34 0.03
CA SER A 13 0.39 -14.79 1.32
C SER A 13 1.90 -14.70 1.42
N GLY A 14 2.35 -13.68 2.13
CA GLY A 14 3.76 -13.46 2.31
C GLY A 14 4.03 -12.45 3.41
N ILE A 15 5.29 -12.16 3.67
CA ILE A 15 5.65 -11.20 4.70
C ILE A 15 5.82 -9.81 4.12
N ILE A 16 5.10 -8.85 4.71
CA ILE A 16 5.14 -7.47 4.27
C ILE A 16 6.02 -6.62 5.18
N ALA A 17 7.02 -5.99 4.59
CA ALA A 17 7.94 -5.14 5.34
C ALA A 17 7.91 -3.71 4.81
N ILE A 18 8.01 -2.75 5.72
CA ILE A 18 7.99 -1.35 5.35
C ILE A 18 9.39 -0.75 5.39
N ASN A 19 9.89 -0.35 4.22
CA ASN A 19 11.22 0.24 4.12
C ASN A 19 11.13 1.76 4.05
N GLU A 20 11.56 2.42 5.12
CA GLU A 20 11.54 3.88 5.19
C GLU A 20 12.95 4.45 5.13
N ASP A 21 13.95 3.57 5.18
CA ASP A 21 15.34 3.98 5.13
C ASP A 21 15.65 4.73 3.83
N VAL A 22 14.80 4.53 2.83
CA VAL A 22 14.99 5.19 1.55
C VAL A 22 14.14 6.44 1.45
N SER A 23 13.93 6.93 0.24
CA SER A 23 13.13 8.12 0.01
C SER A 23 12.77 8.27 -1.47
N PRO A 24 11.49 8.15 -1.82
CA PRO A 24 10.40 7.87 -0.86
C PRO A 24 10.44 6.44 -0.34
N ALA A 25 9.92 6.26 0.88
CA ALA A 25 9.87 4.92 1.49
C ALA A 25 9.17 3.93 0.56
N GLU A 26 9.21 2.66 0.94
CA GLU A 26 8.59 1.62 0.14
C GLU A 26 8.07 0.47 1.01
N LEU A 27 7.15 -0.32 0.44
CA LEU A 27 6.58 -1.45 1.16
C LEU A 27 6.87 -2.75 0.40
N THR A 28 7.72 -3.59 0.98
CA THR A 28 8.10 -4.84 0.37
C THR A 28 7.18 -5.98 0.80
N TRP A 29 6.96 -6.92 -0.13
CA TRP A 29 6.12 -8.07 0.13
C TRP A 29 6.80 -9.35 -0.37
N ARG A 30 7.23 -10.19 0.56
CA ARG A 30 7.88 -11.44 0.19
C ARG A 30 6.91 -12.60 0.37
N SER A 31 6.73 -13.40 -0.68
CA SER A 31 5.83 -14.53 -0.62
C SER A 31 6.25 -15.51 0.46
N THR A 32 5.32 -16.34 0.90
CA THR A 32 5.59 -17.34 1.91
C THR A 32 6.68 -18.28 1.44
N ASP A 33 6.72 -18.50 0.14
CA ASP A 33 7.70 -19.38 -0.47
C ASP A 33 9.08 -18.74 -0.47
N GLY A 34 9.11 -17.43 -0.59
CA GLY A 34 10.37 -16.70 -0.60
C GLY A 34 11.00 -16.68 -1.98
N ASP A 35 10.17 -16.83 -3.00
CA ASP A 35 10.63 -16.82 -4.37
C ASP A 35 10.14 -15.58 -5.11
N LYS A 36 9.08 -14.97 -4.60
CA LYS A 36 8.51 -13.77 -5.21
C LYS A 36 8.49 -12.62 -4.22
N VAL A 37 9.06 -11.49 -4.63
CA VAL A 37 9.11 -10.31 -3.78
C VAL A 37 8.53 -9.10 -4.49
N HIS A 38 7.49 -8.52 -3.90
CA HIS A 38 6.84 -7.34 -4.47
C HIS A 38 7.13 -6.10 -3.66
N THR A 39 7.31 -4.99 -4.36
CA THR A 39 7.61 -3.71 -3.71
C THR A 39 6.57 -2.67 -4.07
N VAL A 40 6.05 -1.97 -3.06
CA VAL A 40 5.03 -0.94 -3.27
C VAL A 40 5.54 0.43 -2.85
N VAL A 41 5.16 1.45 -3.61
CA VAL A 41 5.58 2.82 -3.31
C VAL A 41 4.59 3.48 -2.36
N LEU A 42 5.09 3.92 -1.20
CA LEU A 42 4.25 4.58 -0.20
C LEU A 42 4.09 6.07 -0.49
N SER A 43 4.90 6.59 -1.41
CA SER A 43 4.83 8.00 -1.75
C SER A 43 3.68 8.27 -2.72
N THR A 44 3.30 7.24 -3.47
CA THR A 44 2.22 7.36 -4.43
C THR A 44 0.89 6.91 -3.83
N ILE A 45 0.82 6.89 -2.50
CA ILE A 45 -0.39 6.48 -1.80
C ILE A 45 -1.21 7.69 -1.35
N ASP A 46 -2.23 8.02 -2.13
CA ASP A 46 -3.09 9.16 -1.83
C ASP A 46 -3.85 8.92 -0.52
N LYS A 47 -4.08 7.65 -0.19
CA LYS A 47 -4.80 7.31 1.03
C LYS A 47 -4.76 5.80 1.27
N LEU A 48 -5.06 5.40 2.50
CA LEU A 48 -5.06 3.99 2.86
C LEU A 48 -6.42 3.58 3.43
N GLN A 49 -6.93 2.44 2.98
CA GLN A 49 -8.22 1.94 3.44
C GLN A 49 -8.07 0.59 4.13
N ALA A 50 -8.99 0.30 5.05
CA ALA A 50 -8.96 -0.96 5.78
C ALA A 50 -10.37 -1.51 5.98
N THR A 51 -10.47 -2.81 6.21
CA THR A 51 -11.75 -3.47 6.42
C THR A 51 -12.35 -3.06 7.76
N PRO A 52 -13.69 -2.99 7.84
CA PRO A 52 -14.40 -2.61 9.07
C PRO A 52 -14.28 -3.68 10.16
N ALA A 53 -14.39 -3.25 11.41
CA ALA A 53 -14.30 -4.17 12.54
C ALA A 53 -15.47 -5.16 12.54
N SER A 54 -16.52 -4.84 11.79
CA SER A 54 -17.68 -5.71 11.71
C SER A 54 -17.55 -6.72 10.57
N SER A 55 -16.44 -6.66 9.85
CA SER A 55 -16.19 -7.57 8.74
C SER A 55 -15.13 -8.59 9.12
N GLU A 56 -15.53 -9.85 9.21
CA GLU A 56 -14.60 -10.92 9.54
C GLU A 56 -13.45 -10.99 8.54
N LYS A 57 -13.65 -10.38 7.38
CA LYS A 57 -12.64 -10.37 6.34
C LYS A 57 -11.66 -9.20 6.54
N MET A 58 -10.39 -9.53 6.72
CA MET A 58 -9.36 -8.52 6.94
C MET A 58 -8.65 -8.19 5.63
N MET A 59 -8.86 -6.97 5.14
CA MET A 59 -8.22 -6.54 3.89
C MET A 59 -8.01 -5.03 3.89
N LEU A 60 -6.81 -4.60 3.53
CA LEU A 60 -6.47 -3.18 3.48
C LEU A 60 -6.18 -2.74 2.06
N ARG A 61 -6.97 -1.81 1.55
CA ARG A 61 -6.79 -1.30 0.19
C ARG A 61 -6.12 0.07 0.20
N LEU A 62 -5.03 0.18 -0.54
CA LEU A 62 -4.28 1.44 -0.62
C LEU A 62 -4.45 2.08 -1.99
N ILE A 63 -4.77 3.36 -2.00
CA ILE A 63 -4.95 4.11 -3.24
C ILE A 63 -3.61 4.41 -3.90
N GLY A 64 -3.59 4.40 -5.22
CA GLY A 64 -2.35 4.66 -5.95
C GLY A 64 -2.33 6.05 -6.57
N LYS A 65 -2.98 7.00 -5.92
CA LYS A 65 -3.02 8.38 -6.41
C LYS A 65 -3.43 8.42 -7.88
N VAL A 66 -3.41 9.62 -8.45
CA VAL A 66 -3.77 9.82 -9.86
C VAL A 66 -2.58 10.35 -10.66
N ASP A 67 -2.45 9.88 -11.89
CA ASP A 67 -1.35 10.31 -12.75
C ASP A 67 -1.81 11.42 -13.68
N GLU A 68 -2.63 12.33 -13.16
CA GLU A 68 -3.13 13.45 -13.95
C GLU A 68 -2.55 14.77 -13.45
N SER A 69 -1.29 14.74 -13.06
CA SER A 69 -0.61 15.93 -12.56
C SER A 69 -0.40 16.95 -13.68
N LYS A 70 -0.38 16.46 -14.91
CA LYS A 70 -0.19 17.33 -16.08
C LYS A 70 -1.50 17.98 -16.50
N LYS A 71 -2.61 17.49 -15.97
CA LYS A 71 -3.92 18.03 -16.30
C LYS A 71 -4.25 17.81 -17.77
N ARG A 72 -4.18 16.55 -18.20
CA ARG A 72 -4.47 16.20 -19.59
C ARG A 72 -5.89 16.61 -19.97
N LYS A 73 -6.02 17.24 -21.13
CA LYS A 73 -7.33 17.68 -21.61
C LYS A 73 -8.05 16.57 -22.36
N ASP A 74 -9.35 16.74 -22.56
CA ASP A 74 -10.15 15.75 -23.27
C ASP A 74 -9.96 15.86 -24.78
N ASN A 75 -9.48 17.02 -25.22
CA ASN A 75 -9.24 17.25 -26.65
C ASN A 75 -7.92 16.63 -27.11
N GLU A 76 -7.21 15.99 -26.19
CA GLU A 76 -5.93 15.36 -26.51
C GLU A 76 -6.12 13.88 -26.88
N GLY A 77 -7.19 13.60 -27.61
CA GLY A 77 -7.46 12.23 -28.03
C GLY A 77 -7.83 11.32 -26.87
N ASN A 78 -8.32 11.91 -25.78
CA ASN A 78 -8.71 11.14 -24.61
C ASN A 78 -10.05 11.62 -24.06
N GLU A 79 -10.93 10.67 -23.75
CA GLU A 79 -12.25 11.00 -23.23
C GLU A 79 -12.21 11.17 -21.71
N VAL A 80 -11.63 10.20 -21.02
CA VAL A 80 -11.52 10.26 -19.57
C VAL A 80 -10.06 10.20 -19.13
N VAL A 81 -9.65 11.18 -18.33
CA VAL A 81 -8.28 11.23 -17.84
C VAL A 81 -8.10 10.41 -16.57
N PRO A 82 -9.02 10.53 -15.59
CA PRO A 82 -8.94 9.79 -14.34
C PRO A 82 -8.74 8.30 -14.56
N LYS A 83 -7.79 7.72 -13.83
CA LYS A 83 -7.48 6.30 -13.94
C LYS A 83 -6.50 5.86 -12.85
N PRO A 84 -6.84 6.13 -11.58
CA PRO A 84 -5.99 5.77 -10.45
C PRO A 84 -5.99 4.26 -10.18
N GLN A 85 -4.84 3.74 -9.76
CA GLN A 85 -4.70 2.32 -9.46
C GLN A 85 -4.77 2.08 -7.95
N ARG A 86 -5.55 1.09 -7.55
CA ARG A 86 -5.70 0.76 -6.14
C ARG A 86 -5.14 -0.62 -5.83
N HIS A 87 -4.45 -0.72 -4.70
CA HIS A 87 -3.86 -1.99 -4.27
C HIS A 87 -4.62 -2.57 -3.08
N MET A 88 -5.22 -3.74 -3.28
CA MET A 88 -5.99 -4.38 -2.22
C MET A 88 -5.20 -5.55 -1.62
N PHE A 89 -5.10 -5.56 -0.30
CA PHE A 89 -4.37 -6.62 0.40
C PHE A 89 -5.29 -7.42 1.32
N SER A 90 -4.86 -8.61 1.69
CA SER A 90 -5.63 -9.48 2.57
C SER A 90 -4.80 -9.89 3.78
N PHE A 91 -5.30 -9.60 4.98
CA PHE A 91 -4.58 -9.92 6.20
C PHE A 91 -5.13 -11.18 6.86
N ASN A 92 -4.22 -12.02 7.31
CA ASN A 92 -4.61 -13.26 7.98
C ASN A 92 -4.53 -13.08 9.50
N ASN A 93 -4.35 -11.83 9.94
CA ASN A 93 -4.25 -11.54 11.36
C ASN A 93 -4.70 -10.11 11.66
N ARG A 94 -5.60 -9.97 12.63
CA ARG A 94 -6.11 -8.67 13.03
C ARG A 94 -5.00 -7.80 13.62
N THR A 95 -4.23 -8.40 14.52
CA THR A 95 -3.14 -7.69 15.16
C THR A 95 -2.10 -7.27 14.15
N VAL A 96 -1.83 -8.14 13.19
CA VAL A 96 -0.86 -7.86 12.15
C VAL A 96 -1.38 -6.80 11.19
N MET A 97 -2.69 -6.82 10.98
CA MET A 97 -3.33 -5.86 10.09
C MET A 97 -3.40 -4.48 10.74
N ASP A 98 -3.54 -4.45 12.06
CA ASP A 98 -3.61 -3.20 12.80
C ASP A 98 -2.22 -2.61 13.00
N ASN A 99 -1.22 -3.46 13.02
CA ASN A 99 0.16 -3.02 13.20
C ASN A 99 0.67 -2.33 11.94
N ILE A 100 0.18 -2.79 10.80
CA ILE A 100 0.58 -2.23 9.52
C ILE A 100 -0.27 -1.02 9.16
N LYS A 101 -1.58 -1.13 9.37
CA LYS A 101 -2.50 -0.05 9.06
C LYS A 101 -2.12 1.23 9.80
N MET A 102 -1.81 1.09 11.09
CA MET A 102 -1.44 2.24 11.90
C MET A 102 -0.07 2.77 11.49
N THR A 103 0.81 1.87 11.12
CA THR A 103 2.15 2.24 10.69
C THR A 103 2.10 2.93 9.34
N LEU A 104 1.24 2.42 8.46
CA LEU A 104 1.09 2.98 7.12
C LEU A 104 0.48 4.37 7.21
N GLN A 105 -0.37 4.59 8.20
CA GLN A 105 -1.01 5.89 8.39
C GLN A 105 0.02 6.93 8.81
N GLN A 106 1.01 6.50 9.56
CA GLN A 106 2.06 7.40 10.02
C GLN A 106 2.87 7.92 8.83
N ILE A 107 3.14 7.04 7.88
CA ILE A 107 3.88 7.41 6.69
C ILE A 107 3.15 8.55 5.97
N ILE A 108 1.84 8.40 5.85
CA ILE A 108 1.01 9.40 5.21
C ILE A 108 1.25 10.77 5.83
N SER A 109 1.15 10.79 7.13
CA SER A 109 1.34 12.02 7.91
C SER A 109 2.72 12.63 7.63
N ARG A 110 3.67 11.78 7.26
CA ARG A 110 5.01 12.24 6.98
C ARG A 110 5.08 12.93 5.62
N TYR A 111 4.27 12.45 4.70
CA TYR A 111 4.23 13.02 3.35
C TYR A 111 3.45 14.33 3.36
N LYS A 112 2.48 14.42 4.27
CA LYS A 112 1.65 15.60 4.40
C LYS A 112 2.42 16.73 5.09
N ASP A 113 3.34 16.35 5.98
CA ASP A 113 4.14 17.33 6.72
C ASP A 113 4.94 18.21 5.76
N ALA A 114 5.41 17.60 4.67
CA ALA A 114 6.18 18.33 3.67
C ALA A 114 5.37 19.46 3.06
N ASP A 115 4.06 19.24 2.93
CA ASP A 115 3.17 20.24 2.35
C ASP A 115 2.86 21.34 3.37
N PRO A 1 7.43 -6.67 13.14
CA PRO A 1 6.59 -6.03 14.16
C PRO A 1 6.39 -4.54 13.87
N SER A 2 5.14 -4.11 13.81
CA SER A 2 4.80 -2.72 13.53
C SER A 2 5.17 -2.33 12.10
N HIS A 3 6.46 -2.31 11.81
CA HIS A 3 6.94 -1.96 10.47
C HIS A 3 7.26 -3.22 9.66
N SER A 4 6.56 -4.31 9.97
CA SER A 4 6.77 -5.57 9.27
C SER A 4 5.79 -6.63 9.76
N GLY A 5 4.95 -7.12 8.84
CA GLY A 5 3.98 -8.12 9.19
C GLY A 5 3.53 -8.91 7.97
N ALA A 6 2.96 -10.08 8.20
CA ALA A 6 2.49 -10.92 7.10
C ALA A 6 1.26 -10.33 6.44
N ALA A 7 1.25 -10.37 5.11
CA ALA A 7 0.13 -9.85 4.34
C ALA A 7 -0.01 -10.56 2.99
N ILE A 8 -1.25 -10.73 2.53
CA ILE A 8 -1.50 -11.40 1.26
C ILE A 8 -1.68 -10.38 0.14
N PHE A 9 -1.19 -10.74 -1.03
CA PHE A 9 -1.31 -9.90 -2.21
C PHE A 9 -1.50 -10.75 -3.46
N GLU A 10 -2.72 -10.75 -3.97
CA GLU A 10 -3.07 -11.51 -5.16
C GLU A 10 -3.27 -13.00 -4.83
N LYS A 11 -4.07 -13.27 -3.79
CA LYS A 11 -4.36 -14.63 -3.39
C LYS A 11 -3.12 -15.39 -2.93
N VAL A 12 -2.02 -14.69 -2.72
CA VAL A 12 -0.79 -15.30 -2.25
C VAL A 12 -0.36 -14.62 -0.96
N SER A 13 0.09 -15.40 0.00
CA SER A 13 0.49 -14.85 1.28
C SER A 13 2.01 -14.75 1.40
N GLY A 14 2.45 -13.69 2.08
CA GLY A 14 3.86 -13.46 2.29
C GLY A 14 4.08 -12.42 3.36
N ILE A 15 5.35 -12.11 3.65
CA ILE A 15 5.65 -11.12 4.66
C ILE A 15 5.86 -9.75 4.05
N ILE A 16 5.16 -8.76 4.60
CA ILE A 16 5.22 -7.40 4.13
C ILE A 16 6.12 -6.55 5.03
N ALA A 17 7.16 -5.97 4.43
CA ALA A 17 8.09 -5.13 5.17
C ALA A 17 8.05 -3.69 4.66
N ILE A 18 8.18 -2.74 5.58
CA ILE A 18 8.15 -1.33 5.22
C ILE A 18 9.56 -0.74 5.25
N ASN A 19 10.03 -0.28 4.11
CA ASN A 19 11.36 0.32 4.01
C ASN A 19 11.26 1.84 3.93
N GLU A 20 11.68 2.50 5.00
CA GLU A 20 11.65 3.96 5.06
C GLU A 20 13.06 4.54 4.95
N ASP A 21 14.06 3.67 5.00
CA ASP A 21 15.45 4.09 4.91
C ASP A 21 15.72 4.84 3.61
N VAL A 22 14.86 4.63 2.62
CA VAL A 22 15.01 5.29 1.33
C VAL A 22 14.13 6.53 1.25
N SER A 23 13.90 6.99 0.02
CA SER A 23 13.06 8.16 -0.19
C SER A 23 12.70 8.30 -1.67
N PRO A 24 11.40 8.15 -2.02
CA PRO A 24 10.34 7.87 -1.05
C PRO A 24 10.41 6.45 -0.50
N ALA A 25 9.91 6.25 0.71
CA ALA A 25 9.91 4.94 1.34
C ALA A 25 9.25 3.90 0.43
N GLU A 26 9.34 2.63 0.82
CA GLU A 26 8.77 1.56 0.03
C GLU A 26 8.18 0.45 0.90
N LEU A 27 7.31 -0.36 0.31
CA LEU A 27 6.68 -1.47 1.00
C LEU A 27 6.96 -2.79 0.27
N THR A 28 7.82 -3.61 0.86
CA THR A 28 8.21 -4.87 0.27
C THR A 28 7.28 -6.00 0.70
N TRP A 29 7.06 -6.94 -0.20
CA TRP A 29 6.22 -8.10 0.06
C TRP A 29 6.90 -9.37 -0.43
N ARG A 30 7.32 -10.20 0.50
CA ARG A 30 7.97 -11.45 0.15
C ARG A 30 7.01 -12.62 0.36
N SER A 31 6.82 -13.43 -0.68
CA SER A 31 5.92 -14.56 -0.60
C SER A 31 6.35 -15.54 0.49
N THR A 32 5.42 -16.37 0.92
CA THR A 32 5.69 -17.35 1.95
C THR A 32 6.76 -18.32 1.47
N ASP A 33 6.77 -18.54 0.17
CA ASP A 33 7.73 -19.44 -0.45
C ASP A 33 9.13 -18.83 -0.46
N GLY A 34 9.17 -17.52 -0.59
CA GLY A 34 10.44 -16.82 -0.62
C GLY A 34 11.06 -16.82 -2.00
N ASP A 35 10.22 -16.96 -3.01
CA ASP A 35 10.69 -16.97 -4.39
C ASP A 35 10.23 -15.73 -5.15
N LYS A 36 9.23 -15.03 -4.61
CA LYS A 36 8.70 -13.83 -5.24
C LYS A 36 8.65 -12.68 -4.24
N VAL A 37 9.20 -11.54 -4.66
CA VAL A 37 9.22 -10.36 -3.80
C VAL A 37 8.65 -9.15 -4.53
N HIS A 38 7.59 -8.56 -3.95
CA HIS A 38 6.95 -7.39 -4.55
C HIS A 38 7.24 -6.14 -3.75
N THR A 39 7.43 -5.05 -4.45
CA THR A 39 7.71 -3.75 -3.83
C THR A 39 6.63 -2.74 -4.18
N VAL A 40 6.13 -2.04 -3.17
CA VAL A 40 5.09 -1.03 -3.38
C VAL A 40 5.55 0.35 -2.92
N VAL A 41 5.11 1.38 -3.63
CA VAL A 41 5.47 2.76 -3.28
C VAL A 41 4.43 3.35 -2.35
N LEU A 42 4.88 3.78 -1.17
CA LEU A 42 3.98 4.36 -0.19
C LEU A 42 3.76 5.86 -0.44
N SER A 43 4.55 6.44 -1.34
CA SER A 43 4.42 7.85 -1.67
C SER A 43 3.24 8.08 -2.60
N THR A 44 2.91 7.05 -3.39
CA THR A 44 1.81 7.14 -4.33
C THR A 44 0.47 6.91 -3.62
N ILE A 45 0.52 6.24 -2.48
CA ILE A 45 -0.67 5.95 -1.70
C ILE A 45 -1.35 7.24 -1.24
N ASP A 46 -2.30 7.72 -2.03
CA ASP A 46 -3.02 8.94 -1.70
C ASP A 46 -3.80 8.78 -0.40
N LYS A 47 -4.22 7.56 -0.10
CA LYS A 47 -4.98 7.30 1.11
C LYS A 47 -4.88 5.82 1.51
N LEU A 48 -5.24 5.53 2.76
CA LEU A 48 -5.20 4.17 3.27
C LEU A 48 -6.59 3.71 3.71
N GLN A 49 -7.06 2.63 3.10
CA GLN A 49 -8.38 2.09 3.43
C GLN A 49 -8.25 0.71 4.07
N ALA A 50 -9.15 0.41 5.01
CA ALA A 50 -9.15 -0.88 5.69
C ALA A 50 -10.55 -1.39 5.92
N THR A 51 -10.68 -2.70 6.11
CA THR A 51 -11.98 -3.31 6.36
C THR A 51 -12.52 -2.93 7.74
N PRO A 52 -13.84 -2.71 7.85
CA PRO A 52 -14.46 -2.35 9.13
C PRO A 52 -14.48 -3.50 10.12
N ALA A 53 -14.70 -3.17 11.40
CA ALA A 53 -14.74 -4.18 12.45
C ALA A 53 -15.97 -5.07 12.33
N SER A 54 -16.92 -4.67 11.48
CA SER A 54 -18.14 -5.44 11.27
C SER A 54 -17.97 -6.46 10.15
N SER A 55 -16.79 -6.49 9.54
CA SER A 55 -16.50 -7.41 8.45
C SER A 55 -15.57 -8.52 8.92
N GLU A 56 -16.07 -9.74 8.92
CA GLU A 56 -15.29 -10.89 9.34
C GLU A 56 -14.03 -11.01 8.49
N LYS A 57 -14.04 -10.37 7.33
CA LYS A 57 -12.90 -10.41 6.42
C LYS A 57 -11.94 -9.25 6.70
N MET A 58 -10.75 -9.58 7.19
CA MET A 58 -9.75 -8.56 7.51
C MET A 58 -8.82 -8.34 6.33
N MET A 59 -8.94 -7.18 5.69
CA MET A 59 -8.11 -6.84 4.54
C MET A 59 -7.77 -5.35 4.53
N LEU A 60 -6.62 -5.02 3.97
CA LEU A 60 -6.18 -3.62 3.90
C LEU A 60 -6.10 -3.16 2.44
N ARG A 61 -6.73 -2.02 2.15
CA ARG A 61 -6.73 -1.47 0.81
C ARG A 61 -5.99 -0.15 0.76
N LEU A 62 -5.16 0.03 -0.27
CA LEU A 62 -4.39 1.26 -0.44
C LEU A 62 -4.70 1.90 -1.79
N ILE A 63 -5.00 3.19 -1.75
CA ILE A 63 -5.32 3.94 -2.96
C ILE A 63 -4.13 4.79 -3.40
N GLY A 64 -3.74 4.66 -4.66
CA GLY A 64 -2.63 5.42 -5.18
C GLY A 64 -3.05 6.79 -5.68
N LYS A 65 -2.09 7.56 -6.18
CA LYS A 65 -2.36 8.89 -6.70
C LYS A 65 -3.20 8.84 -7.97
N VAL A 66 -3.80 9.96 -8.33
CA VAL A 66 -4.63 10.05 -9.51
C VAL A 66 -3.85 10.61 -10.70
N ASP A 67 -2.64 10.10 -10.90
CA ASP A 67 -1.79 10.54 -11.99
C ASP A 67 -2.28 9.99 -13.32
N GLU A 68 -2.71 10.89 -14.21
CA GLU A 68 -3.20 10.49 -15.53
C GLU A 68 -2.24 10.94 -16.62
N SER A 69 -0.95 10.86 -16.33
CA SER A 69 0.07 11.25 -17.30
C SER A 69 0.00 10.39 -18.55
N LYS A 70 -0.49 9.18 -18.39
CA LYS A 70 -0.62 8.24 -19.50
C LYS A 70 -1.55 8.79 -20.58
N LYS A 71 -2.61 9.47 -20.14
CA LYS A 71 -3.57 10.05 -21.06
C LYS A 71 -3.40 11.57 -21.16
N ARG A 72 -3.57 12.10 -22.37
CA ARG A 72 -3.43 13.53 -22.60
C ARG A 72 -4.57 14.30 -21.94
N LYS A 73 -4.23 15.34 -21.19
CA LYS A 73 -5.23 16.15 -20.50
C LYS A 73 -5.74 17.26 -21.42
N ASP A 74 -6.89 17.82 -21.07
CA ASP A 74 -7.49 18.89 -21.86
C ASP A 74 -6.60 20.12 -21.89
N ASN A 75 -6.68 20.91 -20.83
CA ASN A 75 -5.88 22.13 -20.71
C ASN A 75 -6.25 22.91 -19.45
N GLU A 76 -7.53 22.86 -19.10
CA GLU A 76 -8.03 23.55 -17.92
C GLU A 76 -8.63 22.57 -16.92
N GLY A 77 -8.00 21.41 -16.79
CA GLY A 77 -8.49 20.40 -15.86
C GLY A 77 -9.94 20.03 -16.09
N ASN A 78 -10.36 20.10 -17.35
CA ASN A 78 -11.74 19.77 -17.70
C ASN A 78 -11.81 18.39 -18.35
N GLU A 79 -12.94 17.71 -18.16
CA GLU A 79 -13.14 16.38 -18.72
C GLU A 79 -12.06 15.41 -18.26
N VAL A 80 -11.55 15.63 -17.05
CA VAL A 80 -10.51 14.79 -16.48
C VAL A 80 -11.01 13.37 -16.28
N VAL A 81 -10.11 12.40 -16.45
CA VAL A 81 -10.46 11.00 -16.28
C VAL A 81 -9.70 10.37 -15.12
N PRO A 82 -10.26 10.46 -13.90
CA PRO A 82 -9.62 9.90 -12.70
C PRO A 82 -9.53 8.37 -12.74
N LYS A 83 -8.37 7.84 -12.38
CA LYS A 83 -8.16 6.40 -12.38
C LYS A 83 -6.88 6.05 -11.61
N PRO A 84 -6.82 6.40 -10.32
CA PRO A 84 -5.65 6.12 -9.48
C PRO A 84 -5.46 4.63 -9.24
N GLN A 85 -4.20 4.19 -9.22
CA GLN A 85 -3.89 2.78 -8.99
C GLN A 85 -3.94 2.44 -7.50
N ARG A 86 -4.71 1.41 -7.18
CA ARG A 86 -4.84 0.98 -5.78
C ARG A 86 -4.51 -0.50 -5.64
N HIS A 87 -3.99 -0.87 -4.48
CA HIS A 87 -3.64 -2.26 -4.20
C HIS A 87 -4.48 -2.82 -3.06
N MET A 88 -5.15 -3.93 -3.32
CA MET A 88 -5.99 -4.57 -2.31
C MET A 88 -5.22 -5.68 -1.59
N PHE A 89 -4.93 -5.45 -0.32
CA PHE A 89 -4.18 -6.42 0.47
C PHE A 89 -5.11 -7.15 1.44
N SER A 90 -4.80 -8.42 1.70
CA SER A 90 -5.59 -9.24 2.60
C SER A 90 -4.74 -9.73 3.76
N PHE A 91 -5.26 -9.65 4.98
CA PHE A 91 -4.52 -10.07 6.15
C PHE A 91 -5.14 -11.31 6.80
N ASN A 92 -4.30 -12.06 7.49
CA ASN A 92 -4.73 -13.26 8.19
C ASN A 92 -4.70 -13.02 9.69
N ASN A 93 -4.46 -11.77 10.10
CA ASN A 93 -4.41 -11.43 11.52
C ASN A 93 -4.78 -9.98 11.74
N ARG A 94 -5.79 -9.75 12.57
CA ARG A 94 -6.25 -8.40 12.88
C ARG A 94 -5.13 -7.58 13.50
N THR A 95 -4.35 -8.21 14.37
CA THR A 95 -3.25 -7.55 15.03
C THR A 95 -2.18 -7.14 14.03
N VAL A 96 -1.89 -8.04 13.11
CA VAL A 96 -0.88 -7.79 12.08
C VAL A 96 -1.39 -6.76 11.09
N MET A 97 -2.69 -6.78 10.85
CA MET A 97 -3.31 -5.85 9.92
C MET A 97 -3.43 -4.46 10.55
N ASP A 98 -3.58 -4.43 11.88
CA ASP A 98 -3.70 -3.16 12.60
C ASP A 98 -2.34 -2.52 12.79
N ASN A 99 -1.30 -3.36 12.83
CA ASN A 99 0.06 -2.88 13.02
C ASN A 99 0.57 -2.24 11.73
N ILE A 100 0.10 -2.76 10.60
CA ILE A 100 0.50 -2.24 9.30
C ILE A 100 -0.34 -1.03 8.91
N LYS A 101 -1.64 -1.13 9.14
CA LYS A 101 -2.57 -0.04 8.82
C LYS A 101 -2.20 1.23 9.59
N MET A 102 -1.67 1.04 10.80
CA MET A 102 -1.28 2.15 11.64
C MET A 102 0.07 2.73 11.23
N THR A 103 1.02 1.84 11.00
CA THR A 103 2.37 2.25 10.60
C THR A 103 2.31 2.94 9.24
N LEU A 104 1.52 2.39 8.32
CA LEU A 104 1.38 2.97 7.00
C LEU A 104 0.72 4.34 7.07
N GLN A 105 -0.18 4.50 8.03
CA GLN A 105 -0.88 5.77 8.20
C GLN A 105 0.08 6.85 8.66
N GLN A 106 1.09 6.44 9.42
CA GLN A 106 2.08 7.38 9.93
C GLN A 106 2.88 7.97 8.76
N ILE A 107 3.23 7.12 7.80
CA ILE A 107 3.97 7.57 6.63
C ILE A 107 3.20 8.68 5.94
N ILE A 108 1.90 8.46 5.77
CA ILE A 108 1.03 9.45 5.14
C ILE A 108 1.20 10.80 5.79
N SER A 109 1.07 10.79 7.10
CA SER A 109 1.20 12.01 7.90
C SER A 109 2.57 12.65 7.69
N ARG A 110 3.57 11.82 7.43
CA ARG A 110 4.92 12.30 7.21
C ARG A 110 5.05 12.98 5.85
N TYR A 111 4.29 12.47 4.88
CA TYR A 111 4.31 13.03 3.54
C TYR A 111 3.56 14.35 3.49
N LYS A 112 2.58 14.48 4.37
CA LYS A 112 1.79 15.70 4.45
C LYS A 112 2.57 16.82 5.10
N ASP A 113 3.36 16.47 6.13
CA ASP A 113 4.17 17.45 6.84
C ASP A 113 5.14 18.14 5.89
N ALA A 114 5.68 17.39 4.93
CA ALA A 114 6.62 17.93 3.96
C ALA A 114 5.98 19.04 3.14
N ASP A 115 4.68 18.92 2.89
CA ASP A 115 3.94 19.91 2.12
C ASP A 115 2.62 20.26 2.79
#